data_1NN7
# 
_entry.id   1NN7 
# 
_audit_conform.dict_name       mmcif_pdbx.dic 
_audit_conform.dict_version    5.376 
_audit_conform.dict_location   http://mmcif.pdb.org/dictionaries/ascii/mmcif_pdbx.dic 
# 
loop_
_database_2.database_id 
_database_2.database_code 
_database_2.pdbx_database_accession 
_database_2.pdbx_DOI 
PDB   1NN7         pdb_00001nn7 10.2210/pdb1nn7/pdb 
RCSB  RCSB018027   ?            ?                   
WWPDB D_1000018027 ?            ?                   
# 
loop_
_pdbx_database_related.db_name 
_pdbx_database_related.db_id 
_pdbx_database_related.details 
_pdbx_database_related.content_type 
PDB 1A68 'Crystal Structure Of The Tetramerization Domain Of The Shaker Potassium Channel'     unspecified 
PDB 3KVT 'Tetramerization Domain From Akv3.1 (Shaw-Subfamily) Voltage-Gated Potassium Channel' unspecified 
# 
_pdbx_database_status.status_code                     REL 
_pdbx_database_status.entry_id                        1NN7 
_pdbx_database_status.recvd_initial_deposition_date   2003-01-13 
_pdbx_database_status.deposit_site                    RCSB 
_pdbx_database_status.process_site                    RCSB 
_pdbx_database_status.status_code_sf                  REL 
_pdbx_database_status.SG_entry                        . 
_pdbx_database_status.pdb_format_compatible           Y 
_pdbx_database_status.status_code_mr                  ? 
_pdbx_database_status.status_code_cs                  ? 
_pdbx_database_status.methods_development_category    ? 
_pdbx_database_status.status_code_nmr_data            ? 
# 
loop_
_audit_author.name 
_audit_author.pdbx_ordinal 
'Zhou, W.' 1 
'Choe, S.' 2 
# 
_citation.id                        primary 
_citation.title                     
;Determining the basis of channel-tetramerization specificity by x-ray crystallography and  
a sequence-comparison algorithm: Family values (FamVal)
;
_citation.journal_abbrev            Proc.Natl.Acad.Sci.USA 
_citation.journal_volume            100 
_citation.page_first                8670 
_citation.page_last                 8675 
_citation.year                      2003 
_citation.journal_id_ASTM           PNASA6 
_citation.country                   US 
_citation.journal_id_ISSN           0027-8424 
_citation.journal_id_CSD            0040 
_citation.book_publisher            ? 
_citation.pdbx_database_id_PubMed   12835418 
_citation.pdbx_database_id_DOI      10.1073/pnas.1432840100 
# 
loop_
_citation_author.citation_id 
_citation_author.name 
_citation_author.ordinal 
_citation_author.identifier_ORCID 
primary 'Nanao, M.H.'      1 ? 
primary 'Zhou, W.'         2 ? 
primary 'Pfaffinger, P.J.' 3 ? 
primary 'Choe, S.'         4 ? 
# 
_cell.entry_id           1NN7 
_cell.length_a           59.999 
_cell.length_b           59.999 
_cell.length_c           61.593 
_cell.angle_alpha        90.00 
_cell.angle_beta         90.00 
_cell.angle_gamma        90.00 
_cell.Z_PDB              8 
_cell.pdbx_unique_axis   ? 
# 
_symmetry.entry_id                         1NN7 
_symmetry.space_group_name_H-M             'P 4 21 2' 
_symmetry.pdbx_full_space_group_name_H-M   ? 
_symmetry.cell_setting                     ? 
_symmetry.Int_Tables_number                90 
# 
loop_
_entity.id 
_entity.type 
_entity.src_method 
_entity.pdbx_description 
_entity.formula_weight 
_entity.pdbx_number_of_molecules 
_entity.pdbx_ec 
_entity.pdbx_mutation 
_entity.pdbx_fragment 
_entity.details 
1 polymer     man 'potassium channel Kv4.2' 12785.146 1  ? ? 'N-terminal domain (residues 42-146), tetramerization domain' ? 
2 non-polymer syn 'ZINC ION'                65.409    1  ? ? ?                                                             ? 
3 water       nat water                     18.015    57 ? ? ?                                                             ? 
# 
_entity_name_com.entity_id   1 
_entity_name_com.name        'Shal Voltage-Gated Potassium Channel' 
# 
_entity_poly.entity_id                      1 
_entity_poly.type                           'polypeptide(L)' 
_entity_poly.nstd_linkage                   no 
_entity_poly.nstd_monomer                   no 
_entity_poly.pdbx_seq_one_letter_code       
;LIVLNVSGTRFQTWQDTLERYPDTLLGSSERDFFYHPETQQYFFDRDPDIFRHILNFYRTGKLHYPRHECISAYDEELAF
FGLIPEIIGDCCYEEYKDRRRENAE
;
_entity_poly.pdbx_seq_one_letter_code_can   
;LIVLNVSGTRFQTWQDTLERYPDTLLGSSERDFFYHPETQQYFFDRDPDIFRHILNFYRTGKLHYPRHECISAYDEELAF
FGLIPEIIGDCCYEEYKDRRRENAE
;
_entity_poly.pdbx_strand_id                 A 
_entity_poly.pdbx_target_identifier         ? 
# 
loop_
_entity_poly_seq.entity_id 
_entity_poly_seq.num 
_entity_poly_seq.mon_id 
_entity_poly_seq.hetero 
1 1   LEU n 
1 2   ILE n 
1 3   VAL n 
1 4   LEU n 
1 5   ASN n 
1 6   VAL n 
1 7   SER n 
1 8   GLY n 
1 9   THR n 
1 10  ARG n 
1 11  PHE n 
1 12  GLN n 
1 13  THR n 
1 14  TRP n 
1 15  GLN n 
1 16  ASP n 
1 17  THR n 
1 18  LEU n 
1 19  GLU n 
1 20  ARG n 
1 21  TYR n 
1 22  PRO n 
1 23  ASP n 
1 24  THR n 
1 25  LEU n 
1 26  LEU n 
1 27  GLY n 
1 28  SER n 
1 29  SER n 
1 30  GLU n 
1 31  ARG n 
1 32  ASP n 
1 33  PHE n 
1 34  PHE n 
1 35  TYR n 
1 36  HIS n 
1 37  PRO n 
1 38  GLU n 
1 39  THR n 
1 40  GLN n 
1 41  GLN n 
1 42  TYR n 
1 43  PHE n 
1 44  PHE n 
1 45  ASP n 
1 46  ARG n 
1 47  ASP n 
1 48  PRO n 
1 49  ASP n 
1 50  ILE n 
1 51  PHE n 
1 52  ARG n 
1 53  HIS n 
1 54  ILE n 
1 55  LEU n 
1 56  ASN n 
1 57  PHE n 
1 58  TYR n 
1 59  ARG n 
1 60  THR n 
1 61  GLY n 
1 62  LYS n 
1 63  LEU n 
1 64  HIS n 
1 65  TYR n 
1 66  PRO n 
1 67  ARG n 
1 68  HIS n 
1 69  GLU n 
1 70  CYS n 
1 71  ILE n 
1 72  SER n 
1 73  ALA n 
1 74  TYR n 
1 75  ASP n 
1 76  GLU n 
1 77  GLU n 
1 78  LEU n 
1 79  ALA n 
1 80  PHE n 
1 81  PHE n 
1 82  GLY n 
1 83  LEU n 
1 84  ILE n 
1 85  PRO n 
1 86  GLU n 
1 87  ILE n 
1 88  ILE n 
1 89  GLY n 
1 90  ASP n 
1 91  CYS n 
1 92  CYS n 
1 93  TYR n 
1 94  GLU n 
1 95  GLU n 
1 96  TYR n 
1 97  LYS n 
1 98  ASP n 
1 99  ARG n 
1 100 ARG n 
1 101 ARG n 
1 102 GLU n 
1 103 ASN n 
1 104 ALA n 
1 105 GLU n 
# 
_entity_src_gen.entity_id                          1 
_entity_src_gen.pdbx_src_id                        1 
_entity_src_gen.pdbx_alt_source_flag               sample 
_entity_src_gen.pdbx_seq_type                      ? 
_entity_src_gen.pdbx_beg_seq_num                   ? 
_entity_src_gen.pdbx_end_seq_num                   ? 
_entity_src_gen.gene_src_common_name               'Norway rat' 
_entity_src_gen.gene_src_genus                     Rattus 
_entity_src_gen.pdbx_gene_src_gene                 Kcnd2 
_entity_src_gen.gene_src_species                   ? 
_entity_src_gen.gene_src_strain                    ? 
_entity_src_gen.gene_src_tissue                    ? 
_entity_src_gen.gene_src_tissue_fraction           ? 
_entity_src_gen.gene_src_details                   ? 
_entity_src_gen.pdbx_gene_src_fragment             ? 
_entity_src_gen.pdbx_gene_src_scientific_name      'Rattus norvegicus' 
_entity_src_gen.pdbx_gene_src_ncbi_taxonomy_id     10116 
_entity_src_gen.pdbx_gene_src_variant              ? 
_entity_src_gen.pdbx_gene_src_cell_line            ? 
_entity_src_gen.pdbx_gene_src_atcc                 ? 
_entity_src_gen.pdbx_gene_src_organ                ? 
_entity_src_gen.pdbx_gene_src_organelle            ? 
_entity_src_gen.pdbx_gene_src_cell                 ? 
_entity_src_gen.pdbx_gene_src_cellular_location    ? 
_entity_src_gen.host_org_common_name               ? 
_entity_src_gen.pdbx_host_org_scientific_name      'Escherichia coli BL21' 
_entity_src_gen.pdbx_host_org_ncbi_taxonomy_id     511693 
_entity_src_gen.host_org_genus                     Escherichia 
_entity_src_gen.pdbx_host_org_gene                 ? 
_entity_src_gen.pdbx_host_org_organ                ? 
_entity_src_gen.host_org_species                   'Escherichia coli' 
_entity_src_gen.pdbx_host_org_tissue               ? 
_entity_src_gen.pdbx_host_org_tissue_fraction      ? 
_entity_src_gen.pdbx_host_org_strain               BL21 
_entity_src_gen.pdbx_host_org_variant              ? 
_entity_src_gen.pdbx_host_org_cell_line            ? 
_entity_src_gen.pdbx_host_org_atcc                 ? 
_entity_src_gen.pdbx_host_org_culture_collection   ? 
_entity_src_gen.pdbx_host_org_cell                 ? 
_entity_src_gen.pdbx_host_org_organelle            ? 
_entity_src_gen.pdbx_host_org_cellular_location    ? 
_entity_src_gen.pdbx_host_org_vector_type          PLASMID 
_entity_src_gen.pdbx_host_org_vector               ? 
_entity_src_gen.host_org_details                   ? 
_entity_src_gen.expression_system_id               ? 
_entity_src_gen.plasmid_name                       'pHIS8(modified pET28)' 
_entity_src_gen.plasmid_details                    ? 
_entity_src_gen.pdbx_description                   ? 
# 
_struct_ref.id                         1 
_struct_ref.db_name                    UNP 
_struct_ref.db_code                    KCND2_RAT 
_struct_ref.entity_id                  1 
_struct_ref.pdbx_seq_one_letter_code   
;LIVLNVSGTRFQTWQDTLERYPDTLLGSSERDFFYHPETQQYFFDRDPDIFRHILNFYRTGKLHYPRHECISAYDEELAF
FGLIPEIIGDCCYEEYKDRRRENAE
;
_struct_ref.pdbx_align_begin           42 
_struct_ref.pdbx_db_accession          Q63881 
_struct_ref.pdbx_db_isoform            ? 
# 
_struct_ref_seq.align_id                      1 
_struct_ref_seq.ref_id                        1 
_struct_ref_seq.pdbx_PDB_id_code              1NN7 
_struct_ref_seq.pdbx_strand_id                A 
_struct_ref_seq.seq_align_beg                 1 
_struct_ref_seq.pdbx_seq_align_beg_ins_code   ? 
_struct_ref_seq.seq_align_end                 105 
_struct_ref_seq.pdbx_seq_align_end_ins_code   ? 
_struct_ref_seq.pdbx_db_accession             Q63881 
_struct_ref_seq.db_align_beg                  42 
_struct_ref_seq.pdbx_db_align_beg_ins_code    ? 
_struct_ref_seq.db_align_end                  146 
_struct_ref_seq.pdbx_db_align_end_ins_code    ? 
_struct_ref_seq.pdbx_auth_seq_align_beg       42 
_struct_ref_seq.pdbx_auth_seq_align_end       146 
# 
loop_
_chem_comp.id 
_chem_comp.type 
_chem_comp.mon_nstd_flag 
_chem_comp.name 
_chem_comp.pdbx_synonyms 
_chem_comp.formula 
_chem_comp.formula_weight 
ALA 'L-peptide linking' y ALANINE         ? 'C3 H7 N O2'     89.093  
ARG 'L-peptide linking' y ARGININE        ? 'C6 H15 N4 O2 1' 175.209 
ASN 'L-peptide linking' y ASPARAGINE      ? 'C4 H8 N2 O3'    132.118 
ASP 'L-peptide linking' y 'ASPARTIC ACID' ? 'C4 H7 N O4'     133.103 
CYS 'L-peptide linking' y CYSTEINE        ? 'C3 H7 N O2 S'   121.158 
GLN 'L-peptide linking' y GLUTAMINE       ? 'C5 H10 N2 O3'   146.144 
GLU 'L-peptide linking' y 'GLUTAMIC ACID' ? 'C5 H9 N O4'     147.129 
GLY 'peptide linking'   y GLYCINE         ? 'C2 H5 N O2'     75.067  
HIS 'L-peptide linking' y HISTIDINE       ? 'C6 H10 N3 O2 1' 156.162 
HOH non-polymer         . WATER           ? 'H2 O'           18.015  
ILE 'L-peptide linking' y ISOLEUCINE      ? 'C6 H13 N O2'    131.173 
LEU 'L-peptide linking' y LEUCINE         ? 'C6 H13 N O2'    131.173 
LYS 'L-peptide linking' y LYSINE          ? 'C6 H15 N2 O2 1' 147.195 
PHE 'L-peptide linking' y PHENYLALANINE   ? 'C9 H11 N O2'    165.189 
PRO 'L-peptide linking' y PROLINE         ? 'C5 H9 N O2'     115.130 
SER 'L-peptide linking' y SERINE          ? 'C3 H7 N O3'     105.093 
THR 'L-peptide linking' y THREONINE       ? 'C4 H9 N O3'     119.119 
TRP 'L-peptide linking' y TRYPTOPHAN      ? 'C11 H12 N2 O2'  204.225 
TYR 'L-peptide linking' y TYROSINE        ? 'C9 H11 N O3'    181.189 
VAL 'L-peptide linking' y VALINE          ? 'C5 H11 N O2'    117.146 
ZN  non-polymer         . 'ZINC ION'      ? 'Zn 2'           65.409  
# 
_exptl.entry_id          1NN7 
_exptl.method            'X-RAY DIFFRACTION' 
_exptl.crystals_number   1 
# 
_exptl_crystal.id                    1 
_exptl_crystal.density_meas          ? 
_exptl_crystal.density_Matthews      2.17 
_exptl_crystal.density_percent_sol   43.24 
_exptl_crystal.description           ? 
# 
_exptl_crystal_grow.crystal_id      1 
_exptl_crystal_grow.method          'VAPOR DIFFUSION, HANGING DROP' 
_exptl_crystal_grow.temp            296 
_exptl_crystal_grow.temp_details    ? 
_exptl_crystal_grow.pH              8.5 
_exptl_crystal_grow.pdbx_details    'PEG 4000, Magnesium chloride, tris, pH 8.5, VAPOR DIFFUSION, HANGING DROP, temperature 296K' 
_exptl_crystal_grow.pdbx_pH_range   . 
# 
_diffrn.id                     1 
_diffrn.ambient_temp           100 
_diffrn.ambient_temp_details   ? 
_diffrn.crystal_id             1 
# 
_diffrn_detector.diffrn_id              1 
_diffrn_detector.detector               'IMAGE PLATE' 
_diffrn_detector.type                   MACSCIENCE 
_diffrn_detector.pdbx_collection_date   2000-08-19 
_diffrn_detector.details                ? 
# 
_diffrn_radiation.diffrn_id                        1 
_diffrn_radiation.wavelength_id                    1 
_diffrn_radiation.pdbx_monochromatic_or_laue_m_l   M 
_diffrn_radiation.monochromator                    double-mirror 
_diffrn_radiation.pdbx_diffrn_protocol             'SINGLE WAVELENGTH' 
_diffrn_radiation.pdbx_scattering_type             x-ray 
# 
_diffrn_radiation_wavelength.id           1 
_diffrn_radiation_wavelength.wavelength   1.5418 
_diffrn_radiation_wavelength.wt           1.0 
# 
_diffrn_source.diffrn_id                   1 
_diffrn_source.source                      'ROTATING ANODE' 
_diffrn_source.type                        'MACSCIENCE M18X' 
_diffrn_source.pdbx_synchrotron_site       ? 
_diffrn_source.pdbx_synchrotron_beamline   ? 
_diffrn_source.pdbx_wavelength             ? 
_diffrn_source.pdbx_wavelength_list        1.5418 
# 
_reflns.entry_id                     1NN7 
_reflns.observed_criterion_sigma_F   ? 
_reflns.observed_criterion_sigma_I   ? 
_reflns.d_resolution_high            2.1 
_reflns.d_resolution_low             99 
_reflns.number_all                   7071 
_reflns.number_obs                   7033 
_reflns.percent_possible_obs         99.46 
_reflns.pdbx_Rmerge_I_obs            ? 
_reflns.pdbx_Rsym_value              0.055 
_reflns.pdbx_netI_over_sigmaI        41.54 
_reflns.B_iso_Wilson_estimate        38.2 
_reflns.pdbx_redundancy              8.74 
_reflns.R_free_details               ? 
_reflns.limit_h_max                  ? 
_reflns.limit_h_min                  ? 
_reflns.limit_k_max                  ? 
_reflns.limit_k_min                  ? 
_reflns.limit_l_max                  ? 
_reflns.limit_l_min                  ? 
_reflns.observed_criterion_F_max     ? 
_reflns.observed_criterion_F_min     ? 
_reflns.pdbx_ordinal                 1 
_reflns.pdbx_diffrn_id               1 
# 
_reflns_shell.d_res_high             2.1 
_reflns_shell.d_res_low              2.18 
_reflns_shell.percent_possible_all   97 
_reflns_shell.Rmerge_I_obs           ? 
_reflns_shell.pdbx_Rsym_value        0.216 
_reflns_shell.meanI_over_sigI_obs    7.55 
_reflns_shell.pdbx_redundancy        8.3 
_reflns_shell.percent_possible_obs   ? 
_reflns_shell.number_unique_all      658 
_reflns_shell.pdbx_ordinal           1 
_reflns_shell.pdbx_diffrn_id         1 
# 
_refine.entry_id                                 1NN7 
_refine.ls_d_res_high                            2.1 
_refine.ls_d_res_low                             27.4 
_refine.pdbx_ls_sigma_F                          0 
_refine.pdbx_ls_sigma_I                          ? 
_refine.ls_number_reflns_all                     6851 
_refine.ls_number_reflns_obs                     6851 
_refine.ls_number_reflns_R_free                  753 
_refine.ls_percent_reflns_obs                    100 
_refine.ls_R_factor_all                          ? 
_refine.ls_R_factor_obs                          ? 
_refine.ls_R_factor_R_work                       0.23 
_refine.ls_R_factor_R_free                       0.277 
_refine.ls_redundancy_reflns_obs                 ? 
_refine.pdbx_data_cutoff_high_absF               ? 
_refine.pdbx_data_cutoff_low_absF                ? 
_refine.ls_number_parameters                     ? 
_refine.ls_number_restraints                     ? 
_refine.ls_percent_reflns_R_free                 ? 
_refine.ls_R_factor_R_free_error                 ? 
_refine.ls_R_factor_R_free_error_details         ? 
_refine.pdbx_method_to_determine_struct          'MOLECULAR REPLACEMENT' 
_refine.pdbx_starting_model                      'poly-serine model of PDB entry 3KVT' 
_refine.pdbx_ls_cross_valid_method               THROUGHOUT 
_refine.pdbx_R_Free_selection_details            RANDOM 
_refine.pdbx_stereochem_target_val_spec_case     ? 
_refine.pdbx_stereochemistry_target_values       'Engh & Huber' 
_refine.solvent_model_details                    ? 
_refine.solvent_model_param_bsol                 ? 
_refine.solvent_model_param_ksol                 ? 
_refine.occupancy_max                            ? 
_refine.occupancy_min                            ? 
_refine.pdbx_isotropic_thermal_model             Isotropic 
_refine.B_iso_mean                               29.2 
_refine.aniso_B[1][1]                            0.644 
_refine.aniso_B[1][2]                            0.00 
_refine.aniso_B[1][3]                            0.00 
_refine.aniso_B[2][2]                            0.644 
_refine.aniso_B[2][3]                            0.00 
_refine.aniso_B[3][3]                            -1.289 
_refine.details                                  ? 
_refine.B_iso_min                                ? 
_refine.B_iso_max                                ? 
_refine.correlation_coeff_Fo_to_Fc               ? 
_refine.correlation_coeff_Fo_to_Fc_free          ? 
_refine.pdbx_solvent_vdw_probe_radii             ? 
_refine.pdbx_solvent_ion_probe_radii             ? 
_refine.pdbx_solvent_shrinkage_radii             ? 
_refine.overall_SU_R_Cruickshank_DPI             ? 
_refine.overall_SU_R_free                        ? 
_refine.overall_SU_B                             ? 
_refine.overall_SU_ML                            ? 
_refine.pdbx_overall_ESU_R                       ? 
_refine.pdbx_overall_ESU_R_Free                  ? 
_refine.pdbx_data_cutoff_high_rms_absF           ? 
_refine.pdbx_refine_id                           'X-RAY DIFFRACTION' 
_refine.pdbx_diffrn_id                           1 
_refine.pdbx_TLS_residual_ADP_flag               ? 
_refine.pdbx_overall_phase_error                 ? 
_refine.pdbx_overall_SU_R_free_Cruickshank_DPI   ? 
_refine.pdbx_overall_SU_R_Blow_DPI               ? 
_refine.pdbx_overall_SU_R_free_Blow_DPI          ? 
# 
_refine_analyze.entry_id                        1NN7 
_refine_analyze.Luzzati_coordinate_error_obs    0.273 
_refine_analyze.Luzzati_sigma_a_obs             0.1925 
_refine_analyze.Luzzati_d_res_low_obs           ? 
_refine_analyze.Luzzati_coordinate_error_free   0.351 
_refine_analyze.Luzzati_sigma_a_free            0.2618 
_refine_analyze.Luzzati_d_res_low_free          ? 
_refine_analyze.number_disordered_residues      ? 
_refine_analyze.occupancy_sum_non_hydrogen      ? 
_refine_analyze.occupancy_sum_hydrogen          ? 
_refine_analyze.pdbx_Luzzati_d_res_high_obs     ? 
_refine_analyze.pdbx_refine_id                  'X-RAY DIFFRACTION' 
# 
_refine_hist.pdbx_refine_id                   'X-RAY DIFFRACTION' 
_refine_hist.cycle_id                         LAST 
_refine_hist.pdbx_number_atoms_protein        887 
_refine_hist.pdbx_number_atoms_nucleic_acid   0 
_refine_hist.pdbx_number_atoms_ligand         1 
_refine_hist.number_atoms_solvent             57 
_refine_hist.number_atoms_total               945 
_refine_hist.d_res_high                       2.1 
_refine_hist.d_res_low                        27.4 
# 
loop_
_refine_ls_restr.type 
_refine_ls_restr.dev_ideal 
_refine_ls_restr.dev_ideal_target 
_refine_ls_restr.weight 
_refine_ls_restr.number 
_refine_ls_restr.pdbx_refine_id 
_refine_ls_restr.pdbx_restraint_function 
c_angle_deg  1.22594  ? ? ? 'X-RAY DIFFRACTION' ? 
c_bond_d     0.005727 ? ? ? 'X-RAY DIFFRACTION' ? 
c_mcbond_it  1.319    ? ? ? 'X-RAY DIFFRACTION' ? 
c_mcangle_it 2.113    ? ? ? 'X-RAY DIFFRACTION' ? 
# 
_refine_ls_shell.pdbx_total_number_of_bins_used   ? 
_refine_ls_shell.d_res_high                       2.10 
_refine_ls_shell.d_res_low                        2.15 
_refine_ls_shell.number_reflns_R_work             ? 
_refine_ls_shell.R_factor_R_work                  0.2598 
_refine_ls_shell.percent_reflns_obs               100 
_refine_ls_shell.R_factor_R_free                  0.3548 
_refine_ls_shell.R_factor_R_free_error            ? 
_refine_ls_shell.percent_reflns_R_free            ? 
_refine_ls_shell.number_reflns_R_free             43 
_refine_ls_shell.number_reflns_obs                426 
_refine_ls_shell.redundancy_reflns_obs            ? 
_refine_ls_shell.number_reflns_all                ? 
_refine_ls_shell.pdbx_refine_id                   'X-RAY DIFFRACTION' 
_refine_ls_shell.R_factor_all                     ? 
# 
_struct.entry_id                  1NN7 
_struct.title                     'Crystal Structure Of The Tetramerization Domain Of The Shal Voltage-Gated Potassium Channel' 
_struct.pdbx_model_details        ? 
_struct.pdbx_CASP_flag            ? 
_struct.pdbx_model_type_details   ? 
# 
_struct_keywords.entry_id        1NN7 
_struct_keywords.pdbx_keywords   'MEMBRANE PROTEIN' 
_struct_keywords.text            'T1, teteramerization domain, voltage gated potassium channel, Kv4.2, shal, MEMBRANE PROTEIN' 
# 
loop_
_struct_asym.id 
_struct_asym.pdbx_blank_PDB_chainid_flag 
_struct_asym.pdbx_modified 
_struct_asym.entity_id 
_struct_asym.details 
A N N 1 ? 
B N N 2 ? 
C N N 3 ? 
# 
_struct_biol.id                    1 
_struct_biol.details               
;The biological assembly is a tetramer genereated from the monomer in the asymmetric unit by the operations: y-1/2,-x+3/2,z, 1-x,2-y,z and 3/2-y,1/2+x,z
;
_struct_biol.pdbx_parent_biol_id   ? 
# 
loop_
_struct_conf.conf_type_id 
_struct_conf.id 
_struct_conf.pdbx_PDB_helix_id 
_struct_conf.beg_label_comp_id 
_struct_conf.beg_label_asym_id 
_struct_conf.beg_label_seq_id 
_struct_conf.pdbx_beg_PDB_ins_code 
_struct_conf.end_label_comp_id 
_struct_conf.end_label_asym_id 
_struct_conf.end_label_seq_id 
_struct_conf.pdbx_end_PDB_ins_code 
_struct_conf.beg_auth_comp_id 
_struct_conf.beg_auth_asym_id 
_struct_conf.beg_auth_seq_id 
_struct_conf.end_auth_comp_id 
_struct_conf.end_auth_asym_id 
_struct_conf.end_auth_seq_id 
_struct_conf.pdbx_PDB_helix_class 
_struct_conf.details 
_struct_conf.pdbx_PDB_helix_length 
HELX_P HELX_P1 1 TRP A 14 ? ARG A 20  ? TRP A 55  ARG A 61  1 ? 7  
HELX_P HELX_P2 2 SER A 28 ? TYR A 35  ? SER A 69  TYR A 76  5 ? 8  
HELX_P HELX_P3 3 HIS A 36 ? GLN A 40  ? HIS A 77  GLN A 81  5 ? 5  
HELX_P HELX_P4 4 ILE A 50 ? GLY A 61  ? ILE A 91  GLY A 102 1 ? 12 
HELX_P HELX_P5 5 CYS A 70 ? GLY A 82  ? CYS A 111 GLY A 123 1 ? 13 
HELX_P HELX_P6 6 GLY A 89 ? GLU A 94  ? GLY A 130 GLU A 135 1 ? 6  
HELX_P HELX_P7 7 TYR A 96 ? GLU A 105 ? TYR A 137 GLU A 146 1 ? 10 
# 
_struct_conf_type.id          HELX_P 
_struct_conf_type.criteria    ? 
_struct_conf_type.reference   ? 
# 
loop_
_struct_conn.id 
_struct_conn.conn_type_id 
_struct_conn.pdbx_leaving_atom_flag 
_struct_conn.pdbx_PDB_id 
_struct_conn.ptnr1_label_asym_id 
_struct_conn.ptnr1_label_comp_id 
_struct_conn.ptnr1_label_seq_id 
_struct_conn.ptnr1_label_atom_id 
_struct_conn.pdbx_ptnr1_label_alt_id 
_struct_conn.pdbx_ptnr1_PDB_ins_code 
_struct_conn.pdbx_ptnr1_standard_comp_id 
_struct_conn.ptnr1_symmetry 
_struct_conn.ptnr2_label_asym_id 
_struct_conn.ptnr2_label_comp_id 
_struct_conn.ptnr2_label_seq_id 
_struct_conn.ptnr2_label_atom_id 
_struct_conn.pdbx_ptnr2_label_alt_id 
_struct_conn.pdbx_ptnr2_PDB_ins_code 
_struct_conn.ptnr1_auth_asym_id 
_struct_conn.ptnr1_auth_comp_id 
_struct_conn.ptnr1_auth_seq_id 
_struct_conn.ptnr2_auth_asym_id 
_struct_conn.ptnr2_auth_comp_id 
_struct_conn.ptnr2_auth_seq_id 
_struct_conn.ptnr2_symmetry 
_struct_conn.pdbx_ptnr3_label_atom_id 
_struct_conn.pdbx_ptnr3_label_seq_id 
_struct_conn.pdbx_ptnr3_label_comp_id 
_struct_conn.pdbx_ptnr3_label_asym_id 
_struct_conn.pdbx_ptnr3_label_alt_id 
_struct_conn.pdbx_ptnr3_PDB_ins_code 
_struct_conn.details 
_struct_conn.pdbx_dist_value 
_struct_conn.pdbx_value_order 
_struct_conn.pdbx_role 
metalc1 metalc ? ? A HIS 64 ND1 ? ? ? 1_555 B ZN . ZN ? ? A HIS 105 A ZN 201 1_555 ? ? ? ? ? ? ? 2.134 ? ? 
metalc2 metalc ? ? A CYS 70 SG  ? ? ? 4_465 B ZN . ZN ? ? A CYS 111 A ZN 201 1_555 ? ? ? ? ? ? ? 2.398 ? ? 
metalc3 metalc ? ? A CYS 91 SG  ? ? ? 1_555 B ZN . ZN ? ? A CYS 132 A ZN 201 1_555 ? ? ? ? ? ? ? 2.199 ? ? 
metalc4 metalc ? ? A CYS 92 SG  ? ? ? 1_555 B ZN . ZN ? ? A CYS 133 A ZN 201 1_555 ? ? ? ? ? ? ? 2.222 ? ? 
# 
_struct_conn_type.id          metalc 
_struct_conn_type.criteria    ? 
_struct_conn_type.reference   ? 
# 
_struct_mon_prot_cis.pdbx_id                1 
_struct_mon_prot_cis.label_comp_id          ILE 
_struct_mon_prot_cis.label_seq_id           84 
_struct_mon_prot_cis.label_asym_id          A 
_struct_mon_prot_cis.label_alt_id           . 
_struct_mon_prot_cis.pdbx_PDB_ins_code      ? 
_struct_mon_prot_cis.auth_comp_id           ILE 
_struct_mon_prot_cis.auth_seq_id            125 
_struct_mon_prot_cis.auth_asym_id           A 
_struct_mon_prot_cis.pdbx_label_comp_id_2   PRO 
_struct_mon_prot_cis.pdbx_label_seq_id_2    85 
_struct_mon_prot_cis.pdbx_label_asym_id_2   A 
_struct_mon_prot_cis.pdbx_PDB_ins_code_2    ? 
_struct_mon_prot_cis.pdbx_auth_comp_id_2    PRO 
_struct_mon_prot_cis.pdbx_auth_seq_id_2     126 
_struct_mon_prot_cis.pdbx_auth_asym_id_2    A 
_struct_mon_prot_cis.pdbx_PDB_model_num     1 
_struct_mon_prot_cis.pdbx_omega_angle       -0.19 
# 
_struct_sheet.id               A 
_struct_sheet.type             ? 
_struct_sheet.number_strands   3 
_struct_sheet.details          ? 
# 
loop_
_struct_sheet_order.sheet_id 
_struct_sheet_order.range_id_1 
_struct_sheet_order.range_id_2 
_struct_sheet_order.offset 
_struct_sheet_order.sense 
A 1 2 ? anti-parallel 
A 2 3 ? parallel      
# 
loop_
_struct_sheet_range.sheet_id 
_struct_sheet_range.id 
_struct_sheet_range.beg_label_comp_id 
_struct_sheet_range.beg_label_asym_id 
_struct_sheet_range.beg_label_seq_id 
_struct_sheet_range.pdbx_beg_PDB_ins_code 
_struct_sheet_range.end_label_comp_id 
_struct_sheet_range.end_label_asym_id 
_struct_sheet_range.end_label_seq_id 
_struct_sheet_range.pdbx_end_PDB_ins_code 
_struct_sheet_range.beg_auth_comp_id 
_struct_sheet_range.beg_auth_asym_id 
_struct_sheet_range.beg_auth_seq_id 
_struct_sheet_range.end_auth_comp_id 
_struct_sheet_range.end_auth_asym_id 
_struct_sheet_range.end_auth_seq_id 
A 1 THR A 9  ? THR A 13 ? THR A 50 THR A 54 
A 2 ILE A 2  ? VAL A 6  ? ILE A 43 VAL A 47 
A 3 TYR A 42 ? PHE A 44 ? TYR A 83 PHE A 85 
# 
loop_
_pdbx_struct_sheet_hbond.sheet_id 
_pdbx_struct_sheet_hbond.range_id_1 
_pdbx_struct_sheet_hbond.range_id_2 
_pdbx_struct_sheet_hbond.range_1_label_atom_id 
_pdbx_struct_sheet_hbond.range_1_label_comp_id 
_pdbx_struct_sheet_hbond.range_1_label_asym_id 
_pdbx_struct_sheet_hbond.range_1_label_seq_id 
_pdbx_struct_sheet_hbond.range_1_PDB_ins_code 
_pdbx_struct_sheet_hbond.range_1_auth_atom_id 
_pdbx_struct_sheet_hbond.range_1_auth_comp_id 
_pdbx_struct_sheet_hbond.range_1_auth_asym_id 
_pdbx_struct_sheet_hbond.range_1_auth_seq_id 
_pdbx_struct_sheet_hbond.range_2_label_atom_id 
_pdbx_struct_sheet_hbond.range_2_label_comp_id 
_pdbx_struct_sheet_hbond.range_2_label_asym_id 
_pdbx_struct_sheet_hbond.range_2_label_seq_id 
_pdbx_struct_sheet_hbond.range_2_PDB_ins_code 
_pdbx_struct_sheet_hbond.range_2_auth_atom_id 
_pdbx_struct_sheet_hbond.range_2_auth_comp_id 
_pdbx_struct_sheet_hbond.range_2_auth_asym_id 
_pdbx_struct_sheet_hbond.range_2_auth_seq_id 
A 1 2 O THR A 13 ? O THR A 54 N ILE A 2  ? N ILE A 43 
A 2 3 N ASN A 5  ? N ASN A 46 O TYR A 42 ? O TYR A 83 
# 
_struct_site.id                   AC1 
_struct_site.pdbx_evidence_code   Software 
_struct_site.pdbx_auth_asym_id    A 
_struct_site.pdbx_auth_comp_id    ZN 
_struct_site.pdbx_auth_seq_id     201 
_struct_site.pdbx_auth_ins_code   ? 
_struct_site.pdbx_num_residues    4 
_struct_site.details              'BINDING SITE FOR RESIDUE ZN A 201' 
# 
loop_
_struct_site_gen.id 
_struct_site_gen.site_id 
_struct_site_gen.pdbx_num_res 
_struct_site_gen.label_comp_id 
_struct_site_gen.label_asym_id 
_struct_site_gen.label_seq_id 
_struct_site_gen.pdbx_auth_ins_code 
_struct_site_gen.auth_comp_id 
_struct_site_gen.auth_asym_id 
_struct_site_gen.auth_seq_id 
_struct_site_gen.label_atom_id 
_struct_site_gen.label_alt_id 
_struct_site_gen.symmetry 
_struct_site_gen.details 
1 AC1 4 HIS A 64 ? HIS A 105 . ? 1_555 ? 
2 AC1 4 CYS A 70 ? CYS A 111 . ? 4_465 ? 
3 AC1 4 CYS A 91 ? CYS A 132 . ? 1_555 ? 
4 AC1 4 CYS A 92 ? CYS A 133 . ? 1_555 ? 
# 
_atom_sites.entry_id                    1NN7 
_atom_sites.fract_transf_matrix[1][1]   -0.01285481 
_atom_sites.fract_transf_matrix[1][2]   0.00990044 
_atom_sites.fract_transf_matrix[1][3]   -0.00381106 
_atom_sites.fract_transf_matrix[2][1]   -0.01058030 
_atom_sites.fract_transf_matrix[2][2]   -0.01152739 
_atom_sites.fract_transf_matrix[2][3]   0.00574156 
_atom_sites.fract_transf_matrix[3][1]   0.00075470 
_atom_sites.fract_transf_matrix[3][2]   0.00667051 
_atom_sites.fract_transf_matrix[3][3]   0.01478318 
_atom_sites.fract_transf_vector[1]      0.247995 
_atom_sites.fract_transf_vector[2]      0.924798 
_atom_sites.fract_transf_vector[3]      0.182135 
# 
loop_
_atom_type.symbol 
C  
N  
O  
S  
ZN 
# 
loop_
_atom_site.group_PDB 
_atom_site.id 
_atom_site.type_symbol 
_atom_site.label_atom_id 
_atom_site.label_alt_id 
_atom_site.label_comp_id 
_atom_site.label_asym_id 
_atom_site.label_entity_id 
_atom_site.label_seq_id 
_atom_site.pdbx_PDB_ins_code 
_atom_site.Cartn_x 
_atom_site.Cartn_y 
_atom_site.Cartn_z 
_atom_site.occupancy 
_atom_site.B_iso_or_equiv 
_atom_site.pdbx_formal_charge 
_atom_site.auth_seq_id 
_atom_site.auth_comp_id 
_atom_site.auth_asym_id 
_atom_site.auth_atom_id 
_atom_site.pdbx_PDB_model_num 
ATOM   1   N  N   . LEU A 1 1   ? -4.140  0.291   18.467  1.00 39.01 ? 42  LEU A N   1 
ATOM   2   C  CA  . LEU A 1 1   ? -4.463  0.679   17.063  1.00 38.16 ? 42  LEU A CA  1 
ATOM   3   C  C   . LEU A 1 1   ? -3.543  1.757   16.530  1.00 38.23 ? 42  LEU A C   1 
ATOM   4   O  O   . LEU A 1 1   ? -3.337  2.783   17.176  1.00 39.17 ? 42  LEU A O   1 
ATOM   5   C  CB  . LEU A 1 1   ? -5.904  1.180   16.951  1.00 37.85 ? 42  LEU A CB  1 
ATOM   6   C  CG  . LEU A 1 1   ? -7.004  0.140   16.754  1.00 35.79 ? 42  LEU A CG  1 
ATOM   7   C  CD1 . LEU A 1 1   ? -8.340  0.845   16.622  1.00 35.93 ? 42  LEU A CD1 1 
ATOM   8   C  CD2 . LEU A 1 1   ? -6.708  -0.690  15.515  1.00 34.24 ? 42  LEU A CD2 1 
ATOM   9   N  N   . ILE A 1 2   ? -3.002  1.513   15.339  1.00 37.86 ? 43  ILE A N   1 
ATOM   10  C  CA  . ILE A 1 2   ? -2.113  2.452   14.668  1.00 35.13 ? 43  ILE A CA  1 
ATOM   11  C  C   . ILE A 1 2   ? -2.949  3.262   13.685  1.00 33.99 ? 43  ILE A C   1 
ATOM   12  O  O   . ILE A 1 2   ? -3.713  2.694   12.910  1.00 32.95 ? 43  ILE A O   1 
ATOM   13  C  CB  . ILE A 1 2   ? -1.015  1.716   13.863  1.00 36.07 ? 43  ILE A CB  1 
ATOM   14  C  CG1 . ILE A 1 2   ? -0.108  0.934   14.811  1.00 37.64 ? 43  ILE A CG1 1 
ATOM   15  C  CG2 . ILE A 1 2   ? -0.202  2.710   13.043  1.00 34.00 ? 43  ILE A CG2 1 
ATOM   16  C  CD1 . ILE A 1 2   ? 1.079   0.315   14.119  1.00 38.82 ? 43  ILE A CD1 1 
ATOM   17  N  N   . VAL A 1 3   ? -2.814  4.581   13.729  1.00 31.28 ? 44  VAL A N   1 
ATOM   18  C  CA  . VAL A 1 3   ? -3.549  5.437   12.811  1.00 29.64 ? 44  VAL A CA  1 
ATOM   19  C  C   . VAL A 1 3   ? -2.652  5.852   11.659  1.00 28.44 ? 44  VAL A C   1 
ATOM   20  O  O   . VAL A 1 3   ? -1.605  6.477   11.855  1.00 26.76 ? 44  VAL A O   1 
ATOM   21  C  CB  . VAL A 1 3   ? -4.081  6.708   13.495  1.00 30.13 ? 44  VAL A CB  1 
ATOM   22  C  CG1 . VAL A 1 3   ? -4.549  7.709   12.445  1.00 31.46 ? 44  VAL A CG1 1 
ATOM   23  C  CG2 . VAL A 1 3   ? -5.237  6.350   14.413  1.00 32.33 ? 44  VAL A CG2 1 
ATOM   24  N  N   . LEU A 1 4   ? -3.069  5.483   10.457  1.00 26.30 ? 45  LEU A N   1 
ATOM   25  C  CA  . LEU A 1 4   ? -2.340  5.819   9.254   1.00 22.20 ? 45  LEU A CA  1 
ATOM   26  C  C   . LEU A 1 4   ? -3.228  6.807   8.504   1.00 23.33 ? 45  LEU A C   1 
ATOM   27  O  O   . LEU A 1 4   ? -4.206  6.415   7.861   1.00 21.51 ? 45  LEU A O   1 
ATOM   28  C  CB  . LEU A 1 4   ? -2.109  4.554   8.416   1.00 21.36 ? 45  LEU A CB  1 
ATOM   29  C  CG  . LEU A 1 4   ? -1.423  3.373   9.117   1.00 20.23 ? 45  LEU A CG  1 
ATOM   30  C  CD1 . LEU A 1 4   ? -1.310  2.204   8.152   1.00 19.12 ? 45  LEU A CD1 1 
ATOM   31  C  CD2 . LEU A 1 4   ? -0.036  3.791   9.614   1.00 19.24 ? 45  LEU A CD2 1 
ATOM   32  N  N   . ASN A 1 5   ? -2.901  8.093   8.624   1.00 23.04 ? 46  ASN A N   1 
ATOM   33  C  CA  . ASN A 1 5   ? -3.648  9.152   7.964   1.00 21.65 ? 46  ASN A CA  1 
ATOM   34  C  C   . ASN A 1 5   ? -3.065  9.373   6.572   1.00 22.19 ? 46  ASN A C   1 
ATOM   35  O  O   . ASN A 1 5   ? -1.936  9.841   6.438   1.00 22.41 ? 46  ASN A O   1 
ATOM   36  C  CB  . ASN A 1 5   ? -3.532  10.445  8.775   1.00 23.02 ? 46  ASN A CB  1 
ATOM   37  C  CG  . ASN A 1 5   ? -4.492  11.517  8.312   1.00 22.29 ? 46  ASN A CG  1 
ATOM   38  O  OD1 . ASN A 1 5   ? -4.999  11.472  7.194   1.00 25.44 ? 46  ASN A OD1 1 
ATOM   39  N  ND2 . ASN A 1 5   ? -4.738  12.503  9.171   1.00 19.38 ? 46  ASN A ND2 1 
ATOM   40  N  N   . VAL A 1 6   ? -3.831  9.032   5.538   1.00 21.11 ? 47  VAL A N   1 
ATOM   41  C  CA  . VAL A 1 6   ? -3.373  9.203   4.166   1.00 18.27 ? 47  VAL A CA  1 
ATOM   42  C  C   . VAL A 1 6   ? -4.155  10.315  3.476   1.00 18.99 ? 47  VAL A C   1 
ATOM   43  O  O   . VAL A 1 6   ? -5.295  10.116  3.051   1.00 18.66 ? 47  VAL A O   1 
ATOM   44  C  CB  . VAL A 1 6   ? -3.532  7.898   3.363   1.00 16.49 ? 47  VAL A CB  1 
ATOM   45  C  CG1 . VAL A 1 6   ? -2.931  8.063   1.979   1.00 14.96 ? 47  VAL A CG1 1 
ATOM   46  C  CG2 . VAL A 1 6   ? -2.860  6.755   4.097   1.00 16.07 ? 47  VAL A CG2 1 
ATOM   47  N  N   . SER A 1 7   ? -3.530  11.485  3.376   1.00 19.28 ? 48  SER A N   1 
ATOM   48  C  CA  . SER A 1 7   ? -4.132  12.662  2.757   1.00 19.75 ? 48  SER A CA  1 
ATOM   49  C  C   . SER A 1 7   ? -5.493  13.039  3.348   1.00 20.99 ? 48  SER A C   1 
ATOM   50  O  O   . SER A 1 7   ? -6.364  13.544  2.638   1.00 19.92 ? 48  SER A O   1 
ATOM   51  C  CB  . SER A 1 7   ? -4.267  12.459  1.244   1.00 21.34 ? 48  SER A CB  1 
ATOM   52  O  OG  . SER A 1 7   ? -2.995  12.351  0.628   1.00 23.27 ? 48  SER A OG  1 
ATOM   53  N  N   . GLY A 1 8   ? -5.671  12.798  4.644   1.00 20.46 ? 49  GLY A N   1 
ATOM   54  C  CA  . GLY A 1 8   ? -6.926  13.141  5.288   1.00 20.20 ? 49  GLY A CA  1 
ATOM   55  C  C   . GLY A 1 8   ? -7.819  11.946  5.573   1.00 20.83 ? 49  GLY A C   1 
ATOM   56  O  O   . GLY A 1 8   ? -8.741  12.043  6.382   1.00 19.24 ? 49  GLY A O   1 
ATOM   57  N  N   . THR A 1 9   ? -7.548  10.822  4.912   1.00 19.00 ? 50  THR A N   1 
ATOM   58  C  CA  . THR A 1 9   ? -8.341  9.613   5.101   1.00 19.50 ? 50  THR A CA  1 
ATOM   59  C  C   . THR A 1 9   ? -7.735  8.761   6.202   1.00 20.95 ? 50  THR A C   1 
ATOM   60  O  O   . THR A 1 9   ? -6.577  8.343   6.119   1.00 19.82 ? 50  THR A O   1 
ATOM   61  C  CB  . THR A 1 9   ? -8.416  8.758   3.805   1.00 20.66 ? 50  THR A CB  1 
ATOM   62  O  OG1 . THR A 1 9   ? -9.174  9.456   2.808   1.00 20.52 ? 50  THR A OG1 1 
ATOM   63  C  CG2 . THR A 1 9   ? -9.084  7.415   4.094   1.00 19.01 ? 50  THR A CG2 1 
ATOM   64  N  N   . ARG A 1 10  ? -8.532  8.502   7.230   1.00 20.47 ? 51  ARG A N   1 
ATOM   65  C  CA  . ARG A 1 10  ? -8.080  7.709   8.352   1.00 21.54 ? 51  ARG A CA  1 
ATOM   66  C  C   . ARG A 1 10  ? -8.152  6.216   8.098   1.00 21.63 ? 51  ARG A C   1 
ATOM   67  O  O   . ARG A 1 10  ? -9.204  5.686   7.739   1.00 22.54 ? 51  ARG A O   1 
ATOM   68  C  CB  . ARG A 1 10  ? -8.907  8.011   9.607   1.00 21.36 ? 51  ARG A CB  1 
ATOM   69  C  CG  . ARG A 1 10  ? -8.400  7.280   10.853  1.00 21.54 ? 51  ARG A CG  1 
ATOM   70  C  CD  . ARG A 1 10  ? -9.377  7.362   12.024  1.00 20.51 ? 51  ARG A CD  1 
ATOM   71  N  NE  . ARG A 1 10  ? -10.590 6.590   11.776  1.00 21.91 ? 51  ARG A NE  1 
ATOM   72  C  CZ  . ARG A 1 10  ? -11.560 6.408   12.667  1.00 22.81 ? 51  ARG A CZ  1 
ATOM   73  N  NH1 . ARG A 1 10  ? -11.461 6.944   13.876  1.00 23.63 ? 51  ARG A NH1 1 
ATOM   74  N  NH2 . ARG A 1 10  ? -12.630 5.688   12.354  1.00 22.73 ? 51  ARG A NH2 1 
ATOM   75  N  N   . PHE A 1 11  ? -7.017  5.553   8.274   1.00 21.19 ? 52  PHE A N   1 
ATOM   76  C  CA  . PHE A 1 11  ? -6.915  4.153   8.201   1.00 22.36 ? 52  PHE A CA  1 
ATOM   77  C  C   . PHE A 1 11  ? -6.409  3.698   9.534   1.00 23.03 ? 52  PHE A C   1 
ATOM   78  O  O   . PHE A 1 11  ? -5.655  4.441   10.179  1.00 20.80 ? 52  PHE A O   1 
ATOM   79  C  CB  . PHE A 1 11  ? -5.926  3.653   7.111   1.00 20.19 ? 52  PHE A CB  1 
ATOM   80  C  CG  . PHE A 1 11  ? -6.414  3.773   5.707   1.00 20.90 ? 52  PHE A CG  1 
ATOM   81  C  CD1 . PHE A 1 11  ? -6.276  4.971   5.006   1.00 17.72 ? 52  PHE A CD1 1 
ATOM   82  C  CD2 . PHE A 1 11  ? -7.010  2.679   5.072   1.00 19.37 ? 52  PHE A CD2 1 
ATOM   83  C  CE1 . PHE A 1 11  ? -6.719  5.077   3.691   1.00 19.58 ? 52  PHE A CE1 1 
ATOM   84  C  CE2 . PHE A 1 11  ? -7.461  2.776   3.751   1.00 19.85 ? 52  PHE A CE2 1 
ATOM   85  C  CZ  . PHE A 1 11  ? -7.312  3.982   3.059   1.00 19.07 ? 52  PHE A CZ  1 
ATOM   86  N  N   . GLN A 1 12  ? -6.785  2.509   9.986   1.00 24.55 ? 53  GLN A N   1 
ATOM   87  C  CA  . GLN A 1 12  ? -6.308  2.012   11.269  1.00 24.33 ? 53  GLN A CA  1 
ATOM   88  C  C   . GLN A 1 12  ? -6.045  0.531   11.133  1.00 25.01 ? 53  GLN A C   1 
ATOM   89  O  O   . GLN A 1 12  ? -6.812  -0.201  10.503  1.00 23.47 ? 53  GLN A O   1 
ATOM   90  C  CB  . GLN A 1 12  ? -7.331  2.254   12.374  1.00 26.39 ? 53  GLN A CB  1 
ATOM   91  C  CG  . GLN A 1 12  ? -7.619  3.706   12.635  1.00 26.02 ? 53  GLN A CG  1 
ATOM   92  C  CD  . GLN A 1 12  ? -8.757  3.890   13.614  1.00 27.97 ? 53  GLN A CD  1 
ATOM   93  O  OE1 . GLN A 1 12  ? -8.550  3.975   14.827  1.00 28.23 ? 53  GLN A OE1 1 
ATOM   94  N  NE2 . GLN A 1 12  ? -9.973  3.937   13.093  1.00 23.81 ? 53  GLN A NE2 1 
ATOM   95  N  N   . THR A 1 13  ? -4.936  0.103   11.717  1.00 26.06 ? 54  THR A N   1 
ATOM   96  C  CA  . THR A 1 13  ? -4.533  -1.286  11.681  1.00 27.98 ? 54  THR A CA  1 
ATOM   97  C  C   . THR A 1 13  ? -3.759  -1.561  12.961  1.00 29.70 ? 54  THR A C   1 
ATOM   98  O  O   . THR A 1 13  ? -3.614  -0.674  13.803  1.00 28.14 ? 54  THR A O   1 
ATOM   99  C  CB  . THR A 1 13  ? -3.633  -1.567  10.457  1.00 27.63 ? 54  THR A CB  1 
ATOM   100 O  OG1 . THR A 1 13  ? -3.318  -2.958  10.401  1.00 29.71 ? 54  THR A OG1 1 
ATOM   101 C  CG2 . THR A 1 13  ? -2.345  -0.773  10.543  1.00 28.72 ? 54  THR A CG2 1 
ATOM   102 N  N   . TRP A 1 14  ? -3.264  -2.785  13.101  1.00 31.54 ? 55  TRP A N   1 
ATOM   103 C  CA  . TRP A 1 14  ? -2.497  -3.158  14.281  1.00 32.88 ? 55  TRP A CA  1 
ATOM   104 C  C   . TRP A 1 14  ? -1.019  -3.199  13.943  1.00 34.06 ? 55  TRP A C   1 
ATOM   105 O  O   . TRP A 1 14  ? -0.640  -3.535  12.822  1.00 34.95 ? 55  TRP A O   1 
ATOM   106 C  CB  . TRP A 1 14  ? -2.922  -4.536  14.796  1.00 30.69 ? 55  TRP A CB  1 
ATOM   107 C  CG  . TRP A 1 14  ? -4.383  -4.667  15.078  1.00 31.93 ? 55  TRP A CG  1 
ATOM   108 C  CD1 . TRP A 1 14  ? -5.311  -5.308  14.312  1.00 32.08 ? 55  TRP A CD1 1 
ATOM   109 C  CD2 . TRP A 1 14  ? -5.083  -4.175  16.229  1.00 32.12 ? 55  TRP A CD2 1 
ATOM   110 N  NE1 . TRP A 1 14  ? -6.545  -5.254  14.916  1.00 32.20 ? 55  TRP A NE1 1 
ATOM   111 C  CE2 . TRP A 1 14  ? -6.434  -4.565  16.094  1.00 32.28 ? 55  TRP A CE2 1 
ATOM   112 C  CE3 . TRP A 1 14  ? -4.698  -3.447  17.361  1.00 32.37 ? 55  TRP A CE3 1 
ATOM   113 C  CZ2 . TRP A 1 14  ? -7.405  -4.250  17.051  1.00 33.61 ? 55  TRP A CZ2 1 
ATOM   114 C  CZ3 . TRP A 1 14  ? -5.662  -3.133  18.314  1.00 34.41 ? 55  TRP A CZ3 1 
ATOM   115 C  CH2 . TRP A 1 14  ? -7.000  -3.536  18.151  1.00 35.21 ? 55  TRP A CH2 1 
ATOM   116 N  N   . GLN A 1 15  ? -0.196  -2.857  14.928  1.00 35.35 ? 56  GLN A N   1 
ATOM   117 C  CA  . GLN A 1 15  ? 1.250   -2.864  14.786  1.00 37.17 ? 56  GLN A CA  1 
ATOM   118 C  C   . GLN A 1 15  ? 1.706   -4.273  14.410  1.00 37.27 ? 56  GLN A C   1 
ATOM   119 O  O   . GLN A 1 15  ? 2.615   -4.445  13.600  1.00 36.92 ? 56  GLN A O   1 
ATOM   120 C  CB  . GLN A 1 15  ? 1.890   -2.450  16.113  1.00 41.00 ? 56  GLN A CB  1 
ATOM   121 C  CG  . GLN A 1 15  ? 2.941   -1.362  16.010  1.00 45.58 ? 56  GLN A CG  1 
ATOM   122 C  CD  . GLN A 1 15  ? 4.205   -1.823  15.317  1.00 49.04 ? 56  GLN A CD  1 
ATOM   123 O  OE1 . GLN A 1 15  ? 4.180   -2.242  14.160  1.00 51.03 ? 56  GLN A OE1 1 
ATOM   124 N  NE2 . GLN A 1 15  ? 5.326   -1.744  16.026  1.00 51.09 ? 56  GLN A NE2 1 
ATOM   125 N  N   . ASP A 1 16  ? 1.070   -5.277  15.006  1.00 36.66 ? 57  ASP A N   1 
ATOM   126 C  CA  . ASP A 1 16  ? 1.417   -6.666  14.724  1.00 37.05 ? 57  ASP A CA  1 
ATOM   127 C  C   . ASP A 1 16  ? 1.125   -6.996  13.275  1.00 34.63 ? 57  ASP A C   1 
ATOM   128 O  O   . ASP A 1 16  ? 1.898   -7.694  12.627  1.00 34.12 ? 57  ASP A O   1 
ATOM   129 C  CB  . ASP A 1 16  ? 0.635   -7.627  15.625  1.00 40.24 ? 57  ASP A CB  1 
ATOM   130 C  CG  . ASP A 1 16  ? 1.019   -7.499  17.085  1.00 46.17 ? 57  ASP A CG  1 
ATOM   131 O  OD1 . ASP A 1 16  ? 2.190   -7.146  17.372  1.00 48.53 ? 57  ASP A OD1 1 
ATOM   132 O  OD2 . ASP A 1 16  ? 0.152   -7.765  17.949  1.00 48.75 ? 57  ASP A OD2 1 
ATOM   133 N  N   . THR A 1 17  ? 0.003   -6.485  12.773  1.00 33.06 ? 58  THR A N   1 
ATOM   134 C  CA  . THR A 1 17  ? -0.387  -6.715  11.393  1.00 29.90 ? 58  THR A CA  1 
ATOM   135 C  C   . THR A 1 17  ? 0.698   -6.205  10.456  1.00 28.43 ? 58  THR A C   1 
ATOM   136 O  O   . THR A 1 17  ? 1.165   -6.935  9.586   1.00 29.04 ? 58  THR A O   1 
ATOM   137 C  CB  . THR A 1 17  ? -1.718  -6.004  11.056  1.00 30.45 ? 58  THR A CB  1 
ATOM   138 O  OG1 . THR A 1 17  ? -2.790  -6.611  11.786  1.00 27.24 ? 58  THR A OG1 1 
ATOM   139 C  CG2 . THR A 1 17  ? -2.012  -6.111  9.572   1.00 29.96 ? 58  THR A CG2 1 
ATOM   140 N  N   . LEU A 1 18  ? 1.113   -4.956  10.647  1.00 27.90 ? 59  LEU A N   1 
ATOM   141 C  CA  . LEU A 1 18  ? 2.140   -4.361  9.795   1.00 27.32 ? 59  LEU A CA  1 
ATOM   142 C  C   . LEU A 1 18  ? 3.488   -5.055  9.922   1.00 27.65 ? 59  LEU A C   1 
ATOM   143 O  O   . LEU A 1 18  ? 4.219   -5.205  8.938   1.00 24.59 ? 59  LEU A O   1 
ATOM   144 C  CB  . LEU A 1 18  ? 2.303   -2.871  10.110  1.00 26.18 ? 59  LEU A CB  1 
ATOM   145 C  CG  . LEU A 1 18  ? 1.098   -1.983  9.781   1.00 26.32 ? 59  LEU A CG  1 
ATOM   146 C  CD1 . LEU A 1 18  ? 1.418   -0.525  10.118  1.00 26.41 ? 59  LEU A CD1 1 
ATOM   147 C  CD2 . LEU A 1 18  ? 0.750   -2.117  8.307   1.00 23.96 ? 59  LEU A CD2 1 
ATOM   148 N  N   . GLU A 1 19  ? 3.813   -5.492  11.130  1.00 28.29 ? 60  GLU A N   1 
ATOM   149 C  CA  . GLU A 1 19  ? 5.083   -6.165  11.353  1.00 30.60 ? 60  GLU A CA  1 
ATOM   150 C  C   . GLU A 1 19  ? 5.173   -7.511  10.643  1.00 30.90 ? 60  GLU A C   1 
ATOM   151 O  O   . GLU A 1 19  ? 6.252   -8.095  10.568  1.00 31.57 ? 60  GLU A O   1 
ATOM   152 C  CB  . GLU A 1 19  ? 5.336   -6.331  12.851  1.00 31.86 ? 60  GLU A CB  1 
ATOM   153 C  CG  . GLU A 1 19  ? 6.010   -5.117  13.471  1.00 36.26 ? 60  GLU A CG  1 
ATOM   154 C  CD  . GLU A 1 19  ? 6.156   -5.221  14.982  1.00 38.59 ? 60  GLU A CD  1 
ATOM   155 O  OE1 . GLU A 1 19  ? 6.507   -6.311  15.485  1.00 40.44 ? 60  GLU A OE1 1 
ATOM   156 O  OE2 . GLU A 1 19  ? 5.932   -4.205  15.666  1.00 39.94 ? 60  GLU A OE2 1 
ATOM   157 N  N   . ARG A 1 20  ? 4.047   -7.995  10.118  1.00 30.80 ? 61  ARG A N   1 
ATOM   158 C  CA  . ARG A 1 20  ? 4.025   -9.269  9.396   1.00 31.93 ? 61  ARG A CA  1 
ATOM   159 C  C   . ARG A 1 20  ? 4.969   -9.222  8.202   1.00 30.15 ? 61  ARG A C   1 
ATOM   160 O  O   . ARG A 1 20  ? 5.576   -10.225 7.833   1.00 29.62 ? 61  ARG A O   1 
ATOM   161 C  CB  . ARG A 1 20  ? 2.619   -9.585  8.881   1.00 35.57 ? 61  ARG A CB  1 
ATOM   162 C  CG  . ARG A 1 20  ? 1.595   -9.945  9.950   1.00 40.36 ? 61  ARG A CG  1 
ATOM   163 C  CD  . ARG A 1 20  ? 0.198   -9.990  9.331   1.00 42.66 ? 61  ARG A CD  1 
ATOM   164 N  NE  . ARG A 1 20  ? -0.829  -10.422 10.276  1.00 46.17 ? 61  ARG A NE  1 
ATOM   165 C  CZ  . ARG A 1 20  ? -2.134  -10.234 10.094  1.00 46.93 ? 61  ARG A CZ  1 
ATOM   166 N  NH1 . ARG A 1 20  ? -2.573  -9.617  9.003   1.00 46.68 ? 61  ARG A NH1 1 
ATOM   167 N  NH2 . ARG A 1 20  ? -3.002  -10.656 11.004  1.00 47.70 ? 61  ARG A NH2 1 
ATOM   168 N  N   . TYR A 1 21  ? 5.081   -8.058  7.579   1.00 29.21 ? 62  TYR A N   1 
ATOM   169 C  CA  . TYR A 1 21  ? 5.968   -7.946  6.442   1.00 27.54 ? 62  TYR A CA  1 
ATOM   170 C  C   . TYR A 1 21  ? 7.028   -6.887  6.654   1.00 28.78 ? 62  TYR A C   1 
ATOM   171 O  O   . TYR A 1 21  ? 6.949   -5.781  6.120   1.00 28.22 ? 62  TYR A O   1 
ATOM   172 C  CB  . TYR A 1 21  ? 5.173   -7.698  5.152   1.00 25.72 ? 62  TYR A CB  1 
ATOM   173 C  CG  . TYR A 1 21  ? 4.166   -8.798  4.877   1.00 24.11 ? 62  TYR A CG  1 
ATOM   174 C  CD1 . TYR A 1 21  ? 2.858   -8.698  5.340   1.00 24.23 ? 62  TYR A CD1 1 
ATOM   175 C  CD2 . TYR A 1 21  ? 4.549   -9.973  4.229   1.00 26.58 ? 62  TYR A CD2 1 
ATOM   176 C  CE1 . TYR A 1 21  ? 1.951   -9.741  5.172   1.00 25.71 ? 62  TYR A CE1 1 
ATOM   177 C  CE2 . TYR A 1 21  ? 3.648   -11.035 4.053   1.00 25.62 ? 62  TYR A CE2 1 
ATOM   178 C  CZ  . TYR A 1 21  ? 2.351   -10.909 4.531   1.00 28.04 ? 62  TYR A CZ  1 
ATOM   179 O  OH  . TYR A 1 21  ? 1.454   -11.949 4.389   1.00 27.53 ? 62  TYR A OH  1 
ATOM   180 N  N   . PRO A 1 22  ? 8.083   -7.376  7.420   1.00 30.38 ? 63  PRO A N   1 
ATOM   181 C  CA  . PRO A 1 22  ? 9.159   -6.499  7.487   1.00 31.73 ? 63  PRO A CA  1 
ATOM   182 C  C   . PRO A 1 22  ? 9.714   -6.233  6.244   1.00 33.31 ? 63  PRO A C   1 
ATOM   183 O  O   . PRO A 1 22  ? 9.504   -7.066  5.366   1.00 37.19 ? 63  PRO A O   1 
ATOM   184 C  CB  . PRO A 1 22  ? 10.011  -7.157  8.718   1.00 31.29 ? 63  PRO A CB  1 
ATOM   185 C  CG  . PRO A 1 22  ? 9.721   -8.610  8.549   1.00 30.80 ? 63  PRO A CG  1 
ATOM   186 C  CD  . PRO A 1 22  ? 8.344   -8.694  7.953   1.00 29.40 ? 63  PRO A CD  1 
ATOM   187 N  N   . ASP A 1 23  ? 10.373  -5.158  5.979   1.00 32.55 ? 64  ASP A N   1 
ATOM   188 C  CA  . ASP A 1 23  ? 10.858  -5.147  4.581   1.00 32.92 ? 64  ASP A CA  1 
ATOM   189 C  C   . ASP A 1 23  ? 9.851   -4.675  3.586   1.00 31.08 ? 64  ASP A C   1 
ATOM   190 O  O   . ASP A 1 23  ? 9.637   -5.192  2.501   1.00 31.00 ? 64  ASP A O   1 
ATOM   191 C  CB  . ASP A 1 23  ? 11.447  -6.486  4.172   1.00 35.57 ? 64  ASP A CB  1 
ATOM   192 C  CG  . ASP A 1 23  ? 12.421  -6.273  3.003   1.00 40.10 ? 64  ASP A CG  1 
ATOM   193 O  OD1 . ASP A 1 23  ? 13.276  -5.357  3.053   1.00 42.70 ? 64  ASP A OD1 1 
ATOM   194 O  OD2 . ASP A 1 23  ? 12.328  -7.038  2.027   1.00 43.12 ? 64  ASP A OD2 1 
ATOM   195 N  N   . THR A 1 24  ? 9.227   -3.614  4.088   1.00 28.54 ? 65  THR A N   1 
ATOM   196 C  CA  . THR A 1 24  ? 8.290   -2.741  3.540   1.00 26.18 ? 65  THR A CA  1 
ATOM   197 C  C   . THR A 1 24  ? 8.269   -1.490  4.337   1.00 26.66 ? 65  THR A C   1 
ATOM   198 O  O   . THR A 1 24  ? 8.769   -1.510  5.459   1.00 26.94 ? 65  THR A O   1 
ATOM   199 C  CB  . THR A 1 24  ? 6.798   -3.339  3.497   1.00 22.18 ? 65  THR A CB  1 
ATOM   200 O  OG1 . THR A 1 24  ? 6.333   -3.463  4.841   1.00 21.86 ? 65  THR A OG1 1 
ATOM   201 C  CG2 . THR A 1 24  ? 6.772   -4.700  2.837   1.00 22.63 ? 65  THR A CG2 1 
ATOM   202 N  N   . LEU A 1 25  ? 7.756   -0.391  3.801   1.00 27.08 ? 66  LEU A N   1 
ATOM   203 C  CA  . LEU A 1 25  ? 7.772   0.865   4.540   1.00 26.32 ? 66  LEU A CA  1 
ATOM   204 C  C   . LEU A 1 25  ? 7.063   0.751   5.894   1.00 25.46 ? 66  LEU A C   1 
ATOM   205 O  O   . LEU A 1 25  ? 7.669   0.956   6.945   1.00 24.40 ? 66  LEU A O   1 
ATOM   206 C  CB  . LEU A 1 25  ? 7.125   1.969   3.693   1.00 25.37 ? 66  LEU A CB  1 
ATOM   207 C  CG  . LEU A 1 25  ? 7.265   3.419   4.179   1.00 27.29 ? 66  LEU A CG  1 
ATOM   208 C  CD1 . LEU A 1 25  ? 6.837   4.367   3.061   1.00 26.98 ? 66  LEU A CD1 1 
ATOM   209 C  CD2 . LEU A 1 25  ? 6.429   3.655   5.429   1.00 24.72 ? 66  LEU A CD2 1 
ATOM   210 N  N   . LEU A 1 26  ? 5.781   0.406   5.849   1.00 25.25 ? 67  LEU A N   1 
ATOM   211 C  CA  . LEU A 1 26  ? 4.949   0.293   7.041   1.00 24.96 ? 67  LEU A CA  1 
ATOM   212 C  C   . LEU A 1 26  ? 5.349   -0.751  8.085   1.00 25.72 ? 67  LEU A C   1 
ATOM   213 O  O   . LEU A 1 26  ? 5.046   -0.587  9.262   1.00 22.94 ? 67  LEU A O   1 
ATOM   214 C  CB  . LEU A 1 26  ? 3.490   0.052   6.629   1.00 24.22 ? 67  LEU A CB  1 
ATOM   215 C  CG  . LEU A 1 26  ? 2.757   1.154   5.845   1.00 23.73 ? 67  LEU A CG  1 
ATOM   216 C  CD1 . LEU A 1 26  ? 1.446   0.602   5.313   1.00 22.57 ? 67  LEU A CD1 1 
ATOM   217 C  CD2 . LEU A 1 26  ? 2.505   2.367   6.737   1.00 23.69 ? 67  LEU A CD2 1 
ATOM   218 N  N   . GLY A 1 27  ? 6.007   -1.825  7.661   1.00 27.15 ? 68  GLY A N   1 
ATOM   219 C  CA  . GLY A 1 27  ? 6.394   -2.858  8.609   1.00 28.44 ? 68  GLY A CA  1 
ATOM   220 C  C   . GLY A 1 27  ? 7.780   -2.682  9.199   1.00 29.91 ? 68  GLY A C   1 
ATOM   221 O  O   . GLY A 1 27  ? 8.238   -3.517  9.982   1.00 29.80 ? 68  GLY A O   1 
ATOM   222 N  N   . SER A 1 28  ? 8.446   -1.591  8.834   1.00 29.72 ? 69  SER A N   1 
ATOM   223 C  CA  . SER A 1 28  ? 9.797   -1.331  9.318   1.00 30.80 ? 69  SER A CA  1 
ATOM   224 C  C   . SER A 1 28  ? 9.950   0.019   10.004  1.00 31.30 ? 69  SER A C   1 
ATOM   225 O  O   . SER A 1 28  ? 8.973   0.731   10.241  1.00 31.54 ? 69  SER A O   1 
ATOM   226 C  CB  . SER A 1 28  ? 10.781  -1.398  8.155   1.00 29.36 ? 69  SER A CB  1 
ATOM   227 O  OG  . SER A 1 28  ? 10.524  -0.346  7.247   1.00 26.61 ? 69  SER A OG  1 
ATOM   228 N  N   . SER A 1 29  ? 11.199  0.364   10.304  1.00 31.81 ? 70  SER A N   1 
ATOM   229 C  CA  . SER A 1 29  ? 11.523  1.621   10.961  1.00 31.24 ? 70  SER A CA  1 
ATOM   230 C  C   . SER A 1 29  ? 11.356  2.807   10.019  1.00 30.68 ? 70  SER A C   1 
ATOM   231 O  O   . SER A 1 29  ? 11.346  3.958   10.457  1.00 29.87 ? 70  SER A O   1 
ATOM   232 C  CB  . SER A 1 29  ? 12.960  1.584   11.509  1.00 31.29 ? 70  SER A CB  1 
ATOM   233 O  OG  . SER A 1 29  ? 13.919  1.374   10.480  1.00 33.12 ? 70  SER A OG  1 
ATOM   234 N  N   . GLU A 1 30  ? 11.227  2.529   8.722   1.00 32.52 ? 71  GLU A N   1 
ATOM   235 C  CA  . GLU A 1 30  ? 11.045  3.607   7.749   1.00 33.71 ? 71  GLU A CA  1 
ATOM   236 C  C   . GLU A 1 30  ? 9.801   4.406   8.123   1.00 32.56 ? 71  GLU A C   1 
ATOM   237 O  O   . GLU A 1 30  ? 9.730   5.601   7.873   1.00 32.11 ? 71  GLU A O   1 
ATOM   238 C  CB  . GLU A 1 30  ? 10.838  3.066   6.334   1.00 34.98 ? 71  GLU A CB  1 
ATOM   239 C  CG  . GLU A 1 30  ? 11.849  2.054   5.840   1.00 39.63 ? 71  GLU A CG  1 
ATOM   240 C  CD  . GLU A 1 30  ? 11.608  1.698   4.381   1.00 41.40 ? 71  GLU A CD  1 
ATOM   241 O  OE1 . GLU A 1 30  ? 12.120  0.652   3.926   1.00 43.29 ? 71  GLU A OE1 1 
ATOM   242 O  OE2 . GLU A 1 30  ? 10.909  2.473   3.685   1.00 41.21 ? 71  GLU A OE2 1 
ATOM   243 N  N   . ARG A 1 31  ? 8.829   3.726   8.727   1.00 32.67 ? 72  ARG A N   1 
ATOM   244 C  CA  . ARG A 1 31  ? 7.564   4.338   9.121   1.00 32.16 ? 72  ARG A CA  1 
ATOM   245 C  C   . ARG A 1 31  ? 7.706   5.494   10.107  1.00 32.94 ? 72  ARG A C   1 
ATOM   246 O  O   . ARG A 1 31  ? 6.931   6.457   10.069  1.00 30.61 ? 72  ARG A O   1 
ATOM   247 C  CB  . ARG A 1 31  ? 6.652   3.276   9.727   1.00 32.30 ? 72  ARG A CB  1 
ATOM   248 C  CG  . ARG A 1 31  ? 5.170   3.517   9.486   1.00 33.51 ? 72  ARG A CG  1 
ATOM   249 C  CD  . ARG A 1 31  ? 4.363   2.488   10.239  1.00 34.10 ? 72  ARG A CD  1 
ATOM   250 N  NE  . ARG A 1 31  ? 4.521   2.666   11.675  1.00 32.57 ? 72  ARG A NE  1 
ATOM   251 C  CZ  . ARG A 1 31  ? 4.275   1.728   12.580  1.00 33.81 ? 72  ARG A CZ  1 
ATOM   252 N  NH1 . ARG A 1 31  ? 3.865   0.526   12.202  1.00 32.62 ? 72  ARG A NH1 1 
ATOM   253 N  NH2 . ARG A 1 31  ? 4.424   2.004   13.866  1.00 33.36 ? 72  ARG A NH2 1 
ATOM   254 N  N   . ASP A 1 32  ? 8.695   5.386   10.993  1.00 32.88 ? 73  ASP A N   1 
ATOM   255 C  CA  . ASP A 1 32  ? 8.952   6.406   12.007  1.00 32.69 ? 73  ASP A CA  1 
ATOM   256 C  C   . ASP A 1 32  ? 9.050   7.810   11.422  1.00 30.57 ? 73  ASP A C   1 
ATOM   257 O  O   . ASP A 1 32  ? 8.613   8.783   12.036  1.00 29.87 ? 73  ASP A O   1 
ATOM   258 C  CB  . ASP A 1 32  ? 10.253  6.085   12.744  1.00 36.67 ? 73  ASP A CB  1 
ATOM   259 C  CG  . ASP A 1 32  ? 10.183  4.786   13.523  1.00 39.64 ? 73  ASP A CG  1 
ATOM   260 O  OD1 . ASP A 1 32  ? 11.249  4.326   13.991  1.00 42.62 ? 73  ASP A OD1 1 
ATOM   261 O  OD2 . ASP A 1 32  ? 9.073   4.232   13.677  1.00 40.87 ? 73  ASP A OD2 1 
ATOM   262 N  N   . PHE A 1 33  ? 9.629   7.906   10.231  1.00 29.50 ? 74  PHE A N   1 
ATOM   263 C  CA  . PHE A 1 33  ? 9.813   9.187   9.562   1.00 30.55 ? 74  PHE A CA  1 
ATOM   264 C  C   . PHE A 1 33  ? 8.513   9.929   9.262   1.00 29.62 ? 74  PHE A C   1 
ATOM   265 O  O   . PHE A 1 33  ? 8.523   11.141  9.071   1.00 29.51 ? 74  PHE A O   1 
ATOM   266 C  CB  . PHE A 1 33  ? 10.594  8.986   8.265   1.00 32.41 ? 74  PHE A CB  1 
ATOM   267 C  CG  . PHE A 1 33  ? 10.893  10.262  7.538   1.00 38.81 ? 74  PHE A CG  1 
ATOM   268 C  CD1 . PHE A 1 33  ? 11.800  11.180  8.063   1.00 42.06 ? 74  PHE A CD1 1 
ATOM   269 C  CD2 . PHE A 1 33  ? 10.244  10.566  6.343   1.00 40.37 ? 74  PHE A CD2 1 
ATOM   270 C  CE1 . PHE A 1 33  ? 12.057  12.387  7.409   1.00 42.44 ? 74  PHE A CE1 1 
ATOM   271 C  CE2 . PHE A 1 33  ? 10.492  11.766  5.683   1.00 42.89 ? 74  PHE A CE2 1 
ATOM   272 C  CZ  . PHE A 1 33  ? 11.402  12.680  6.220   1.00 43.26 ? 74  PHE A CZ  1 
ATOM   273 N  N   . PHE A 1 34  ? 7.401   9.200   9.234   1.00 29.26 ? 75  PHE A N   1 
ATOM   274 C  CA  . PHE A 1 34  ? 6.094   9.781   8.934   1.00 28.88 ? 75  PHE A CA  1 
ATOM   275 C  C   . PHE A 1 34  ? 5.209   9.998   10.148  1.00 29.66 ? 75  PHE A C   1 
ATOM   276 O  O   . PHE A 1 34  ? 4.061   10.421  10.011  1.00 29.81 ? 75  PHE A O   1 
ATOM   277 C  CB  . PHE A 1 34  ? 5.349   8.901   7.919   1.00 25.98 ? 75  PHE A CB  1 
ATOM   278 C  CG  . PHE A 1 34  ? 6.102   8.695   6.636   1.00 25.86 ? 75  PHE A CG  1 
ATOM   279 C  CD1 . PHE A 1 34  ? 7.043   7.678   6.521   1.00 24.04 ? 75  PHE A CD1 1 
ATOM   280 C  CD2 . PHE A 1 34  ? 5.910   9.554   5.558   1.00 22.74 ? 75  PHE A CD2 1 
ATOM   281 C  CE1 . PHE A 1 34  ? 7.781   7.521   5.355   1.00 23.30 ? 75  PHE A CE1 1 
ATOM   282 C  CE2 . PHE A 1 34  ? 6.647   9.404   4.383   1.00 23.45 ? 75  PHE A CE2 1 
ATOM   283 C  CZ  . PHE A 1 34  ? 7.584   8.387   4.282   1.00 22.08 ? 75  PHE A CZ  1 
ATOM   284 N  N   . TYR A 1 35  ? 5.735   9.713   11.334  1.00 30.92 ? 76  TYR A N   1 
ATOM   285 C  CA  . TYR A 1 35  ? 4.971   9.888   12.564  1.00 32.49 ? 76  TYR A CA  1 
ATOM   286 C  C   . TYR A 1 35  ? 4.845   11.362  12.952  1.00 33.22 ? 76  TYR A C   1 
ATOM   287 O  O   . TYR A 1 35  ? 5.735   12.172  12.685  1.00 32.71 ? 76  TYR A O   1 
ATOM   288 C  CB  . TYR A 1 35  ? 5.630   9.124   13.714  1.00 34.19 ? 76  TYR A CB  1 
ATOM   289 C  CG  . TYR A 1 35  ? 4.770   9.043   14.961  1.00 36.51 ? 76  TYR A CG  1 
ATOM   290 C  CD1 . TYR A 1 35  ? 3.542   8.390   14.937  1.00 36.72 ? 76  TYR A CD1 1 
ATOM   291 C  CD2 . TYR A 1 35  ? 5.185   9.618   16.161  1.00 37.28 ? 76  TYR A CD2 1 
ATOM   292 C  CE1 . TYR A 1 35  ? 2.746   8.309   16.074  1.00 38.31 ? 76  TYR A CE1 1 
ATOM   293 C  CE2 . TYR A 1 35  ? 4.397   9.543   17.305  1.00 37.34 ? 76  TYR A CE2 1 
ATOM   294 C  CZ  . TYR A 1 35  ? 3.179   8.888   17.253  1.00 37.47 ? 76  TYR A CZ  1 
ATOM   295 O  OH  . TYR A 1 35  ? 2.385   8.816   18.374  1.00 39.71 ? 76  TYR A OH  1 
ATOM   296 N  N   . HIS A 1 36  ? 3.722   11.695  13.576  1.00 34.16 ? 77  HIS A N   1 
ATOM   297 C  CA  . HIS A 1 36  ? 3.446   13.051  14.036  1.00 36.14 ? 77  HIS A CA  1 
ATOM   298 C  C   . HIS A 1 36  ? 3.102   12.948  15.509  1.00 36.43 ? 77  HIS A C   1 
ATOM   299 O  O   . HIS A 1 36  ? 1.969   12.634  15.868  1.00 36.93 ? 77  HIS A O   1 
ATOM   300 C  CB  . HIS A 1 36  ? 2.270   13.648  13.268  1.00 38.50 ? 77  HIS A CB  1 
ATOM   301 C  CG  . HIS A 1 36  ? 2.614   14.060  11.872  1.00 41.29 ? 77  HIS A CG  1 
ATOM   302 N  ND1 . HIS A 1 36  ? 3.374   13.273  11.034  1.00 40.95 ? 77  HIS A ND1 1 
ATOM   303 C  CD2 . HIS A 1 36  ? 2.330   15.185  11.176  1.00 42.80 ? 77  HIS A CD2 1 
ATOM   304 C  CE1 . HIS A 1 36  ? 3.551   13.900  9.886   1.00 41.63 ? 77  HIS A CE1 1 
ATOM   305 N  NE2 . HIS A 1 36  ? 2.926   15.061  9.946   1.00 43.77 ? 77  HIS A NE2 1 
ATOM   306 N  N   . PRO A 1 37  ? 4.086   13.199  16.384  1.00 37.46 ? 78  PRO A N   1 
ATOM   307 C  CA  . PRO A 1 37  ? 3.892   13.131  17.833  1.00 38.35 ? 78  PRO A CA  1 
ATOM   308 C  C   . PRO A 1 37  ? 2.658   13.898  18.294  1.00 39.40 ? 78  PRO A C   1 
ATOM   309 O  O   . PRO A 1 37  ? 1.832   13.385  19.045  1.00 38.21 ? 78  PRO A O   1 
ATOM   310 C  CB  . PRO A 1 37  ? 5.185   13.731  18.376  1.00 38.08 ? 78  PRO A CB  1 
ATOM   311 C  CG  . PRO A 1 37  ? 6.194   13.319  17.350  1.00 37.67 ? 78  PRO A CG  1 
ATOM   312 C  CD  . PRO A 1 37  ? 5.460   13.629  16.066  1.00 38.59 ? 78  PRO A CD  1 
ATOM   313 N  N   . GLU A 1 38  ? 2.542   15.132  17.829  1.00 40.38 ? 79  GLU A N   1 
ATOM   314 C  CA  . GLU A 1 38  ? 1.427   15.982  18.197  1.00 43.56 ? 79  GLU A CA  1 
ATOM   315 C  C   . GLU A 1 38  ? 0.063   15.317  18.034  1.00 43.74 ? 79  GLU A C   1 
ATOM   316 O  O   . GLU A 1 38  ? -0.840  15.546  18.841  1.00 44.16 ? 79  GLU A O   1 
ATOM   317 C  CB  . GLU A 1 38  ? 1.485   17.270  17.379  1.00 46.01 ? 79  GLU A CB  1 
ATOM   318 C  CG  . GLU A 1 38  ? 2.811   17.992  17.537  1.00 52.78 ? 79  GLU A CG  1 
ATOM   319 C  CD  . GLU A 1 38  ? 2.858   19.316  16.806  1.00 55.62 ? 79  GLU A CD  1 
ATOM   320 O  OE1 . GLU A 1 38  ? 3.909   19.993  16.881  1.00 57.74 ? 79  GLU A OE1 1 
ATOM   321 O  OE2 . GLU A 1 38  ? 1.849   19.677  16.161  1.00 57.64 ? 79  GLU A OE2 1 
ATOM   322 N  N   . THR A 1 39  ? -0.084  14.486  17.005  1.00 42.75 ? 80  THR A N   1 
ATOM   323 C  CA  . THR A 1 39  ? -1.363  13.825  16.752  1.00 41.33 ? 80  THR A CA  1 
ATOM   324 C  C   . THR A 1 39  ? -1.394  12.323  17.017  1.00 40.81 ? 80  THR A C   1 
ATOM   325 O  O   . THR A 1 39  ? -2.454  11.703  16.920  1.00 39.96 ? 80  THR A O   1 
ATOM   326 C  CB  . THR A 1 39  ? -1.836  14.076  15.295  1.00 41.30 ? 80  THR A CB  1 
ATOM   327 O  OG1 . THR A 1 39  ? -0.783  13.751  14.379  1.00 39.88 ? 80  THR A OG1 1 
ATOM   328 C  CG2 . THR A 1 39  ? -2.219  15.530  15.110  1.00 42.36 ? 80  THR A CG2 1 
ATOM   329 N  N   . GLN A 1 40  ? -0.247  11.741  17.354  1.00 40.40 ? 81  GLN A N   1 
ATOM   330 C  CA  . GLN A 1 40  ? -0.162  10.306  17.629  1.00 39.52 ? 81  GLN A CA  1 
ATOM   331 C  C   . GLN A 1 40  ? -0.572  9.459   16.432  1.00 37.61 ? 81  GLN A C   1 
ATOM   332 O  O   . GLN A 1 40  ? -1.253  8.447   16.585  1.00 37.21 ? 81  GLN A O   1 
ATOM   333 C  CB  . GLN A 1 40  ? -1.049  9.908   18.817  1.00 41.50 ? 81  GLN A CB  1 
ATOM   334 C  CG  . GLN A 1 40  ? -0.502  10.264  20.191  1.00 45.35 ? 81  GLN A CG  1 
ATOM   335 C  CD  . GLN A 1 40  ? -1.027  11.586  20.699  1.00 47.47 ? 81  GLN A CD  1 
ATOM   336 O  OE1 . GLN A 1 40  ? -0.801  12.635  20.092  1.00 48.08 ? 81  GLN A OE1 1 
ATOM   337 N  NE2 . GLN A 1 40  ? -1.741  11.544  21.820  1.00 48.69 ? 81  GLN A NE2 1 
ATOM   338 N  N   . GLN A 1 41  ? -0.159  9.872   15.240  1.00 35.87 ? 82  GLN A N   1 
ATOM   339 C  CA  . GLN A 1 41  ? -0.494  9.128   14.035  1.00 33.45 ? 82  GLN A CA  1 
ATOM   340 C  C   . GLN A 1 41  ? 0.521   9.381   12.935  1.00 31.93 ? 82  GLN A C   1 
ATOM   341 O  O   . GLN A 1 41  ? 1.300   10.335  12.998  1.00 32.29 ? 82  GLN A O   1 
ATOM   342 C  CB  . GLN A 1 41  ? -1.891  9.516   13.550  1.00 34.41 ? 82  GLN A CB  1 
ATOM   343 C  CG  . GLN A 1 41  ? -2.085  11.004  13.365  1.00 35.30 ? 82  GLN A CG  1 
ATOM   344 C  CD  . GLN A 1 41  ? -3.466  11.358  12.846  1.00 37.10 ? 82  GLN A CD  1 
ATOM   345 O  OE1 . GLN A 1 41  ? -4.482  10.905  13.378  1.00 36.81 ? 82  GLN A OE1 1 
ATOM   346 N  NE2 . GLN A 1 41  ? -3.510  12.188  11.809  1.00 37.01 ? 82  GLN A NE2 1 
ATOM   347 N  N   . TYR A 1 42  ? 0.518   8.514   11.929  1.00 29.34 ? 83  TYR A N   1 
ATOM   348 C  CA  . TYR A 1 42  ? 1.431   8.665   10.809  1.00 27.78 ? 83  TYR A CA  1 
ATOM   349 C  C   . TYR A 1 42  ? 0.706   9.350   9.669   1.00 26.61 ? 83  TYR A C   1 
ATOM   350 O  O   . TYR A 1 42  ? -0.469  9.075   9.423   1.00 27.61 ? 83  TYR A O   1 
ATOM   351 C  CB  . TYR A 1 42  ? 1.942   7.304   10.347  1.00 28.25 ? 83  TYR A CB  1 
ATOM   352 C  CG  . TYR A 1 42  ? 2.675   6.547   11.424  1.00 29.92 ? 83  TYR A CG  1 
ATOM   353 C  CD1 . TYR A 1 42  ? 1.981   5.887   12.436  1.00 29.52 ? 83  TYR A CD1 1 
ATOM   354 C  CD2 . TYR A 1 42  ? 4.069   6.518   11.450  1.00 30.57 ? 83  TYR A CD2 1 
ATOM   355 C  CE1 . TYR A 1 42  ? 2.660   5.211   13.451  1.00 32.03 ? 83  TYR A CE1 1 
ATOM   356 C  CE2 . TYR A 1 42  ? 4.755   5.852   12.461  1.00 31.47 ? 83  TYR A CE2 1 
ATOM   357 C  CZ  . TYR A 1 42  ? 4.045   5.199   13.456  1.00 31.81 ? 83  TYR A CZ  1 
ATOM   358 O  OH  . TYR A 1 42  ? 4.727   4.531   14.449  1.00 34.53 ? 83  TYR A OH  1 
ATOM   359 N  N   . PHE A 1 43  ? 1.395   10.255  8.984   1.00 24.15 ? 84  PHE A N   1 
ATOM   360 C  CA  . PHE A 1 43  ? 0.783   10.947  7.865   1.00 23.29 ? 84  PHE A CA  1 
ATOM   361 C  C   . PHE A 1 43  ? 1.485   10.625  6.554   1.00 22.70 ? 84  PHE A C   1 
ATOM   362 O  O   . PHE A 1 43  ? 2.713   10.559  6.489   1.00 22.73 ? 84  PHE A O   1 
ATOM   363 C  CB  . PHE A 1 43  ? 0.796   12.461  8.062   1.00 22.26 ? 84  PHE A CB  1 
ATOM   364 C  CG  . PHE A 1 43  ? 0.038   13.202  6.990   1.00 23.14 ? 84  PHE A CG  1 
ATOM   365 C  CD1 . PHE A 1 43  ? -1.357  13.218  6.991   1.00 21.61 ? 84  PHE A CD1 1 
ATOM   366 C  CD2 . PHE A 1 43  ? 0.713   13.835  5.951   1.00 19.87 ? 84  PHE A CD2 1 
ATOM   367 C  CE1 . PHE A 1 43  ? -2.065  13.851  5.978   1.00 20.56 ? 84  PHE A CE1 1 
ATOM   368 C  CE2 . PHE A 1 43  ? 0.015   14.473  4.931   1.00 21.02 ? 84  PHE A CE2 1 
ATOM   369 C  CZ  . PHE A 1 43  ? -1.381  14.481  4.943   1.00 20.88 ? 84  PHE A CZ  1 
ATOM   370 N  N   . PHE A 1 44  ? 0.692   10.429  5.509   1.00 21.71 ? 85  PHE A N   1 
ATOM   371 C  CA  . PHE A 1 44  ? 1.216   10.126  4.185   1.00 20.95 ? 85  PHE A CA  1 
ATOM   372 C  C   . PHE A 1 44  ? 0.445   10.999  3.208   1.00 22.72 ? 85  PHE A C   1 
ATOM   373 O  O   . PHE A 1 44  ? -0.789  11.003  3.213   1.00 23.07 ? 85  PHE A O   1 
ATOM   374 C  CB  . PHE A 1 44  ? 1.007   8.644   3.851   1.00 20.43 ? 85  PHE A CB  1 
ATOM   375 C  CG  . PHE A 1 44  ? 1.676   7.702   4.817   1.00 21.89 ? 85  PHE A CG  1 
ATOM   376 C  CD1 . PHE A 1 44  ? 2.998   7.310   4.630   1.00 23.84 ? 85  PHE A CD1 1 
ATOM   377 C  CD2 . PHE A 1 44  ? 0.998   7.252   5.949   1.00 22.13 ? 85  PHE A CD2 1 
ATOM   378 C  CE1 . PHE A 1 44  ? 3.640   6.482   5.561   1.00 22.51 ? 85  PHE A CE1 1 
ATOM   379 C  CE2 . PHE A 1 44  ? 1.629   6.428   6.883   1.00 22.90 ? 85  PHE A CE2 1 
ATOM   380 C  CZ  . PHE A 1 44  ? 2.954   6.044   6.688   1.00 22.03 ? 85  PHE A CZ  1 
ATOM   381 N  N   . ASP A 1 45  ? 1.167   11.755  2.383   1.00 23.38 ? 86  ASP A N   1 
ATOM   382 C  CA  . ASP A 1 45  ? 0.518   12.621  1.400   1.00 25.32 ? 86  ASP A CA  1 
ATOM   383 C  C   . ASP A 1 45  ? 0.307   11.832  0.111   1.00 23.68 ? 86  ASP A C   1 
ATOM   384 O  O   . ASP A 1 45  ? 0.494   12.356  -0.983  1.00 22.92 ? 86  ASP A O   1 
ATOM   385 C  CB  . ASP A 1 45  ? 1.377   13.859  1.111   1.00 26.57 ? 86  ASP A CB  1 
ATOM   386 C  CG  . ASP A 1 45  ? 2.669   13.524  0.377   1.00 31.45 ? 86  ASP A CG  1 
ATOM   387 O  OD1 . ASP A 1 45  ? 3.446   14.458  0.073   1.00 30.64 ? 86  ASP A OD1 1 
ATOM   388 O  OD2 . ASP A 1 45  ? 2.910   12.328  0.101   1.00 32.27 ? 86  ASP A OD2 1 
ATOM   389 N  N   . ARG A 1 46  ? -0.084  10.568  0.257   1.00 22.54 ? 87  ARG A N   1 
ATOM   390 C  CA  . ARG A 1 46  ? -0.301  9.694   -0.889  1.00 22.84 ? 87  ARG A CA  1 
ATOM   391 C  C   . ARG A 1 46  ? -1.786  9.508   -1.206  1.00 22.27 ? 87  ARG A C   1 
ATOM   392 O  O   . ARG A 1 46  ? -2.665  10.008  -0.500  1.00 22.44 ? 87  ARG A O   1 
ATOM   393 C  CB  . ARG A 1 46  ? 0.343   8.330   -0.632  1.00 21.22 ? 87  ARG A CB  1 
ATOM   394 C  CG  . ARG A 1 46  ? 1.760   8.397   -0.061  1.00 22.31 ? 87  ARG A CG  1 
ATOM   395 C  CD  . ARG A 1 46  ? 2.760   8.998   -1.032  1.00 23.67 ? 87  ARG A CD  1 
ATOM   396 N  NE  . ARG A 1 46  ? 2.804   8.281   -2.305  1.00 22.06 ? 87  ARG A NE  1 
ATOM   397 C  CZ  . ARG A 1 46  ? 3.739   8.464   -3.230  1.00 21.90 ? 87  ARG A CZ  1 
ATOM   398 N  NH1 . ARG A 1 46  ? 4.717   9.338   -3.028  1.00 19.51 ? 87  ARG A NH1 1 
ATOM   399 N  NH2 . ARG A 1 46  ? 3.698   7.777   -4.365  1.00 22.19 ? 87  ARG A NH2 1 
ATOM   400 N  N   . ASP A 1 47  ? -2.053  8.778   -2.281  1.00 22.06 ? 88  ASP A N   1 
ATOM   401 C  CA  . ASP A 1 47  ? -3.413  8.518   -2.720  1.00 20.97 ? 88  ASP A CA  1 
ATOM   402 C  C   . ASP A 1 47  ? -4.148  7.695   -1.674  1.00 19.45 ? 88  ASP A C   1 
ATOM   403 O  O   . ASP A 1 47  ? -3.747  6.583   -1.354  1.00 19.94 ? 88  ASP A O   1 
ATOM   404 C  CB  . ASP A 1 47  ? -3.392  7.776   -4.053  1.00 22.66 ? 88  ASP A CB  1 
ATOM   405 C  CG  . ASP A 1 47  ? -4.762  7.666   -4.672  1.00 24.42 ? 88  ASP A CG  1 
ATOM   406 O  OD1 . ASP A 1 47  ? -5.608  6.919   -4.132  1.00 23.71 ? 88  ASP A OD1 1 
ATOM   407 O  OD2 . ASP A 1 47  ? -4.991  8.338   -5.699  1.00 25.06 ? 88  ASP A OD2 1 
ATOM   408 N  N   . PRO A 1 48  ? -5.252  8.233   -1.140  1.00 20.33 ? 89  PRO A N   1 
ATOM   409 C  CA  . PRO A 1 48  ? -6.043  7.541   -0.119  1.00 18.68 ? 89  PRO A CA  1 
ATOM   410 C  C   . PRO A 1 48  ? -6.889  6.365   -0.629  1.00 20.32 ? 89  PRO A C   1 
ATOM   411 O  O   . PRO A 1 48  ? -7.250  5.471   0.140   1.00 21.41 ? 89  PRO A O   1 
ATOM   412 C  CB  . PRO A 1 48  ? -6.877  8.668   0.470   1.00 18.74 ? 89  PRO A CB  1 
ATOM   413 C  CG  . PRO A 1 48  ? -7.160  9.522   -0.736  1.00 20.39 ? 89  PRO A CG  1 
ATOM   414 C  CD  . PRO A 1 48  ? -5.826  9.555   -1.463  1.00 19.25 ? 89  PRO A CD  1 
ATOM   415 N  N   . ASP A 1 49  ? -7.207  6.353   -1.919  1.00 19.47 ? 90  ASP A N   1 
ATOM   416 C  CA  . ASP A 1 49  ? -8.004  5.257   -2.469  1.00 18.83 ? 90  ASP A CA  1 
ATOM   417 C  C   . ASP A 1 49  ? -7.180  4.009   -2.709  1.00 18.37 ? 90  ASP A C   1 
ATOM   418 O  O   . ASP A 1 49  ? -7.575  2.900   -2.333  1.00 17.39 ? 90  ASP A O   1 
ATOM   419 C  CB  . ASP A 1 49  ? -8.663  5.677   -3.779  1.00 18.86 ? 90  ASP A CB  1 
ATOM   420 C  CG  . ASP A 1 49  ? -10.007 6.299   -3.557  1.00 24.21 ? 90  ASP A CG  1 
ATOM   421 O  OD1 . ASP A 1 49  ? -10.098 7.183   -2.678  1.00 27.09 ? 90  ASP A OD1 1 
ATOM   422 O  OD2 . ASP A 1 49  ? -10.970 5.904   -4.252  1.00 28.34 ? 90  ASP A OD2 1 
ATOM   423 N  N   . ILE A 1 50  ? -6.040  4.198   -3.351  1.00 17.56 ? 91  ILE A N   1 
ATOM   424 C  CA  . ILE A 1 50  ? -5.150  3.097   -3.651  1.00 17.86 ? 91  ILE A CA  1 
ATOM   425 C  C   . ILE A 1 50  ? -4.558  2.519   -2.366  1.00 17.56 ? 91  ILE A C   1 
ATOM   426 O  O   . ILE A 1 50  ? -4.232  1.335   -2.314  1.00 19.75 ? 91  ILE A O   1 
ATOM   427 C  CB  . ILE A 1 50  ? -4.017  3.558   -4.603  1.00 15.71 ? 91  ILE A CB  1 
ATOM   428 C  CG1 . ILE A 1 50  ? -4.618  3.977   -5.947  1.00 16.32 ? 91  ILE A CG1 1 
ATOM   429 C  CG2 . ILE A 1 50  ? -3.027  2.446   -4.820  1.00 15.72 ? 91  ILE A CG2 1 
ATOM   430 C  CD1 . ILE A 1 50  ? -3.616  4.570   -6.924  1.00 16.96 ? 91  ILE A CD1 1 
ATOM   431 N  N   . PHE A 1 51  ? -4.432  3.342   -1.323  1.00 17.95 ? 92  PHE A N   1 
ATOM   432 C  CA  . PHE A 1 51  ? -3.868  2.854   -0.066  1.00 19.35 ? 92  PHE A CA  1 
ATOM   433 C  C   . PHE A 1 51  ? -4.618  1.652   0.522   1.00 19.31 ? 92  PHE A C   1 
ATOM   434 O  O   . PHE A 1 51  ? -4.020  0.836   1.226   1.00 19.66 ? 92  PHE A O   1 
ATOM   435 C  CB  . PHE A 1 51  ? -3.815  3.954   0.991   1.00 19.24 ? 92  PHE A CB  1 
ATOM   436 C  CG  . PHE A 1 51  ? -3.053  3.553   2.228   1.00 19.43 ? 92  PHE A CG  1 
ATOM   437 C  CD1 . PHE A 1 51  ? -1.660  3.502   2.216   1.00 18.47 ? 92  PHE A CD1 1 
ATOM   438 C  CD2 . PHE A 1 51  ? -3.727  3.179   3.391   1.00 20.87 ? 92  PHE A CD2 1 
ATOM   439 C  CE1 . PHE A 1 51  ? -0.950  3.083   3.338   1.00 17.29 ? 92  PHE A CE1 1 
ATOM   440 C  CE2 . PHE A 1 51  ? -3.025  2.758   4.524   1.00 18.41 ? 92  PHE A CE2 1 
ATOM   441 C  CZ  . PHE A 1 51  ? -1.634  2.711   4.496   1.00 18.41 ? 92  PHE A CZ  1 
ATOM   442 N  N   . ARG A 1 52  ? -5.918  1.548   0.243   1.00 19.58 ? 93  ARG A N   1 
ATOM   443 C  CA  . ARG A 1 52  ? -6.717  0.420   0.737   1.00 19.39 ? 93  ARG A CA  1 
ATOM   444 C  C   . ARG A 1 52  ? -6.088  -0.904  0.319   1.00 17.91 ? 93  ARG A C   1 
ATOM   445 O  O   . ARG A 1 52  ? -6.053  -1.862  1.093   1.00 18.54 ? 93  ARG A O   1 
ATOM   446 C  CB  . ARG A 1 52  ? -8.153  0.488   0.191   1.00 20.94 ? 93  ARG A CB  1 
ATOM   447 C  CG  . ARG A 1 52  ? -8.870  -0.862  0.193   1.00 25.29 ? 93  ARG A CG  1 
ATOM   448 C  CD  . ARG A 1 52  ? -10.339 -0.778  -0.221  1.00 27.86 ? 93  ARG A CD  1 
ATOM   449 N  NE  . ARG A 1 52  ? -10.561 -0.354  -1.603  1.00 23.95 ? 93  ARG A NE  1 
ATOM   450 C  CZ  . ARG A 1 52  ? -11.060 -1.141  -2.557  1.00 24.52 ? 93  ARG A CZ  1 
ATOM   451 N  NH1 . ARG A 1 52  ? -11.380 -2.402  -2.293  1.00 22.69 ? 93  ARG A NH1 1 
ATOM   452 N  NH2 . ARG A 1 52  ? -11.285 -0.654  -3.772  1.00 25.13 ? 93  ARG A NH2 1 
ATOM   453 N  N   . HIS A 1 53  ? -5.589  -0.949  -0.914  1.00 17.80 ? 94  HIS A N   1 
ATOM   454 C  CA  . HIS A 1 53  ? -4.972  -2.160  -1.440  1.00 18.83 ? 94  HIS A CA  1 
ATOM   455 C  C   . HIS A 1 53  ? -3.628  -2.434  -0.777  1.00 19.16 ? 94  HIS A C   1 
ATOM   456 O  O   . HIS A 1 53  ? -3.248  -3.588  -0.593  1.00 20.96 ? 94  HIS A O   1 
ATOM   457 C  CB  . HIS A 1 53  ? -4.805  -2.040  -2.953  1.00 19.44 ? 94  HIS A CB  1 
ATOM   458 C  CG  . HIS A 1 53  ? -6.060  -1.631  -3.648  1.00 19.84 ? 94  HIS A CG  1 
ATOM   459 N  ND1 . HIS A 1 53  ? -7.188  -2.423  -3.668  1.00 20.29 ? 94  HIS A ND1 1 
ATOM   460 C  CD2 . HIS A 1 53  ? -6.400  -0.473  -4.264  1.00 19.14 ? 94  HIS A CD2 1 
ATOM   461 C  CE1 . HIS A 1 53  ? -8.170  -1.767  -4.259  1.00 21.16 ? 94  HIS A CE1 1 
ATOM   462 N  NE2 . HIS A 1 53  ? -7.718  -0.582  -4.629  1.00 21.02 ? 94  HIS A NE2 1 
ATOM   463 N  N   . ILE A 1 54  ? -2.915  -1.373  -0.421  1.00 18.76 ? 95  ILE A N   1 
ATOM   464 C  CA  . ILE A 1 54  ? -1.627  -1.515  0.248   1.00 18.36 ? 95  ILE A CA  1 
ATOM   465 C  C   . ILE A 1 54  ? -1.865  -2.178  1.604   1.00 19.14 ? 95  ILE A C   1 
ATOM   466 O  O   . ILE A 1 54  ? -1.283  -3.216  1.908   1.00 19.62 ? 95  ILE A O   1 
ATOM   467 C  CB  . ILE A 1 54  ? -0.968  -0.147  0.499   1.00 19.03 ? 95  ILE A CB  1 
ATOM   468 C  CG1 . ILE A 1 54  ? -0.791  0.604   -0.822  1.00 19.61 ? 95  ILE A CG1 1 
ATOM   469 C  CG2 . ILE A 1 54  ? 0.372   -0.336  1.224   1.00 17.85 ? 95  ILE A CG2 1 
ATOM   470 C  CD1 . ILE A 1 54  ? 0.172   -0.031  -1.768  1.00 19.82 ? 95  ILE A CD1 1 
ATOM   471 N  N   . LEU A 1 55  ? -2.732  -1.569  2.412   1.00 19.77 ? 96  LEU A N   1 
ATOM   472 C  CA  . LEU A 1 55  ? -3.055  -2.082  3.741   1.00 19.72 ? 96  LEU A CA  1 
ATOM   473 C  C   . LEU A 1 55  ? -3.600  -3.511  3.721   1.00 21.10 ? 96  LEU A C   1 
ATOM   474 O  O   . LEU A 1 55  ? -3.183  -4.346  4.525   1.00 21.25 ? 96  LEU A O   1 
ATOM   475 C  CB  . LEU A 1 55  ? -4.066  -1.159  4.440   1.00 21.16 ? 96  LEU A CB  1 
ATOM   476 C  CG  . LEU A 1 55  ? -4.415  -1.485  5.903   1.00 21.42 ? 96  LEU A CG  1 
ATOM   477 C  CD1 . LEU A 1 55  ? -3.130  -1.565  6.729   1.00 19.74 ? 96  LEU A CD1 1 
ATOM   478 C  CD2 . LEU A 1 55  ? -5.339  -0.415  6.475   1.00 19.66 ? 96  LEU A CD2 1 
ATOM   479 N  N   . ASN A 1 56  ? -4.537  -3.783  2.813   1.00 22.67 ? 97  ASN A N   1 
ATOM   480 C  CA  . ASN A 1 56  ? -5.128  -5.115  2.694   1.00 22.78 ? 97  ASN A CA  1 
ATOM   481 C  C   . ASN A 1 56  ? -4.069  -6.184  2.532   1.00 21.81 ? 97  ASN A C   1 
ATOM   482 O  O   . ASN A 1 56  ? -4.205  -7.288  3.051   1.00 21.25 ? 97  ASN A O   1 
ATOM   483 C  CB  . ASN A 1 56  ? -6.080  -5.195  1.496   1.00 23.45 ? 97  ASN A CB  1 
ATOM   484 C  CG  . ASN A 1 56  ? -7.419  -4.547  1.767   1.00 24.86 ? 97  ASN A CG  1 
ATOM   485 O  OD1 . ASN A 1 56  ? -7.949  -4.633  2.873   1.00 25.55 ? 97  ASN A OD1 1 
ATOM   486 N  ND2 . ASN A 1 56  ? -7.985  -3.912  0.749   1.00 24.99 ? 97  ASN A ND2 1 
ATOM   487 N  N   . PHE A 1 57  ? -3.013  -5.855  1.796   1.00 20.88 ? 98  PHE A N   1 
ATOM   488 C  CA  . PHE A 1 57  ? -1.926  -6.794  1.572   1.00 22.19 ? 98  PHE A CA  1 
ATOM   489 C  C   . PHE A 1 57  ? -1.373  -7.381  2.876   1.00 22.89 ? 98  PHE A C   1 
ATOM   490 O  O   . PHE A 1 57  ? -1.047  -8.563  2.936   1.00 22.91 ? 98  PHE A O   1 
ATOM   491 C  CB  . PHE A 1 57  ? -0.792  -6.108  0.806   1.00 22.32 ? 98  PHE A CB  1 
ATOM   492 C  CG  . PHE A 1 57  ? 0.519   -6.826  0.903   1.00 23.61 ? 98  PHE A CG  1 
ATOM   493 C  CD1 . PHE A 1 57  ? 0.839   -7.844  0.012   1.00 22.98 ? 98  PHE A CD1 1 
ATOM   494 C  CD2 . PHE A 1 57  ? 1.425   -6.509  1.920   1.00 24.04 ? 98  PHE A CD2 1 
ATOM   495 C  CE1 . PHE A 1 57  ? 2.039   -8.539  0.127   1.00 24.77 ? 98  PHE A CE1 1 
ATOM   496 C  CE2 . PHE A 1 57  ? 2.626   -7.198  2.047   1.00 24.12 ? 98  PHE A CE2 1 
ATOM   497 C  CZ  . PHE A 1 57  ? 2.934   -8.218  1.145   1.00 24.47 ? 98  PHE A CZ  1 
ATOM   498 N  N   . TYR A 1 58  ? -1.267  -6.559  3.915   1.00 22.93 ? 99  TYR A N   1 
ATOM   499 C  CA  . TYR A 1 58  ? -0.718  -7.030  5.182   1.00 25.29 ? 99  TYR A CA  1 
ATOM   500 C  C   . TYR A 1 58  ? -1.504  -8.157  5.841   1.00 27.73 ? 99  TYR A C   1 
ATOM   501 O  O   . TYR A 1 58  ? -0.929  -8.980  6.547   1.00 26.69 ? 99  TYR A O   1 
ATOM   502 C  CB  . TYR A 1 58  ? -0.544  -5.860  6.160   1.00 24.23 ? 99  TYR A CB  1 
ATOM   503 C  CG  . TYR A 1 58  ? 0.595   -4.947  5.760   1.00 22.92 ? 99  TYR A CG  1 
ATOM   504 C  CD1 . TYR A 1 58  ? 0.436   -4.001  4.747   1.00 21.10 ? 99  TYR A CD1 1 
ATOM   505 C  CD2 . TYR A 1 58  ? 1.860   -5.100  6.327   1.00 23.03 ? 99  TYR A CD2 1 
ATOM   506 C  CE1 . TYR A 1 58  ? 1.512   -3.236  4.300   1.00 20.38 ? 99  TYR A CE1 1 
ATOM   507 C  CE2 . TYR A 1 58  ? 2.945   -4.343  5.892   1.00 21.64 ? 99  TYR A CE2 1 
ATOM   508 C  CZ  . TYR A 1 58  ? 2.768   -3.416  4.876   1.00 21.49 ? 99  TYR A CZ  1 
ATOM   509 O  OH  . TYR A 1 58  ? 3.847   -2.691  4.426   1.00 17.00 ? 99  TYR A OH  1 
ATOM   510 N  N   . ARG A 1 59  ? -2.807  -8.213  5.591   1.00 29.46 ? 100 ARG A N   1 
ATOM   511 C  CA  . ARG A 1 59  ? -3.639  -9.252  6.180   1.00 31.73 ? 100 ARG A CA  1 
ATOM   512 C  C   . ARG A 1 59  ? -3.584  -10.556 5.393   1.00 34.23 ? 100 ARG A C   1 
ATOM   513 O  O   . ARG A 1 59  ? -3.561  -11.646 5.966   1.00 35.61 ? 100 ARG A O   1 
ATOM   514 C  CB  . ARG A 1 59  ? -5.094  -8.787  6.250   1.00 33.99 ? 100 ARG A CB  1 
ATOM   515 C  CG  . ARG A 1 59  ? -6.009  -9.766  6.975   1.00 36.64 ? 100 ARG A CG  1 
ATOM   516 C  CD  . ARG A 1 59  ? -7.479  -9.355  6.907   1.00 37.99 ? 100 ARG A CD  1 
ATOM   517 N  NE  . ARG A 1 59  ? -8.210  -10.092 5.881   1.00 40.57 ? 100 ARG A NE  1 
ATOM   518 C  CZ  . ARG A 1 59  ? -8.185  -9.811  4.585   1.00 42.85 ? 100 ARG A CZ  1 
ATOM   519 N  NH1 . ARG A 1 59  ? -7.465  -8.794  4.133   1.00 46.68 ? 100 ARG A NH1 1 
ATOM   520 N  NH2 . ARG A 1 59  ? -8.874  -10.557 3.735   1.00 42.96 ? 100 ARG A NH2 1 
ATOM   521 N  N   . THR A 1 60  ? -3.562  -10.439 4.073   1.00 34.43 ? 101 THR A N   1 
ATOM   522 C  CA  . THR A 1 60  ? -3.559  -11.607 3.212   1.00 34.48 ? 101 THR A CA  1 
ATOM   523 C  C   . THR A 1 60  ? -2.186  -11.998 2.678   1.00 33.69 ? 101 THR A C   1 
ATOM   524 O  O   . THR A 1 60  ? -1.959  -13.160 2.353   1.00 34.39 ? 101 THR A O   1 
ATOM   525 C  CB  . THR A 1 60  ? -4.501  -11.384 2.006   1.00 35.36 ? 101 THR A CB  1 
ATOM   526 O  OG1 . THR A 1 60  ? -3.972  -10.346 1.169   1.00 32.92 ? 101 THR A OG1 1 
ATOM   527 C  CG2 . THR A 1 60  ? -5.885  -10.972 2.484   1.00 36.20 ? 101 THR A CG2 1 
ATOM   528 N  N   . GLY A 1 61  ? -1.277  -11.029 2.592   1.00 32.20 ? 102 GLY A N   1 
ATOM   529 C  CA  . GLY A 1 61  ? 0.044   -11.299 2.051   1.00 30.90 ? 102 GLY A CA  1 
ATOM   530 C  C   . GLY A 1 61  ? -0.094  -11.332 0.540   1.00 30.19 ? 102 GLY A C   1 
ATOM   531 O  O   . GLY A 1 61  ? 0.828   -11.693 -0.197  1.00 29.78 ? 102 GLY A O   1 
ATOM   532 N  N   . LYS A 1 62  ? -1.278  -10.932 0.096   1.00 28.65 ? 103 LYS A N   1 
ATOM   533 C  CA  . LYS A 1 62  ? -1.634  -10.900 -1.308  1.00 29.75 ? 103 LYS A CA  1 
ATOM   534 C  C   . LYS A 1 62  ? -2.166  -9.520  -1.705  1.00 29.45 ? 103 LYS A C   1 
ATOM   535 O  O   . LYS A 1 62  ? -2.734  -8.785  -0.892  1.00 28.79 ? 103 LYS A O   1 
ATOM   536 C  CB  . LYS A 1 62  ? -2.665  -11.985 -1.622  1.00 30.59 ? 103 LYS A CB  1 
ATOM   537 N  N   . LEU A 1 63  ? -1.993  -9.183  -2.972  1.00 27.40 ? 104 LEU A N   1 
ATOM   538 C  CA  . LEU A 1 63  ? -2.415  -7.891  -3.476  1.00 27.11 ? 104 LEU A CA  1 
ATOM   539 C  C   . LEU A 1 63  ? -3.515  -8.033  -4.511  1.00 25.53 ? 104 LEU A C   1 
ATOM   540 O  O   . LEU A 1 63  ? -3.493  -8.949  -5.328  1.00 26.37 ? 104 LEU A O   1 
ATOM   541 C  CB  . LEU A 1 63  ? -1.226  -7.132  -4.066  1.00 25.54 ? 104 LEU A CB  1 
ATOM   542 C  CG  . LEU A 1 63  ? -1.467  -5.665  -4.421  1.00 26.03 ? 104 LEU A CG  1 
ATOM   543 C  CD1 . LEU A 1 63  ? -1.632  -4.827  -3.162  1.00 25.60 ? 104 LEU A CD1 1 
ATOM   544 C  CD2 . LEU A 1 63  ? -0.332  -5.125  -5.278  1.00 24.50 ? 104 LEU A CD2 1 
ATOM   545 N  N   . HIS A 1 64  ? -4.485  -7.131  -4.459  1.00 23.85 ? 105 HIS A N   1 
ATOM   546 C  CA  . HIS A 1 64  ? -5.567  -7.114  -5.428  1.00 23.45 ? 105 HIS A CA  1 
ATOM   547 C  C   . HIS A 1 64  ? -5.329  -5.843  -6.252  1.00 24.85 ? 105 HIS A C   1 
ATOM   548 O  O   . HIS A 1 64  ? -4.767  -4.868  -5.739  1.00 23.39 ? 105 HIS A O   1 
ATOM   549 C  CB  . HIS A 1 64  ? -6.931  -7.041  -4.727  1.00 22.48 ? 105 HIS A CB  1 
ATOM   550 C  CG  . HIS A 1 64  ? -7.335  -8.316  -4.051  1.00 18.57 ? 105 HIS A CG  1 
ATOM   551 N  ND1 . HIS A 1 64  ? -7.501  -9.501  -4.734  1.00 19.74 ? 105 HIS A ND1 1 
ATOM   552 C  CD2 . HIS A 1 64  ? -7.625  -8.585  -2.757  1.00 20.18 ? 105 HIS A CD2 1 
ATOM   553 C  CE1 . HIS A 1 64  ? -7.879  -10.446 -3.890  1.00 19.42 ? 105 HIS A CE1 1 
ATOM   554 N  NE2 . HIS A 1 64  ? -7.962  -9.916  -2.683  1.00 21.04 ? 105 HIS A NE2 1 
ATOM   555 N  N   . TYR A 1 65  ? -5.731  -5.864  -7.522  1.00 23.49 ? 106 TYR A N   1 
ATOM   556 C  CA  . TYR A 1 65  ? -5.557  -4.712  -8.403  1.00 25.17 ? 106 TYR A CA  1 
ATOM   557 C  C   . TYR A 1 65  ? -6.899  -4.185  -8.898  1.00 27.11 ? 106 TYR A C   1 
ATOM   558 O  O   . TYR A 1 65  ? -7.642  -4.894  -9.580  1.00 27.01 ? 106 TYR A O   1 
ATOM   559 C  CB  . TYR A 1 65  ? -4.677  -5.070  -9.612  1.00 25.02 ? 106 TYR A CB  1 
ATOM   560 C  CG  . TYR A 1 65  ? -4.707  -4.021  -10.705 1.00 27.00 ? 106 TYR A CG  1 
ATOM   561 C  CD1 . TYR A 1 65  ? -4.256  -2.720  -10.469 1.00 27.09 ? 106 TYR A CD1 1 
ATOM   562 C  CD2 . TYR A 1 65  ? -5.245  -4.311  -11.959 1.00 29.48 ? 106 TYR A CD2 1 
ATOM   563 C  CE1 . TYR A 1 65  ? -4.347  -1.731  -11.451 1.00 28.25 ? 106 TYR A CE1 1 
ATOM   564 C  CE2 . TYR A 1 65  ? -5.342  -3.329  -12.950 1.00 30.32 ? 106 TYR A CE2 1 
ATOM   565 C  CZ  . TYR A 1 65  ? -4.894  -2.043  -12.687 1.00 29.78 ? 106 TYR A CZ  1 
ATOM   566 O  OH  . TYR A 1 65  ? -5.012  -1.068  -13.653 1.00 29.41 ? 106 TYR A OH  1 
ATOM   567 N  N   . PRO A 1 66  ? -7.219  -2.924  -8.569  1.00 27.84 ? 107 PRO A N   1 
ATOM   568 C  CA  . PRO A 1 66  ? -8.471  -2.288  -8.974  1.00 30.05 ? 107 PRO A CA  1 
ATOM   569 C  C   . PRO A 1 66  ? -8.443  -1.927  -10.453 1.00 32.81 ? 107 PRO A C   1 
ATOM   570 O  O   . PRO A 1 66  ? -7.662  -1.071  -10.881 1.00 32.97 ? 107 PRO A O   1 
ATOM   571 C  CB  . PRO A 1 66  ? -8.529  -1.059  -8.075  1.00 29.39 ? 107 PRO A CB  1 
ATOM   572 C  CG  . PRO A 1 66  ? -7.098  -0.667  -7.979  1.00 29.81 ? 107 PRO A CG  1 
ATOM   573 C  CD  . PRO A 1 66  ? -6.410  -2.005  -7.749  1.00 29.12 ? 107 PRO A CD  1 
ATOM   574 N  N   . ARG A 1 67  ? -9.300  -2.582  -11.228 1.00 34.67 ? 108 ARG A N   1 
ATOM   575 C  CA  . ARG A 1 67  ? -9.379  -2.353  -12.667 1.00 37.28 ? 108 ARG A CA  1 
ATOM   576 C  C   . ARG A 1 67  ? -9.578  -0.886  -13.031 1.00 37.56 ? 108 ARG A C   1 
ATOM   577 O  O   . ARG A 1 67  ? -8.981  -0.390  -13.988 1.00 38.02 ? 108 ARG A O   1 
ATOM   578 C  CB  . ARG A 1 67  ? -10.533 -3.159  -13.264 1.00 39.22 ? 108 ARG A CB  1 
ATOM   579 N  N   . HIS A 1 68  ? -10.420 -0.196  -12.268 1.00 37.62 ? 109 HIS A N   1 
ATOM   580 C  CA  . HIS A 1 68  ? -10.718 1.204   -12.544 1.00 38.36 ? 109 HIS A CA  1 
ATOM   581 C  C   . HIS A 1 68  ? -9.563  2.168   -12.299 1.00 37.30 ? 109 HIS A C   1 
ATOM   582 O  O   . HIS A 1 68  ? -9.551  3.282   -12.825 1.00 36.92 ? 109 HIS A O   1 
ATOM   583 C  CB  . HIS A 1 68  ? -11.948 1.644   -11.740 1.00 41.00 ? 109 HIS A CB  1 
ATOM   584 C  CG  . HIS A 1 68  ? -11.792 1.502   -10.258 1.00 43.45 ? 109 HIS A CG  1 
ATOM   585 N  ND1 . HIS A 1 68  ? -11.577 0.286   -9.643  1.00 45.10 ? 109 HIS A ND1 1 
ATOM   586 C  CD2 . HIS A 1 68  ? -11.837 2.421   -9.265  1.00 44.49 ? 109 HIS A CD2 1 
ATOM   587 C  CE1 . HIS A 1 68  ? -11.498 0.465   -8.336  1.00 45.40 ? 109 HIS A CE1 1 
ATOM   588 N  NE2 . HIS A 1 68  ? -11.653 1.751   -8.080  1.00 45.69 ? 109 HIS A NE2 1 
ATOM   589 N  N   . GLU A 1 69  ? -8.583  1.743   -11.512 1.00 35.24 ? 110 GLU A N   1 
ATOM   590 C  CA  . GLU A 1 69  ? -7.443  2.601   -11.218 1.00 33.58 ? 110 GLU A CA  1 
ATOM   591 C  C   . GLU A 1 69  ? -6.395  2.565   -12.336 1.00 31.19 ? 110 GLU A C   1 
ATOM   592 O  O   . GLU A 1 69  ? -6.261  1.569   -13.054 1.00 30.01 ? 110 GLU A O   1 
ATOM   593 C  CB  . GLU A 1 69  ? -6.791  2.168   -9.903  1.00 34.73 ? 110 GLU A CB  1 
ATOM   594 C  CG  . GLU A 1 69  ? -6.327  3.311   -9.027  1.00 36.85 ? 110 GLU A CG  1 
ATOM   595 C  CD  . GLU A 1 69  ? -7.473  3.984   -8.285  1.00 39.45 ? 110 GLU A CD  1 
ATOM   596 O  OE1 . GLU A 1 69  ? -8.105  3.326   -7.428  1.00 39.22 ? 110 GLU A OE1 1 
ATOM   597 O  OE2 . GLU A 1 69  ? -7.742  5.173   -8.557  1.00 40.98 ? 110 GLU A OE2 1 
ATOM   598 N  N   . CYS A 1 70  ? -5.667  3.665   -12.480 1.00 28.55 ? 111 CYS A N   1 
ATOM   599 C  CA  . CYS A 1 70  ? -4.603  3.763   -13.470 1.00 26.93 ? 111 CYS A CA  1 
ATOM   600 C  C   . CYS A 1 70  ? -3.457  2.870   -12.991 1.00 25.70 ? 111 CYS A C   1 
ATOM   601 O  O   . CYS A 1 70  ? -3.010  2.997   -11.850 1.00 25.00 ? 111 CYS A O   1 
ATOM   602 C  CB  . CYS A 1 70  ? -4.120  5.204   -13.576 1.00 26.01 ? 111 CYS A CB  1 
ATOM   603 S  SG  . CYS A 1 70  ? -2.562  5.391   -14.452 1.00 23.92 ? 111 CYS A SG  1 
ATOM   604 N  N   . ILE A 1 71  ? -2.987  1.980   -13.863 1.00 24.01 ? 112 ILE A N   1 
ATOM   605 C  CA  . ILE A 1 71  ? -1.910  1.043   -13.516 1.00 25.30 ? 112 ILE A CA  1 
ATOM   606 C  C   . ILE A 1 71  ? -0.608  1.735   -13.097 1.00 23.51 ? 112 ILE A C   1 
ATOM   607 O  O   . ILE A 1 71  ? 0.128   1.233   -12.245 1.00 23.65 ? 112 ILE A O   1 
ATOM   608 C  CB  . ILE A 1 71  ? -1.607  0.086   -14.698 1.00 25.56 ? 112 ILE A CB  1 
ATOM   609 C  CG1 . ILE A 1 71  ? -0.765  -1.097  -14.219 1.00 27.33 ? 112 ILE A CG1 1 
ATOM   610 C  CG2 . ILE A 1 71  ? -0.864  0.825   -15.791 1.00 25.14 ? 112 ILE A CG2 1 
ATOM   611 C  CD1 . ILE A 1 71  ? -1.533  -2.112  -13.403 1.00 26.49 ? 112 ILE A CD1 1 
ATOM   612 N  N   . SER A 1 72  ? -0.325  2.886   -13.698 1.00 21.30 ? 113 SER A N   1 
ATOM   613 C  CA  . SER A 1 72  ? 0.881   3.633   -13.369 1.00 19.84 ? 113 SER A CA  1 
ATOM   614 C  C   . SER A 1 72  ? 0.778   4.192   -11.956 1.00 18.13 ? 113 SER A C   1 
ATOM   615 O  O   . SER A 1 72  ? 1.718   4.087   -11.160 1.00 17.76 ? 113 SER A O   1 
ATOM   616 C  CB  . SER A 1 72  ? 1.092   4.775   -14.360 1.00 20.08 ? 113 SER A CB  1 
ATOM   617 O  OG  . SER A 1 72  ? 2.318   5.431   -14.089 1.00 23.30 ? 113 SER A OG  1 
ATOM   618 N  N   . ALA A 1 73  ? -0.367  4.789   -11.650 1.00 16.25 ? 114 ALA A N   1 
ATOM   619 C  CA  . ALA A 1 73  ? -0.598  5.342   -10.328 1.00 15.94 ? 114 ALA A CA  1 
ATOM   620 C  C   . ALA A 1 73  ? -0.553  4.205   -9.320  1.00 16.15 ? 114 ALA A C   1 
ATOM   621 O  O   . ALA A 1 73  ? -0.027  4.356   -8.227  1.00 17.99 ? 114 ALA A O   1 
ATOM   622 C  CB  . ALA A 1 73  ? -1.962  6.036   -10.273 1.00 18.55 ? 114 ALA A CB  1 
ATOM   623 N  N   . TYR A 1 74  ? -1.112  3.060   -9.692  1.00 17.22 ? 115 TYR A N   1 
ATOM   624 C  CA  . TYR A 1 74  ? -1.127  1.906   -8.795  1.00 18.40 ? 115 TYR A CA  1 
ATOM   625 C  C   . TYR A 1 74  ? 0.286   1.444   -8.480  1.00 17.73 ? 115 TYR A C   1 
ATOM   626 O  O   . TYR A 1 74  ? 0.648   1.283   -7.314  1.00 19.02 ? 115 TYR A O   1 
ATOM   627 C  CB  . TYR A 1 74  ? -1.904  0.751   -9.425  1.00 19.67 ? 115 TYR A CB  1 
ATOM   628 C  CG  . TYR A 1 74  ? -1.962  -0.509  -8.590  1.00 17.65 ? 115 TYR A CG  1 
ATOM   629 C  CD1 . TYR A 1 74  ? -2.838  -0.618  -7.507  1.00 18.69 ? 115 TYR A CD1 1 
ATOM   630 C  CD2 . TYR A 1 74  ? -1.185  -1.618  -8.924  1.00 15.81 ? 115 TYR A CD2 1 
ATOM   631 C  CE1 . TYR A 1 74  ? -2.947  -1.811  -6.781  1.00 18.48 ? 115 TYR A CE1 1 
ATOM   632 C  CE2 . TYR A 1 74  ? -1.287  -2.809  -8.214  1.00 18.52 ? 115 TYR A CE2 1 
ATOM   633 C  CZ  . TYR A 1 74  ? -2.168  -2.903  -7.149  1.00 19.36 ? 115 TYR A CZ  1 
ATOM   634 O  OH  . TYR A 1 74  ? -2.289  -4.103  -6.483  1.00 21.37 ? 115 TYR A OH  1 
ATOM   635 N  N   . ASP A 1 75  ? 1.078   1.220   -9.523  1.00 18.42 ? 116 ASP A N   1 
ATOM   636 C  CA  . ASP A 1 75  ? 2.448   0.769   -9.338  1.00 18.37 ? 116 ASP A CA  1 
ATOM   637 C  C   . ASP A 1 75  ? 3.289   1.752   -8.561  1.00 19.10 ? 116 ASP A C   1 
ATOM   638 O  O   . ASP A 1 75  ? 4.190   1.348   -7.835  1.00 19.15 ? 116 ASP A O   1 
ATOM   639 C  CB  . ASP A 1 75  ? 3.134   0.490   -10.682 1.00 18.63 ? 116 ASP A CB  1 
ATOM   640 C  CG  . ASP A 1 75  ? 2.884   -0.926  -11.179 1.00 22.31 ? 116 ASP A CG  1 
ATOM   641 O  OD1 . ASP A 1 75  ? 2.692   -1.825  -10.329 1.00 20.03 ? 116 ASP A OD1 1 
ATOM   642 O  OD2 . ASP A 1 75  ? 2.897   -1.145  -12.409 1.00 21.53 ? 116 ASP A OD2 1 
ATOM   643 N  N   . GLU A 1 76  ? 3.005   3.040   -8.717  1.00 19.88 ? 117 GLU A N   1 
ATOM   644 C  CA  . GLU A 1 76  ? 3.776   4.054   -8.017  1.00 22.32 ? 117 GLU A CA  1 
ATOM   645 C  C   . GLU A 1 76  ? 3.572   3.951   -6.513  1.00 21.42 ? 117 GLU A C   1 
ATOM   646 O  O   . GLU A 1 76  ? 4.499   4.164   -5.725  1.00 20.93 ? 117 GLU A O   1 
ATOM   647 C  CB  . GLU A 1 76  ? 3.394   5.455   -8.495  1.00 23.55 ? 117 GLU A CB  1 
ATOM   648 C  CG  . GLU A 1 76  ? 4.331   6.518   -7.972  1.00 28.32 ? 117 GLU A CG  1 
ATOM   649 C  CD  . GLU A 1 76  ? 3.989   7.905   -8.461  1.00 29.73 ? 117 GLU A CD  1 
ATOM   650 O  OE1 . GLU A 1 76  ? 3.699   8.059   -9.669  1.00 30.81 ? 117 GLU A OE1 1 
ATOM   651 O  OE2 . GLU A 1 76  ? 4.025   8.842   -7.635  1.00 30.32 ? 117 GLU A OE2 1 
ATOM   652 N  N   . GLU A 1 77  ? 2.355   3.628   -6.112  1.00 19.33 ? 118 GLU A N   1 
ATOM   653 C  CA  . GLU A 1 77  ? 2.068   3.494   -4.697  1.00 20.17 ? 118 GLU A CA  1 
ATOM   654 C  C   . GLU A 1 77  ? 2.738   2.254   -4.124  1.00 20.60 ? 118 GLU A C   1 
ATOM   655 O  O   . GLU A 1 77  ? 3.159   2.251   -2.973  1.00 20.58 ? 118 GLU A O   1 
ATOM   656 C  CB  . GLU A 1 77  ? 0.559   3.446   -4.469  1.00 19.59 ? 118 GLU A CB  1 
ATOM   657 C  CG  . GLU A 1 77  ? -0.124  4.741   -4.872  1.00 19.44 ? 118 GLU A CG  1 
ATOM   658 C  CD  . GLU A 1 77  ? 0.538   5.953   -4.235  1.00 20.91 ? 118 GLU A CD  1 
ATOM   659 O  OE1 . GLU A 1 77  ? 0.612   6.003   -2.985  1.00 24.37 ? 118 GLU A OE1 1 
ATOM   660 O  OE2 . GLU A 1 77  ? 0.990   6.851   -4.976  1.00 20.68 ? 118 GLU A OE2 1 
ATOM   661 N  N   . LEU A 1 78  ? 2.847   1.207   -4.935  1.00 22.09 ? 119 LEU A N   1 
ATOM   662 C  CA  . LEU A 1 78  ? 3.477   -0.028  -4.485  1.00 22.87 ? 119 LEU A CA  1 
ATOM   663 C  C   . LEU A 1 78  ? 4.965   0.223   -4.307  1.00 23.43 ? 119 LEU A C   1 
ATOM   664 O  O   . LEU A 1 78  ? 5.567   -0.212  -3.329  1.00 24.19 ? 119 LEU A O   1 
ATOM   665 C  CB  . LEU A 1 78  ? 3.264   -1.145  -5.507  1.00 20.65 ? 119 LEU A CB  1 
ATOM   666 C  CG  . LEU A 1 78  ? 1.828   -1.571  -5.823  1.00 21.82 ? 119 LEU A CG  1 
ATOM   667 C  CD1 . LEU A 1 78  ? 1.860   -2.832  -6.680  1.00 18.50 ? 119 LEU A CD1 1 
ATOM   668 C  CD2 . LEU A 1 78  ? 1.053   -1.830  -4.538  1.00 21.50 ? 119 LEU A CD2 1 
ATOM   669 N  N   . ALA A 1 79  ? 5.544   0.932   -5.270  1.00 22.97 ? 120 ALA A N   1 
ATOM   670 C  CA  . ALA A 1 79  ? 6.958   1.270   -5.246  1.00 23.69 ? 120 ALA A CA  1 
ATOM   671 C  C   . ALA A 1 79  ? 7.260   2.114   -4.020  1.00 23.71 ? 120 ALA A C   1 
ATOM   672 O  O   . ALA A 1 79  ? 8.225   1.853   -3.307  1.00 24.42 ? 120 ALA A O   1 
ATOM   673 C  CB  . ALA A 1 79  ? 7.341   2.030   -6.519  1.00 22.16 ? 120 ALA A CB  1 
ATOM   674 N  N   . PHE A 1 80  ? 6.429   3.122   -3.772  1.00 21.81 ? 121 PHE A N   1 
ATOM   675 C  CA  . PHE A 1 80  ? 6.628   3.990   -2.623  1.00 22.39 ? 121 PHE A CA  1 
ATOM   676 C  C   . PHE A 1 80  ? 6.597   3.232   -1.294  1.00 23.86 ? 121 PHE A C   1 
ATOM   677 O  O   . PHE A 1 80  ? 7.461   3.431   -0.440  1.00 22.31 ? 121 PHE A O   1 
ATOM   678 C  CB  . PHE A 1 80  ? 5.565   5.094   -2.577  1.00 21.53 ? 121 PHE A CB  1 
ATOM   679 C  CG  . PHE A 1 80  ? 5.778   6.093   -1.463  1.00 23.52 ? 121 PHE A CG  1 
ATOM   680 C  CD1 . PHE A 1 80  ? 6.746   7.091   -1.577  1.00 23.22 ? 121 PHE A CD1 1 
ATOM   681 C  CD2 . PHE A 1 80  ? 5.041   6.011   -0.284  1.00 22.99 ? 121 PHE A CD2 1 
ATOM   682 C  CE1 . PHE A 1 80  ? 6.977   7.988   -0.537  1.00 22.86 ? 121 PHE A CE1 1 
ATOM   683 C  CE2 . PHE A 1 80  ? 5.263   6.902   0.766   1.00 22.14 ? 121 PHE A CE2 1 
ATOM   684 C  CZ  . PHE A 1 80  ? 6.234   7.894   0.640   1.00 23.50 ? 121 PHE A CZ  1 
ATOM   685 N  N   . PHE A 1 81  ? 5.605   2.367   -1.107  1.00 22.34 ? 122 PHE A N   1 
ATOM   686 C  CA  . PHE A 1 81  ? 5.502   1.649   0.159   1.00 22.58 ? 122 PHE A CA  1 
ATOM   687 C  C   . PHE A 1 81  ? 6.382   0.408   0.290   1.00 22.01 ? 122 PHE A C   1 
ATOM   688 O  O   . PHE A 1 81  ? 6.372   -0.266  1.319   1.00 24.70 ? 122 PHE A O   1 
ATOM   689 C  CB  . PHE A 1 81  ? 4.034   1.326   0.464   1.00 19.41 ? 122 PHE A CB  1 
ATOM   690 C  CG  . PHE A 1 81  ? 3.242   2.526   0.903   1.00 19.02 ? 122 PHE A CG  1 
ATOM   691 C  CD1 . PHE A 1 81  ? 2.418   3.203   0.014   1.00 17.25 ? 122 PHE A CD1 1 
ATOM   692 C  CD2 . PHE A 1 81  ? 3.367   3.015   2.201   1.00 18.76 ? 122 PHE A CD2 1 
ATOM   693 C  CE1 . PHE A 1 81  ? 1.730   4.355   0.412   1.00 18.44 ? 122 PHE A CE1 1 
ATOM   694 C  CE2 . PHE A 1 81  ? 2.690   4.164   2.613   1.00 18.97 ? 122 PHE A CE2 1 
ATOM   695 C  CZ  . PHE A 1 81  ? 1.867   4.838   1.715   1.00 20.46 ? 122 PHE A CZ  1 
ATOM   696 N  N   . GLY A 1 82  ? 7.150   0.114   -0.753  1.00 22.74 ? 123 GLY A N   1 
ATOM   697 C  CA  . GLY A 1 82  ? 8.052   -1.020  -0.702  1.00 24.06 ? 123 GLY A CA  1 
ATOM   698 C  C   . GLY A 1 82  ? 7.463   -2.386  -0.976  1.00 25.97 ? 123 GLY A C   1 
ATOM   699 O  O   . GLY A 1 82  ? 8.094   -3.398  -0.672  1.00 24.07 ? 123 GLY A O   1 
ATOM   700 N  N   . LEU A 1 83  ? 6.234   -2.444  -1.480  1.00 26.77 ? 124 LEU A N   1 
ATOM   701 C  CA  . LEU A 1 83  ? 5.659   -3.723  -1.840  1.00 28.69 ? 124 LEU A CA  1 
ATOM   702 C  C   . LEU A 1 83  ? 6.306   -4.092  -3.165  1.00 31.11 ? 124 LEU A C   1 
ATOM   703 O  O   . LEU A 1 83  ? 5.660   -4.050  -4.211  1.00 30.20 ? 124 LEU A O   1 
ATOM   704 C  CB  . LEU A 1 83  ? 4.138   -3.617  -1.993  1.00 25.94 ? 124 LEU A CB  1 
ATOM   705 C  CG  . LEU A 1 83  ? 3.306   -3.055  -0.836  1.00 26.13 ? 124 LEU A CG  1 
ATOM   706 C  CD1 . LEU A 1 83  ? 1.832   -3.399  -1.026  1.00 28.01 ? 124 LEU A CD1 1 
ATOM   707 C  CD2 . LEU A 1 83  ? 3.813   -3.563  0.499   1.00 28.43 ? 124 LEU A CD2 1 
ATOM   708 N  N   . ILE A 1 84  ? 7.584   -4.449  -3.093  1.00 35.20 ? 125 ILE A N   1 
ATOM   709 C  CA  . ILE A 1 84  ? 8.368   -4.804  -4.272  1.00 38.69 ? 125 ILE A CA  1 
ATOM   710 C  C   . ILE A 1 84  ? 9.161   -6.088  -4.038  1.00 39.34 ? 125 ILE A C   1 
ATOM   711 O  O   . ILE A 1 84  ? 9.871   -6.217  -3.040  1.00 40.24 ? 125 ILE A O   1 
ATOM   712 C  CB  . ILE A 1 84  ? 9.370   -3.686  -4.623  1.00 40.47 ? 125 ILE A CB  1 
ATOM   713 C  CG1 . ILE A 1 84  ? 8.643   -2.343  -4.706  1.00 40.69 ? 125 ILE A CG1 1 
ATOM   714 C  CG2 . ILE A 1 84  ? 10.058  -4.003  -5.950  1.00 41.89 ? 125 ILE A CG2 1 
ATOM   715 C  CD1 . ILE A 1 84  ? 9.557   -1.171  -4.931  1.00 41.78 ? 125 ILE A CD1 1 
ATOM   716 N  N   . PRO A 1 85  ? 9.033   -7.063  -4.950  1.00 39.98 ? 126 PRO A N   1 
ATOM   717 C  CA  . PRO A 1 85  ? 8.179   -6.949  -6.133  1.00 39.86 ? 126 PRO A CA  1 
ATOM   718 C  C   . PRO A 1 85  ? 6.728   -7.129  -5.723  1.00 40.14 ? 126 PRO A C   1 
ATOM   719 O  O   . PRO A 1 85  ? 6.445   -7.622  -4.632  1.00 39.49 ? 126 PRO A O   1 
ATOM   720 C  CB  . PRO A 1 85  ? 8.677   -8.082  -7.021  1.00 40.40 ? 126 PRO A CB  1 
ATOM   721 C  CG  . PRO A 1 85  ? 9.034   -9.134  -6.023  1.00 40.40 ? 126 PRO A CG  1 
ATOM   722 C  CD  . PRO A 1 85  ? 9.761   -8.344  -4.950  1.00 40.48 ? 126 PRO A CD  1 
ATOM   723 N  N   . GLU A 1 86  ? 5.811   -6.719  -6.588  1.00 40.95 ? 127 GLU A N   1 
ATOM   724 C  CA  . GLU A 1 86  ? 4.399   -6.867  -6.284  1.00 41.83 ? 127 GLU A CA  1 
ATOM   725 C  C   . GLU A 1 86  ? 3.987   -8.333  -6.363  1.00 41.84 ? 127 GLU A C   1 
ATOM   726 O  O   . GLU A 1 86  ? 4.327   -9.035  -7.321  1.00 42.98 ? 127 GLU A O   1 
ATOM   727 C  CB  . GLU A 1 86  ? 3.531   -6.057  -7.255  1.00 42.61 ? 127 GLU A CB  1 
ATOM   728 C  CG  . GLU A 1 86  ? 4.184   -5.663  -8.573  1.00 46.06 ? 127 GLU A CG  1 
ATOM   729 C  CD  . GLU A 1 86  ? 4.551   -6.848  -9.446  1.00 45.26 ? 127 GLU A CD  1 
ATOM   730 O  OE1 . GLU A 1 86  ? 3.801   -7.154  -10.400 1.00 46.05 ? 127 GLU A OE1 1 
ATOM   731 O  OE2 . GLU A 1 86  ? 5.582   -7.483  -9.171  1.00 46.10 ? 127 GLU A OE2 1 
ATOM   732 N  N   . ILE A 1 87  ? 3.261   -8.783  -5.343  1.00 39.96 ? 128 ILE A N   1 
ATOM   733 C  CA  . ILE A 1 87  ? 2.752   -10.145 -5.287  1.00 38.02 ? 128 ILE A CA  1 
ATOM   734 C  C   . ILE A 1 87  ? 1.247   -10.026 -5.499  1.00 36.26 ? 128 ILE A C   1 
ATOM   735 O  O   . ILE A 1 87  ? 0.478   -9.963  -4.541  1.00 34.57 ? 128 ILE A O   1 
ATOM   736 C  CB  . ILE A 1 87  ? 3.001   -10.807 -3.911  1.00 38.35 ? 128 ILE A CB  1 
ATOM   737 C  CG1 . ILE A 1 87  ? 4.500   -10.917 -3.631  1.00 39.00 ? 128 ILE A CG1 1 
ATOM   738 C  CG2 . ILE A 1 87  ? 2.367   -12.188 -3.886  1.00 38.64 ? 128 ILE A CG2 1 
ATOM   739 C  CD1 . ILE A 1 87  ? 4.822   -11.535 -2.273  1.00 37.26 ? 128 ILE A CD1 1 
ATOM   740 N  N   . ILE A 1 88  ? 0.840   -9.970  -6.760  1.00 33.97 ? 129 ILE A N   1 
ATOM   741 C  CA  . ILE A 1 88  ? -0.566  -9.846  -7.102  1.00 33.97 ? 129 ILE A CA  1 
ATOM   742 C  C   . ILE A 1 88  ? -1.218  -11.217 -6.999  1.00 33.08 ? 129 ILE A C   1 
ATOM   743 O  O   . ILE A 1 88  ? -0.664  -12.209 -7.464  1.00 36.13 ? 129 ILE A O   1 
ATOM   744 C  CB  . ILE A 1 88  ? -0.737  -9.314  -8.538  1.00 34.34 ? 129 ILE A CB  1 
ATOM   745 C  CG1 . ILE A 1 88  ? 0.158   -8.086  -8.761  1.00 33.31 ? 129 ILE A CG1 1 
ATOM   746 C  CG2 . ILE A 1 88  ? -2.200  -8.956  -8.785  1.00 32.98 ? 129 ILE A CG2 1 
ATOM   747 C  CD1 . ILE A 1 88  ? -0.315  -6.818  -8.083  1.00 33.23 ? 129 ILE A CD1 1 
ATOM   748 N  N   . GLY A 1 89  ? -2.389  -11.277 -6.376  1.00 31.16 ? 130 GLY A N   1 
ATOM   749 C  CA  . GLY A 1 89  ? -3.072  -12.550 -6.241  1.00 30.15 ? 130 GLY A CA  1 
ATOM   750 C  C   . GLY A 1 89  ? -3.455  -13.090 -7.603  1.00 28.86 ? 130 GLY A C   1 
ATOM   751 O  O   . GLY A 1 89  ? -3.590  -12.325 -8.559  1.00 27.50 ? 130 GLY A O   1 
ATOM   752 N  N   . ASP A 1 90  ? -3.631  -14.405 -7.697  1.00 29.45 ? 131 ASP A N   1 
ATOM   753 C  CA  . ASP A 1 90  ? -3.999  -15.027 -8.964  1.00 32.18 ? 131 ASP A CA  1 
ATOM   754 C  C   . ASP A 1 90  ? -5.283  -14.452 -9.521  1.00 30.81 ? 131 ASP A C   1 
ATOM   755 O  O   . ASP A 1 90  ? -5.451  -14.331 -10.734 1.00 32.09 ? 131 ASP A O   1 
ATOM   756 C  CB  . ASP A 1 90  ? -4.144  -16.534 -8.799  1.00 36.24 ? 131 ASP A CB  1 
ATOM   757 C  CG  . ASP A 1 90  ? -2.816  -17.242 -8.870  1.00 41.21 ? 131 ASP A CG  1 
ATOM   758 O  OD1 . ASP A 1 90  ? -2.032  -16.918 -9.793  1.00 43.36 ? 131 ASP A OD1 1 
ATOM   759 O  OD2 . ASP A 1 90  ? -2.558  -18.120 -8.015  1.00 44.48 ? 131 ASP A OD2 1 
ATOM   760 N  N   . CYS A 1 91  ? -6.183  -14.093 -8.621  1.00 28.64 ? 132 CYS A N   1 
ATOM   761 C  CA  . CYS A 1 91  ? -7.457  -13.514 -8.997  1.00 28.45 ? 132 CYS A CA  1 
ATOM   762 C  C   . CYS A 1 91  ? -7.260  -12.232 -9.802  1.00 27.39 ? 132 CYS A C   1 
ATOM   763 O  O   . CYS A 1 91  ? -8.059  -11.919 -10.676 1.00 27.80 ? 132 CYS A O   1 
ATOM   764 C  CB  . CYS A 1 91  ? -8.251  -13.191 -7.733  1.00 27.59 ? 132 CYS A CB  1 
ATOM   765 S  SG  . CYS A 1 91  ? -7.292  -12.186 -6.553  1.00 25.59 ? 132 CYS A SG  1 
ATOM   766 N  N   . CYS A 1 92  ? -6.196  -11.493 -9.508  1.00 28.04 ? 133 CYS A N   1 
ATOM   767 C  CA  . CYS A 1 92  ? -5.950  -10.220 -10.193 1.00 27.65 ? 133 CYS A CA  1 
ATOM   768 C  C   . CYS A 1 92  ? -4.725  -10.165 -11.107 1.00 27.07 ? 133 CYS A C   1 
ATOM   769 O  O   . CYS A 1 92  ? -4.555  -9.205  -11.857 1.00 27.33 ? 133 CYS A O   1 
ATOM   770 C  CB  . CYS A 1 92  ? -5.838  -9.090  -9.157  1.00 24.96 ? 133 CYS A CB  1 
ATOM   771 S  SG  . CYS A 1 92  ? -7.377  -8.636  -8.322  1.00 25.58 ? 133 CYS A SG  1 
ATOM   772 N  N   . TYR A 1 93  ? -3.880  -11.188 -11.046 1.00 27.34 ? 134 TYR A N   1 
ATOM   773 C  CA  . TYR A 1 93  ? -2.655  -11.234 -11.844 1.00 28.22 ? 134 TYR A CA  1 
ATOM   774 C  C   . TYR A 1 93  ? -2.797  -10.913 -13.336 1.00 29.08 ? 134 TYR A C   1 
ATOM   775 O  O   . TYR A 1 93  ? -2.139  -10.004 -13.835 1.00 28.50 ? 134 TYR A O   1 
ATOM   776 C  CB  . TYR A 1 93  ? -2.033  -12.630 -11.790 1.00 26.82 ? 134 TYR A CB  1 
ATOM   777 C  CG  . TYR A 1 93  ? -0.882  -12.824 -12.749 1.00 27.69 ? 134 TYR A CG  1 
ATOM   778 C  CD1 . TYR A 1 93  ? 0.423   -12.554 -12.357 0.00 26.53 ? 134 TYR A CD1 1 
ATOM   779 C  CD2 . TYR A 1 93  ? -1.091  -13.275 -14.042 0.00 26.53 ? 134 TYR A CD2 1 
ATOM   780 C  CE1 . TYR A 1 93  ? 1.483   -12.728 -13.225 0.00 26.17 ? 134 TYR A CE1 1 
ATOM   781 C  CE2 . TYR A 1 93  ? -0.040  -13.454 -14.919 0.00 26.17 ? 134 TYR A CE2 1 
ATOM   782 C  CZ  . TYR A 1 93  ? 1.245   -13.178 -14.506 0.00 25.99 ? 134 TYR A CZ  1 
ATOM   783 O  OH  . TYR A 1 93  ? 2.296   -13.354 -15.376 0.00 25.67 ? 134 TYR A OH  1 
ATOM   784 N  N   . GLU A 1 94  ? -3.655  -11.644 -14.042 1.00 29.01 ? 135 GLU A N   1 
ATOM   785 C  CA  . GLU A 1 94  ? -3.821  -11.438 -15.480 1.00 30.52 ? 135 GLU A CA  1 
ATOM   786 C  C   . GLU A 1 94  ? -4.183  -10.020 -15.892 1.00 29.52 ? 135 GLU A C   1 
ATOM   787 O  O   . GLU A 1 94  ? -3.555  -9.459  -16.788 1.00 30.09 ? 135 GLU A O   1 
ATOM   788 C  CB  . GLU A 1 94  ? -4.857  -12.421 -16.045 1.00 33.30 ? 135 GLU A CB  1 
ATOM   789 C  CG  . GLU A 1 94  ? -4.419  -13.877 -15.951 1.00 37.84 ? 135 GLU A CG  1 
ATOM   790 C  CD  . GLU A 1 94  ? -3.140  -14.160 -16.725 1.00 40.80 ? 135 GLU A CD  1 
ATOM   791 O  OE1 . GLU A 1 94  ? -2.478  -15.179 -16.427 1.00 42.46 ? 135 GLU A OE1 1 
ATOM   792 O  OE2 . GLU A 1 94  ? -2.799  -13.370 -17.633 1.00 42.80 ? 135 GLU A OE2 1 
ATOM   793 N  N   . GLU A 1 95  ? -5.194  -9.446  -15.247 1.00 27.58 ? 136 GLU A N   1 
ATOM   794 C  CA  . GLU A 1 95  ? -5.621  -8.083  -15.560 1.00 26.37 ? 136 GLU A CA  1 
ATOM   795 C  C   . GLU A 1 95  ? -4.477  -7.109  -15.300 1.00 24.53 ? 136 GLU A C   1 
ATOM   796 O  O   . GLU A 1 95  ? -4.252  -6.176  -16.066 1.00 24.46 ? 136 GLU A O   1 
ATOM   797 C  CB  . GLU A 1 95  ? -6.873  -7.718  -14.764 1.00 23.98 ? 136 GLU A CB  1 
ATOM   798 N  N   . TYR A 1 96  ? -3.758  -7.323  -14.209 1.00 25.00 ? 137 TYR A N   1 
ATOM   799 C  CA  . TYR A 1 96  ? -2.635  -6.455  -13.873 1.00 24.72 ? 137 TYR A CA  1 
ATOM   800 C  C   . TYR A 1 96  ? -1.575  -6.624  -14.960 1.00 24.11 ? 137 TYR A C   1 
ATOM   801 O  O   . TYR A 1 96  ? -1.025  -5.650  -15.478 1.00 21.67 ? 137 TYR A O   1 
ATOM   802 C  CB  . TYR A 1 96  ? -2.057  -6.850  -12.512 1.00 24.58 ? 137 TYR A CB  1 
ATOM   803 C  CG  . TYR A 1 96  ? -0.789  -6.114  -12.134 1.00 26.08 ? 137 TYR A CG  1 
ATOM   804 C  CD1 . TYR A 1 96  ? -0.832  -4.826  -11.599 1.00 23.77 ? 137 TYR A CD1 1 
ATOM   805 C  CD2 . TYR A 1 96  ? 0.457   -6.707  -12.326 1.00 25.98 ? 137 TYR A CD2 1 
ATOM   806 C  CE1 . TYR A 1 96  ? 0.339   -4.147  -11.264 1.00 22.29 ? 137 TYR A CE1 1 
ATOM   807 C  CE2 . TYR A 1 96  ? 1.631   -6.042  -11.998 1.00 24.36 ? 137 TYR A CE2 1 
ATOM   808 C  CZ  . TYR A 1 96  ? 1.568   -4.765  -11.469 1.00 24.87 ? 137 TYR A CZ  1 
ATOM   809 O  OH  . TYR A 1 96  ? 2.744   -4.115  -11.157 1.00 23.42 ? 137 TYR A OH  1 
ATOM   810 N  N   . LYS A 1 97  ? -1.303  -7.872  -15.319 1.00 23.26 ? 138 LYS A N   1 
ATOM   811 C  CA  . LYS A 1 97  ? -0.300  -8.140  -16.340 1.00 24.84 ? 138 LYS A CA  1 
ATOM   812 C  C   . LYS A 1 97  ? -0.690  -7.463  -17.658 1.00 24.77 ? 138 LYS A C   1 
ATOM   813 O  O   . LYS A 1 97  ? 0.125   -6.777  -18.273 1.00 23.45 ? 138 LYS A O   1 
ATOM   814 C  CB  . LYS A 1 97  ? -0.121  -9.646  -16.533 1.00 25.61 ? 138 LYS A CB  1 
ATOM   815 C  CG  . LYS A 1 97  ? 0.911   -10.019 -17.583 0.00 24.72 ? 138 LYS A CG  1 
ATOM   816 C  CD  . LYS A 1 97  ? 1.037   -11.526 -17.722 0.00 24.30 ? 138 LYS A CD  1 
ATOM   817 C  CE  . LYS A 1 97  ? 2.069   -11.899 -18.772 0.00 23.88 ? 138 LYS A CE  1 
ATOM   818 N  NZ  . LYS A 1 97  ? 2.203   -13.374 -18.920 0.00 23.70 ? 138 LYS A NZ  1 
ATOM   819 N  N   . ASP A 1 98  ? -1.938  -7.646  -18.077 1.00 24.88 ? 139 ASP A N   1 
ATOM   820 C  CA  . ASP A 1 98  ? -2.437  -7.049  -19.316 1.00 27.69 ? 139 ASP A CA  1 
ATOM   821 C  C   . ASP A 1 98  ? -2.347  -5.531  -19.329 1.00 28.18 ? 139 ASP A C   1 
ATOM   822 O  O   . ASP A 1 98  ? -1.933  -4.935  -20.322 1.00 29.24 ? 139 ASP A O   1 
ATOM   823 C  CB  . ASP A 1 98  ? -3.893  -7.452  -19.548 1.00 31.71 ? 139 ASP A CB  1 
ATOM   824 C  CG  . ASP A 1 98  ? -4.028  -8.853  -20.090 1.00 35.04 ? 139 ASP A CG  1 
ATOM   825 O  OD1 . ASP A 1 98  ? -3.051  -9.626  -19.992 1.00 38.52 ? 139 ASP A OD1 1 
ATOM   826 O  OD2 . ASP A 1 98  ? -5.112  -9.183  -20.610 1.00 39.96 ? 139 ASP A OD2 1 
ATOM   827 N  N   . ARG A 1 99  ? -2.757  -4.905  -18.231 1.00 27.56 ? 140 ARG A N   1 
ATOM   828 C  CA  . ARG A 1 99  ? -2.728  -3.451  -18.134 1.00 26.15 ? 140 ARG A CA  1 
ATOM   829 C  C   . ARG A 1 99  ? -1.306  -2.912  -18.162 1.00 25.71 ? 140 ARG A C   1 
ATOM   830 O  O   . ARG A 1 99  ? -1.044  -1.874  -18.767 1.00 26.67 ? 140 ARG A O   1 
ATOM   831 C  CB  . ARG A 1 99  ? -3.456  -3.007  -16.869 1.00 25.65 ? 140 ARG A CB  1 
ATOM   832 C  CG  . ARG A 1 99  ? -4.949  -3.355  -16.885 1.00 27.66 ? 140 ARG A CG  1 
ATOM   833 C  CD  . ARG A 1 99  ? -5.722  -2.509  -17.898 1.00 29.71 ? 140 ARG A CD  1 
ATOM   834 N  NE  . ARG A 1 99  ? -5.908  -1.136  -17.427 1.00 33.16 ? 140 ARG A NE  1 
ATOM   835 C  CZ  . ARG A 1 99  ? -6.772  -0.778  -16.476 1.00 34.23 ? 140 ARG A CZ  1 
ATOM   836 N  NH1 . ARG A 1 99  ? -7.542  -1.691  -15.893 1.00 33.56 ? 140 ARG A NH1 1 
ATOM   837 N  NH2 . ARG A 1 99  ? -6.861  0.494   -16.097 1.00 32.81 ? 140 ARG A NH2 1 
ATOM   838 N  N   . ARG A 1 100 ? -0.381  -3.613  -17.515 1.00 24.84 ? 141 ARG A N   1 
ATOM   839 C  CA  . ARG A 1 100 ? 1.011   -3.181  -17.515 1.00 24.71 ? 141 ARG A CA  1 
ATOM   840 C  C   . ARG A 1 100 ? 1.527   -3.156  -18.954 1.00 25.82 ? 141 ARG A C   1 
ATOM   841 O  O   . ARG A 1 100 ? 2.177   -2.201  -19.377 1.00 25.14 ? 141 ARG A O   1 
ATOM   842 C  CB  . ARG A 1 100 ? 1.879   -4.130  -16.681 1.00 26.41 ? 141 ARG A CB  1 
ATOM   843 C  CG  . ARG A 1 100 ? 1.690   -4.000  -15.180 1.00 25.39 ? 141 ARG A CG  1 
ATOM   844 C  CD  . ARG A 1 100 ? 2.067   -2.604  -14.701 1.00 30.15 ? 141 ARG A CD  1 
ATOM   845 N  NE  . ARG A 1 100 ? 3.436   -2.233  -15.060 1.00 28.49 ? 141 ARG A NE  1 
ATOM   846 C  CZ  . ARG A 1 100 ? 4.530   -2.756  -14.512 1.00 30.05 ? 141 ARG A CZ  1 
ATOM   847 N  NH1 . ARG A 1 100 ? 4.431   -3.678  -13.566 1.00 27.68 ? 141 ARG A NH1 1 
ATOM   848 N  NH2 . ARG A 1 100 ? 5.729   -2.363  -14.926 1.00 32.42 ? 141 ARG A NH2 1 
ATOM   849 N  N   . ARG A 1 101 ? 1.230   -4.204  -19.714 1.00 27.44 ? 142 ARG A N   1 
ATOM   850 C  CA  . ARG A 1 101 ? 1.694   -4.253  -21.097 1.00 29.83 ? 142 ARG A CA  1 
ATOM   851 C  C   . ARG A 1 101 ? 1.083   -3.125  -21.919 1.00 28.71 ? 142 ARG A C   1 
ATOM   852 O  O   . ARG A 1 101 ? 1.795   -2.386  -22.597 1.00 26.95 ? 142 ARG A O   1 
ATOM   853 C  CB  . ARG A 1 101 ? 1.357   -5.592  -21.751 1.00 33.48 ? 142 ARG A CB  1 
ATOM   854 C  CG  . ARG A 1 101 ? 1.978   -5.725  -23.135 1.00 38.28 ? 142 ARG A CG  1 
ATOM   855 C  CD  . ARG A 1 101 ? 1.588   -7.021  -23.811 1.00 43.34 ? 142 ARG A CD  1 
ATOM   856 N  NE  . ARG A 1 101 ? 2.367   -7.256  -25.028 1.00 47.34 ? 142 ARG A NE  1 
ATOM   857 C  CZ  . ARG A 1 101 ? 2.467   -6.398  -26.039 1.00 48.78 ? 142 ARG A CZ  1 
ATOM   858 N  NH1 . ARG A 1 101 ? 1.839   -5.232  -25.995 1.00 51.42 ? 142 ARG A NH1 1 
ATOM   859 N  NH2 . ARG A 1 101 ? 3.194   -6.710  -27.102 1.00 49.82 ? 142 ARG A NH2 1 
ATOM   860 N  N   . GLU A 1 102 ? -0.238  -2.994  -21.856 1.00 28.64 ? 143 GLU A N   1 
ATOM   861 C  CA  . GLU A 1 102 ? -0.924  -1.941  -22.596 1.00 29.42 ? 143 GLU A CA  1 
ATOM   862 C  C   . GLU A 1 102 ? -0.315  -0.567  -22.308 1.00 28.69 ? 143 GLU A C   1 
ATOM   863 O  O   . GLU A 1 102 ? -0.102  0.228   -23.221 1.00 27.28 ? 143 GLU A O   1 
ATOM   864 C  CB  . GLU A 1 102 ? -2.418  -1.942  -22.247 1.00 31.30 ? 143 GLU A CB  1 
ATOM   865 C  CG  . GLU A 1 102 ? -3.155  -0.678  -22.657 1.00 36.64 ? 143 GLU A CG  1 
ATOM   866 C  CD  . GLU A 1 102 ? -4.666  -0.803  -22.524 1.00 40.15 ? 143 GLU A CD  1 
ATOM   867 O  OE1 . GLU A 1 102 ? -5.148  -1.212  -21.441 1.00 39.56 ? 143 GLU A OE1 1 
ATOM   868 O  OE2 . GLU A 1 102 ? -5.372  -0.483  -23.507 1.00 42.09 ? 143 GLU A OE2 1 
ATOM   869 N  N   . ASN A 1 103 ? -0.025  -0.301  -21.037 1.00 28.49 ? 144 ASN A N   1 
ATOM   870 C  CA  . ASN A 1 103 ? 0.554   0.972   -20.616 1.00 30.12 ? 144 ASN A CA  1 
ATOM   871 C  C   . ASN A 1 103 ? 1.979   1.178   -21.135 1.00 30.94 ? 144 ASN A C   1 
ATOM   872 O  O   . ASN A 1 103 ? 2.458   2.308   -21.225 1.00 31.17 ? 144 ASN A O   1 
ATOM   873 C  CB  . ASN A 1 103 ? 0.554   1.055   -19.085 1.00 30.64 ? 144 ASN A CB  1 
ATOM   874 C  CG  . ASN A 1 103 ? 1.111   2.371   -18.563 1.00 33.22 ? 144 ASN A CG  1 
ATOM   875 O  OD1 . ASN A 1 103 ? 1.945   2.382   -17.658 1.00 34.13 ? 144 ASN A OD1 1 
ATOM   876 N  ND2 . ASN A 1 103 ? 0.643   3.485   -19.120 1.00 31.92 ? 144 ASN A ND2 1 
ATOM   877 N  N   . ALA A 1 104 ? 2.648   0.084   -21.483 1.00 29.26 ? 145 ALA A N   1 
ATOM   878 C  CA  . ALA A 1 104 ? 4.021   0.147   -21.971 1.00 30.64 ? 145 ALA A CA  1 
ATOM   879 C  C   . ALA A 1 104 ? 4.151   0.125   -23.494 1.00 31.25 ? 145 ALA A C   1 
ATOM   880 O  O   . ALA A 1 104 ? 5.263   0.171   -24.023 1.00 30.04 ? 145 ALA A O   1 
ATOM   881 C  CB  . ALA A 1 104 ? 4.833   -0.998  -21.369 1.00 28.76 ? 145 ALA A CB  1 
ATOM   882 N  N   . GLU A 1 105 ? 3.030   0.053   -24.202 1.00 32.06 ? 146 GLU A N   1 
ATOM   883 C  CA  . GLU A 1 105 ? 3.087   0.022   -25.659 1.00 34.74 ? 146 GLU A CA  1 
ATOM   884 C  C   . GLU A 1 105 ? 3.535   1.378   -26.194 1.00 36.27 ? 146 GLU A C   1 
ATOM   885 O  O   . GLU A 1 105 ? 3.208   2.400   -25.554 1.00 37.91 ? 146 GLU A O   1 
ATOM   886 C  CB  . GLU A 1 105 ? 1.723   -0.348  -26.232 1.00 33.28 ? 146 GLU A CB  1 
ATOM   887 O  OXT . GLU A 1 105 ? 4.205   1.402   -27.250 1.00 38.92 ? 146 GLU A OXT 1 
HETATM 888 ZN ZN  . ZN  B 2 .   ? -7.934  -10.092 -6.738  1.00 26.15 ? 201 ZN  A ZN  1 
HETATM 889 O  O   . HOH C 3 .   ? -8.809  12.124  2.258   1.00 20.08 ? 202 HOH A O   1 
HETATM 890 O  O   . HOH C 3 .   ? -7.552  10.996  12.124  1.00 55.74 ? 203 HOH A O   1 
HETATM 891 O  O   . HOH C 3 .   ? -4.874  -5.825  -1.805  1.00 19.01 ? 204 HOH A O   1 
HETATM 892 O  O   . HOH C 3 .   ? -1.906  8.562   -7.457  1.00 34.46 ? 205 HOH A O   1 
HETATM 893 O  O   . HOH C 3 .   ? -10.199 2.199   -2.453  1.00 32.02 ? 206 HOH A O   1 
HETATM 894 O  O   . HOH C 3 .   ? -11.845 9.713   3.264   1.00 26.93 ? 207 HOH A O   1 
HETATM 895 O  O   . HOH C 3 .   ? 6.506   16.136  7.886   1.00 42.19 ? 208 HOH A O   1 
HETATM 896 O  O   . HOH C 3 .   ? -11.099 10.077  7.461   1.00 16.59 ? 209 HOH A O   1 
HETATM 897 O  O   . HOH C 3 .   ? -7.103  -11.117 -13.437 1.00 29.51 ? 210 HOH A O   1 
HETATM 898 O  O   . HOH C 3 .   ? -5.185  -11.943 -21.061 1.00 49.12 ? 211 HOH A O   1 
HETATM 899 O  O   . HOH C 3 .   ? -10.608 11.365  12.135  1.00 30.54 ? 212 HOH A O   1 
HETATM 900 O  O   . HOH C 3 .   ? -9.608  -13.885 -12.197 1.00 40.05 ? 213 HOH A O   1 
HETATM 901 O  O   . HOH C 3 .   ? -5.932  -13.768 -19.452 1.00 43.71 ? 214 HOH A O   1 
HETATM 902 O  O   . HOH C 3 .   ? 3.934   10.954  2.694   1.00 27.22 ? 215 HOH A O   1 
HETATM 903 O  O   . HOH C 3 .   ? -1.504  4.919   -1.336  1.00 17.18 ? 216 HOH A O   1 
HETATM 904 O  O   . HOH C 3 .   ? -1.168  5.951   15.596  1.00 22.51 ? 217 HOH A O   1 
HETATM 905 O  O   . HOH C 3 .   ? -7.466  -4.691  -1.973  1.00 15.46 ? 218 HOH A O   1 
HETATM 906 O  O   . HOH C 3 .   ? -5.078  -6.371  11.089  1.00 24.99 ? 219 HOH A O   1 
HETATM 907 O  O   . HOH C 3 .   ? 4.484   -0.292  3.120   1.00 23.88 ? 220 HOH A O   1 
HETATM 908 O  O   . HOH C 3 .   ? -10.622 10.827  0.251   1.00 17.80 ? 221 HOH A O   1 
HETATM 909 O  O   . HOH C 3 .   ? -5.310  -8.052  -0.542  1.00 25.93 ? 222 HOH A O   1 
HETATM 910 O  O   . HOH C 3 .   ? -7.801  -5.956  5.379   1.00 36.20 ? 223 HOH A O   1 
HETATM 911 O  O   . HOH C 3 .   ? -5.082  -4.290  9.159   1.00 24.06 ? 224 HOH A O   1 
HETATM 912 O  O   . HOH C 3 .   ? -11.916 10.765  9.906   1.00 20.79 ? 225 HOH A O   1 
HETATM 913 O  O   . HOH C 3 .   ? -5.959  -13.317 -12.860 1.00 29.96 ? 226 HOH A O   1 
HETATM 914 O  O   . HOH C 3 .   ? -9.407  8.496   15.104  1.00 30.83 ? 227 HOH A O   1 
HETATM 915 O  O   . HOH C 3 .   ? -5.090  15.037  11.507  1.00 25.96 ? 228 HOH A O   1 
HETATM 916 O  O   . HOH C 3 .   ? -5.204  -5.224  6.551   1.00 26.33 ? 229 HOH A O   1 
HETATM 917 O  O   . HOH C 3 .   ? 3.180   4.222   16.710  1.00 36.02 ? 230 HOH A O   1 
HETATM 918 O  O   . HOH C 3 .   ? 4.295   17.221  12.339  1.00 26.72 ? 231 HOH A O   1 
HETATM 919 O  O   . HOH C 3 .   ? 5.333   11.060  -0.966  1.00 34.77 ? 232 HOH A O   1 
HETATM 920 O  O   . HOH C 3 .   ? 4.248   3.770   -12.033 1.00 30.93 ? 233 HOH A O   1 
HETATM 921 O  O   . HOH C 3 .   ? -4.261  4.890   18.066  1.00 37.09 ? 234 HOH A O   1 
HETATM 922 O  O   . HOH C 3 .   ? -9.640  4.922   0.801   1.00 27.91 ? 235 HOH A O   1 
HETATM 923 O  O   . HOH C 3 .   ? -1.881  15.031  0.966   1.00 25.05 ? 236 HOH A O   1 
HETATM 924 O  O   . HOH C 3 .   ? -7.589  -3.276  5.627   1.00 36.32 ? 237 HOH A O   1 
HETATM 925 O  O   . HOH C 3 .   ? 8.710   -8.391  3.732   1.00 36.37 ? 238 HOH A O   1 
HETATM 926 O  O   . HOH C 3 .   ? 7.349   -11.822 5.900   1.00 28.13 ? 239 HOH A O   1 
HETATM 927 O  O   . HOH C 3 .   ? 4.383   -12.759 8.349   1.00 36.39 ? 240 HOH A O   1 
HETATM 928 O  O   . HOH C 3 .   ? 0.164   6.845   -7.368  1.00 22.32 ? 241 HOH A O   1 
HETATM 929 O  O   . HOH C 3 .   ? -5.838  6.282   -10.232 1.00 28.65 ? 242 HOH A O   1 
HETATM 930 O  O   . HOH C 3 .   ? -0.862  3.279   18.932  1.00 39.62 ? 243 HOH A O   1 
HETATM 931 O  O   . HOH C 3 .   ? -3.204  0.042   20.806  1.00 47.61 ? 244 HOH A O   1 
HETATM 932 O  O   . HOH C 3 .   ? -0.588  -19.202 -10.756 1.00 42.58 ? 245 HOH A O   1 
HETATM 933 O  O   . HOH C 3 .   ? -8.127  -16.150 -12.369 1.00 45.71 ? 246 HOH A O   1 
HETATM 934 O  O   . HOH C 3 .   ? -4.232  1.816   -16.491 1.00 23.77 ? 247 HOH A O   1 
HETATM 935 O  O   . HOH C 3 .   ? -2.252  -6.710  -22.652 1.00 36.16 ? 248 HOH A O   1 
HETATM 936 O  O   . HOH C 3 .   ? -10.506 7.892   0.358   1.00 32.86 ? 249 HOH A O   1 
HETATM 937 O  O   . HOH C 3 .   ? 13.003  -2.033  10.775  1.00 37.05 ? 250 HOH A O   1 
HETATM 938 O  O   . HOH C 3 .   ? 11.629  -3.312  7.009   1.00 48.30 ? 251 HOH A O   1 
HETATM 939 O  O   . HOH C 3 .   ? -8.873  -10.331 -0.210  1.00 33.68 ? 252 HOH A O   1 
HETATM 940 O  O   . HOH C 3 .   ? -7.762  -8.094  0.809   1.00 36.67 ? 253 HOH A O   1 
HETATM 941 O  O   . HOH C 3 .   ? 5.450   -3.276  -10.421 1.00 24.08 ? 254 HOH A O   1 
HETATM 942 O  O   . HOH C 3 .   ? 5.078   -1.645  -8.913  1.00 33.04 ? 255 HOH A O   1 
HETATM 943 O  O   . HOH C 3 .   ? 5.919   -3.195  -7.286  1.00 43.06 ? 256 HOH A O   1 
HETATM 944 O  O   . HOH C 3 .   ? 6.510   -1.232  -11.119 1.00 47.68 ? 257 HOH A O   1 
HETATM 945 O  O   . HOH C 3 .   ? 6.005   2.490   -10.685 1.00 31.38 ? 258 HOH A O   1 
# 
loop_
_pdbx_poly_seq_scheme.asym_id 
_pdbx_poly_seq_scheme.entity_id 
_pdbx_poly_seq_scheme.seq_id 
_pdbx_poly_seq_scheme.mon_id 
_pdbx_poly_seq_scheme.ndb_seq_num 
_pdbx_poly_seq_scheme.pdb_seq_num 
_pdbx_poly_seq_scheme.auth_seq_num 
_pdbx_poly_seq_scheme.pdb_mon_id 
_pdbx_poly_seq_scheme.auth_mon_id 
_pdbx_poly_seq_scheme.pdb_strand_id 
_pdbx_poly_seq_scheme.pdb_ins_code 
_pdbx_poly_seq_scheme.hetero 
A 1 1   LEU 1   42  42  LEU LEU A . n 
A 1 2   ILE 2   43  43  ILE ILE A . n 
A 1 3   VAL 3   44  44  VAL VAL A . n 
A 1 4   LEU 4   45  45  LEU LEU A . n 
A 1 5   ASN 5   46  46  ASN ASN A . n 
A 1 6   VAL 6   47  47  VAL VAL A . n 
A 1 7   SER 7   48  48  SER SER A . n 
A 1 8   GLY 8   49  49  GLY GLY A . n 
A 1 9   THR 9   50  50  THR THR A . n 
A 1 10  ARG 10  51  51  ARG ARG A . n 
A 1 11  PHE 11  52  52  PHE PHE A . n 
A 1 12  GLN 12  53  53  GLN GLN A . n 
A 1 13  THR 13  54  54  THR THR A . n 
A 1 14  TRP 14  55  55  TRP TRP A . n 
A 1 15  GLN 15  56  56  GLN GLN A . n 
A 1 16  ASP 16  57  57  ASP ASP A . n 
A 1 17  THR 17  58  58  THR THR A . n 
A 1 18  LEU 18  59  59  LEU LEU A . n 
A 1 19  GLU 19  60  60  GLU GLU A . n 
A 1 20  ARG 20  61  61  ARG ARG A . n 
A 1 21  TYR 21  62  62  TYR TYR A . n 
A 1 22  PRO 22  63  63  PRO PRO A . n 
A 1 23  ASP 23  64  64  ASP ASP A . n 
A 1 24  THR 24  65  65  THR THR A . n 
A 1 25  LEU 25  66  66  LEU LEU A . n 
A 1 26  LEU 26  67  67  LEU LEU A . n 
A 1 27  GLY 27  68  68  GLY GLY A . n 
A 1 28  SER 28  69  69  SER SER A . n 
A 1 29  SER 29  70  70  SER SER A . n 
A 1 30  GLU 30  71  71  GLU GLU A . n 
A 1 31  ARG 31  72  72  ARG ARG A . n 
A 1 32  ASP 32  73  73  ASP ASP A . n 
A 1 33  PHE 33  74  74  PHE PHE A . n 
A 1 34  PHE 34  75  75  PHE PHE A . n 
A 1 35  TYR 35  76  76  TYR TYR A . n 
A 1 36  HIS 36  77  77  HIS HIS A . n 
A 1 37  PRO 37  78  78  PRO PRO A . n 
A 1 38  GLU 38  79  79  GLU GLU A . n 
A 1 39  THR 39  80  80  THR THR A . n 
A 1 40  GLN 40  81  81  GLN GLN A . n 
A 1 41  GLN 41  82  82  GLN GLN A . n 
A 1 42  TYR 42  83  83  TYR TYR A . n 
A 1 43  PHE 43  84  84  PHE PHE A . n 
A 1 44  PHE 44  85  85  PHE PHE A . n 
A 1 45  ASP 45  86  86  ASP ASP A . n 
A 1 46  ARG 46  87  87  ARG ARG A . n 
A 1 47  ASP 47  88  88  ASP ASP A . n 
A 1 48  PRO 48  89  89  PRO PRO A . n 
A 1 49  ASP 49  90  90  ASP ASP A . n 
A 1 50  ILE 50  91  91  ILE ILE A . n 
A 1 51  PHE 51  92  92  PHE PHE A . n 
A 1 52  ARG 52  93  93  ARG ARG A . n 
A 1 53  HIS 53  94  94  HIS HIS A . n 
A 1 54  ILE 54  95  95  ILE ILE A . n 
A 1 55  LEU 55  96  96  LEU LEU A . n 
A 1 56  ASN 56  97  97  ASN ASN A . n 
A 1 57  PHE 57  98  98  PHE PHE A . n 
A 1 58  TYR 58  99  99  TYR TYR A . n 
A 1 59  ARG 59  100 100 ARG ARG A . n 
A 1 60  THR 60  101 101 THR THR A . n 
A 1 61  GLY 61  102 102 GLY GLY A . n 
A 1 62  LYS 62  103 103 LYS ALA A . n 
A 1 63  LEU 63  104 104 LEU LEU A . n 
A 1 64  HIS 64  105 105 HIS HIS A . n 
A 1 65  TYR 65  106 106 TYR TYR A . n 
A 1 66  PRO 66  107 107 PRO PRO A . n 
A 1 67  ARG 67  108 108 ARG ALA A . n 
A 1 68  HIS 68  109 109 HIS HIS A . n 
A 1 69  GLU 69  110 110 GLU GLU A . n 
A 1 70  CYS 70  111 111 CYS CYS A . n 
A 1 71  ILE 71  112 112 ILE ILE A . n 
A 1 72  SER 72  113 113 SER SER A . n 
A 1 73  ALA 73  114 114 ALA ALA A . n 
A 1 74  TYR 74  115 115 TYR TYR A . n 
A 1 75  ASP 75  116 116 ASP ASP A . n 
A 1 76  GLU 76  117 117 GLU GLU A . n 
A 1 77  GLU 77  118 118 GLU GLU A . n 
A 1 78  LEU 78  119 119 LEU LEU A . n 
A 1 79  ALA 79  120 120 ALA ALA A . n 
A 1 80  PHE 80  121 121 PHE PHE A . n 
A 1 81  PHE 81  122 122 PHE PHE A . n 
A 1 82  GLY 82  123 123 GLY GLY A . n 
A 1 83  LEU 83  124 124 LEU LEU A . n 
A 1 84  ILE 84  125 125 ILE ILE A . n 
A 1 85  PRO 85  126 126 PRO PRO A . n 
A 1 86  GLU 86  127 127 GLU GLU A . n 
A 1 87  ILE 87  128 128 ILE ILE A . n 
A 1 88  ILE 88  129 129 ILE ILE A . n 
A 1 89  GLY 89  130 130 GLY GLY A . n 
A 1 90  ASP 90  131 131 ASP ASP A . n 
A 1 91  CYS 91  132 132 CYS CYS A . n 
A 1 92  CYS 92  133 133 CYS CYS A . n 
A 1 93  TYR 93  134 134 TYR TYR A . n 
A 1 94  GLU 94  135 135 GLU GLU A . n 
A 1 95  GLU 95  136 136 GLU ALA A . n 
A 1 96  TYR 96  137 137 TYR TYR A . n 
A 1 97  LYS 97  138 138 LYS LYS A . n 
A 1 98  ASP 98  139 139 ASP ASP A . n 
A 1 99  ARG 99  140 140 ARG ARG A . n 
A 1 100 ARG 100 141 141 ARG ARG A . n 
A 1 101 ARG 101 142 142 ARG ARG A . n 
A 1 102 GLU 102 143 143 GLU GLU A . n 
A 1 103 ASN 103 144 144 ASN ASN A . n 
A 1 104 ALA 104 145 145 ALA ALA A . n 
A 1 105 GLU 105 146 146 GLU GLU A . n 
# 
loop_
_pdbx_nonpoly_scheme.asym_id 
_pdbx_nonpoly_scheme.entity_id 
_pdbx_nonpoly_scheme.mon_id 
_pdbx_nonpoly_scheme.ndb_seq_num 
_pdbx_nonpoly_scheme.pdb_seq_num 
_pdbx_nonpoly_scheme.auth_seq_num 
_pdbx_nonpoly_scheme.pdb_mon_id 
_pdbx_nonpoly_scheme.auth_mon_id 
_pdbx_nonpoly_scheme.pdb_strand_id 
_pdbx_nonpoly_scheme.pdb_ins_code 
B 2 ZN  1  201 201 ZN  ZN  A . 
C 3 HOH 1  202 4   HOH HOH A . 
C 3 HOH 2  203 5   HOH HOH A . 
C 3 HOH 3  204 7   HOH HOH A . 
C 3 HOH 4  205 8   HOH HOH A . 
C 3 HOH 5  206 10  HOH HOH A . 
C 3 HOH 6  207 12  HOH HOH A . 
C 3 HOH 7  208 17  HOH HOH A . 
C 3 HOH 8  209 18  HOH HOH A . 
C 3 HOH 9  210 19  HOH HOH A . 
C 3 HOH 10 211 20  HOH HOH A . 
C 3 HOH 11 212 21  HOH HOH A . 
C 3 HOH 12 213 22  HOH HOH A . 
C 3 HOH 13 214 23  HOH HOH A . 
C 3 HOH 14 215 24  HOH HOH A . 
C 3 HOH 15 216 25  HOH HOH A . 
C 3 HOH 16 217 26  HOH HOH A . 
C 3 HOH 17 218 27  HOH HOH A . 
C 3 HOH 18 219 28  HOH HOH A . 
C 3 HOH 19 220 29  HOH HOH A . 
C 3 HOH 20 221 30  HOH HOH A . 
C 3 HOH 21 222 31  HOH HOH A . 
C 3 HOH 22 223 34  HOH HOH A . 
C 3 HOH 23 224 35  HOH HOH A . 
C 3 HOH 24 225 37  HOH HOH A . 
C 3 HOH 25 226 40  HOH HOH A . 
C 3 HOH 26 227 42  HOH HOH A . 
C 3 HOH 27 228 43  HOH HOH A . 
C 3 HOH 28 229 44  HOH HOH A . 
C 3 HOH 29 230 46  HOH HOH A . 
C 3 HOH 30 231 49  HOH HOH A . 
C 3 HOH 31 232 50  HOH HOH A . 
C 3 HOH 32 233 52  HOH HOH A . 
C 3 HOH 33 234 55  HOH HOH A . 
C 3 HOH 34 235 57  HOH HOH A . 
C 3 HOH 35 236 59  HOH HOH A . 
C 3 HOH 36 237 60  HOH HOH A . 
C 3 HOH 37 238 64  HOH HOH A . 
C 3 HOH 38 239 65  HOH HOH A . 
C 3 HOH 39 240 66  HOH HOH A . 
C 3 HOH 40 241 68  HOH HOH A . 
C 3 HOH 41 242 69  HOH HOH A . 
C 3 HOH 42 243 70  HOH HOH A . 
C 3 HOH 43 244 71  HOH HOH A . 
C 3 HOH 44 245 72  HOH HOH A . 
C 3 HOH 45 246 73  HOH HOH A . 
C 3 HOH 46 247 74  HOH HOH A . 
C 3 HOH 47 248 75  HOH HOH A . 
C 3 HOH 48 249 76  HOH HOH A . 
C 3 HOH 49 250 77  HOH HOH A . 
C 3 HOH 50 251 78  HOH HOH A . 
C 3 HOH 51 252 79  HOH HOH A . 
C 3 HOH 52 253 80  HOH HOH A . 
C 3 HOH 53 254 81  HOH HOH A . 
C 3 HOH 54 255 82  HOH HOH A . 
C 3 HOH 55 256 83  HOH HOH A . 
C 3 HOH 56 257 84  HOH HOH A . 
C 3 HOH 57 258 85  HOH HOH A . 
# 
loop_
_pdbx_struct_assembly.id 
_pdbx_struct_assembly.details 
_pdbx_struct_assembly.method_details 
_pdbx_struct_assembly.oligomeric_details 
_pdbx_struct_assembly.oligomeric_count 
1 author_and_software_defined_assembly PISA tetrameric 4 
2 software_defined_assembly            PQS  dimeric    2 
# 
loop_
_pdbx_struct_assembly_gen.assembly_id 
_pdbx_struct_assembly_gen.oper_expression 
_pdbx_struct_assembly_gen.asym_id_list 
1 1,2,3,4 A,B,C 
2 1,5     A,B,C 
# 
loop_
_pdbx_struct_assembly_prop.biol_id 
_pdbx_struct_assembly_prop.type 
_pdbx_struct_assembly_prop.value 
_pdbx_struct_assembly_prop.details 
1 'ABSA (A^2)' 6450  ? 
1 MORE         -170  ? 
1 'SSA (A^2)'  19870 ? 
# 
loop_
_pdbx_struct_oper_list.id 
_pdbx_struct_oper_list.type 
_pdbx_struct_oper_list.name 
_pdbx_struct_oper_list.symmetry_operation 
_pdbx_struct_oper_list.matrix[1][1] 
_pdbx_struct_oper_list.matrix[1][2] 
_pdbx_struct_oper_list.matrix[1][3] 
_pdbx_struct_oper_list.vector[1] 
_pdbx_struct_oper_list.matrix[2][1] 
_pdbx_struct_oper_list.matrix[2][2] 
_pdbx_struct_oper_list.matrix[2][3] 
_pdbx_struct_oper_list.vector[2] 
_pdbx_struct_oper_list.matrix[3][1] 
_pdbx_struct_oper_list.matrix[3][2] 
_pdbx_struct_oper_list.matrix[3][3] 
_pdbx_struct_oper_list.vector[3] 
1 'identity operation'         1_555 x,y,z          1.0000000000  0.0000000000  0.0000000000  0.0000000000   0.0000000000  1.0000000000  0.0000000000  0.0000000000  0.0000000000  0.0000000000  1.0000000000  0.0000000000   
2 'crystal symmetry operation' 2_675 -x+1,-y+2,z    -0.9956786499 0.0381948703  0.0846473741  -29.0521611963 0.0381948703  -0.6624091787 0.7481679169  11.7215174861 0.0846473741  0.7481679169  0.6580878286  -3.8058744860  
3 'crystal symmetry operation' 3_655 -y+3/2,x+1/2,z 0.0021606750  -0.8914210514 0.4531708736  -8.4079350051  0.9296159217  0.1687954107  0.3276008967  18.9985693150 -0.3685234994 0.4205670202  0.8290439143  -8.1433625985  
4 'crystal symmetry operation' 4_465 y-1/2,-x+3/2,z 0.0021606750  0.9296159217  -0.3685234994 -20.6442261911 -0.8914210514 0.1687954107  0.4205670202  -7.2770518289 0.4531708736  0.3276008967  0.8290439143  4.3374881125   
5 'crystal symmetry operation' 8_665 -y+1,-x+1,-z   -0.9813765315 -0.1754490468 0.0782159533  13.5342115519  -0.1754490468 0.6528805074  -0.7368613676 -8.2057653921 0.0782159533  -0.7368613676 -0.6715039759 -21.6291895344 
# 
loop_
_pdbx_struct_conn_angle.id 
_pdbx_struct_conn_angle.ptnr1_label_atom_id 
_pdbx_struct_conn_angle.ptnr1_label_alt_id 
_pdbx_struct_conn_angle.ptnr1_label_asym_id 
_pdbx_struct_conn_angle.ptnr1_label_comp_id 
_pdbx_struct_conn_angle.ptnr1_label_seq_id 
_pdbx_struct_conn_angle.ptnr1_auth_atom_id 
_pdbx_struct_conn_angle.ptnr1_auth_asym_id 
_pdbx_struct_conn_angle.ptnr1_auth_comp_id 
_pdbx_struct_conn_angle.ptnr1_auth_seq_id 
_pdbx_struct_conn_angle.ptnr1_PDB_ins_code 
_pdbx_struct_conn_angle.ptnr1_symmetry 
_pdbx_struct_conn_angle.ptnr2_label_atom_id 
_pdbx_struct_conn_angle.ptnr2_label_alt_id 
_pdbx_struct_conn_angle.ptnr2_label_asym_id 
_pdbx_struct_conn_angle.ptnr2_label_comp_id 
_pdbx_struct_conn_angle.ptnr2_label_seq_id 
_pdbx_struct_conn_angle.ptnr2_auth_atom_id 
_pdbx_struct_conn_angle.ptnr2_auth_asym_id 
_pdbx_struct_conn_angle.ptnr2_auth_comp_id 
_pdbx_struct_conn_angle.ptnr2_auth_seq_id 
_pdbx_struct_conn_angle.ptnr2_PDB_ins_code 
_pdbx_struct_conn_angle.ptnr2_symmetry 
_pdbx_struct_conn_angle.ptnr3_label_atom_id 
_pdbx_struct_conn_angle.ptnr3_label_alt_id 
_pdbx_struct_conn_angle.ptnr3_label_asym_id 
_pdbx_struct_conn_angle.ptnr3_label_comp_id 
_pdbx_struct_conn_angle.ptnr3_label_seq_id 
_pdbx_struct_conn_angle.ptnr3_auth_atom_id 
_pdbx_struct_conn_angle.ptnr3_auth_asym_id 
_pdbx_struct_conn_angle.ptnr3_auth_comp_id 
_pdbx_struct_conn_angle.ptnr3_auth_seq_id 
_pdbx_struct_conn_angle.ptnr3_PDB_ins_code 
_pdbx_struct_conn_angle.ptnr3_symmetry 
_pdbx_struct_conn_angle.value 
_pdbx_struct_conn_angle.value_esd 
1 ND1 ? A HIS 64 ? A HIS 105 ? 1_555 ZN ? B ZN . ? A ZN 201 ? 1_555 SG ? A CYS 70 ? A CYS 111 ? 4_465 109.1 ? 
2 ND1 ? A HIS 64 ? A HIS 105 ? 1_555 ZN ? B ZN . ? A ZN 201 ? 1_555 SG ? A CYS 91 ? A CYS 132 ? 1_555 97.2  ? 
3 SG  ? A CYS 70 ? A CYS 111 ? 4_465 ZN ? B ZN . ? A ZN 201 ? 1_555 SG ? A CYS 91 ? A CYS 132 ? 1_555 105.8 ? 
4 ND1 ? A HIS 64 ? A HIS 105 ? 1_555 ZN ? B ZN . ? A ZN 201 ? 1_555 SG ? A CYS 92 ? A CYS 133 ? 1_555 115.9 ? 
5 SG  ? A CYS 70 ? A CYS 111 ? 4_465 ZN ? B ZN . ? A ZN 201 ? 1_555 SG ? A CYS 92 ? A CYS 133 ? 1_555 100.3 ? 
6 SG  ? A CYS 91 ? A CYS 132 ? 1_555 ZN ? B ZN . ? A ZN 201 ? 1_555 SG ? A CYS 92 ? A CYS 133 ? 1_555 127.7 ? 
# 
loop_
_pdbx_audit_revision_history.ordinal 
_pdbx_audit_revision_history.data_content_type 
_pdbx_audit_revision_history.major_revision 
_pdbx_audit_revision_history.minor_revision 
_pdbx_audit_revision_history.revision_date 
1 'Structure model' 1 0 2003-07-15 
2 'Structure model' 1 1 2008-04-29 
3 'Structure model' 1 2 2011-07-13 
4 'Structure model' 1 3 2018-04-04 
5 'Structure model' 1 4 2023-08-16 
# 
_pdbx_audit_revision_details.ordinal             1 
_pdbx_audit_revision_details.revision_ordinal    1 
_pdbx_audit_revision_details.data_content_type   'Structure model' 
_pdbx_audit_revision_details.provider            repository 
_pdbx_audit_revision_details.type                'Initial release' 
_pdbx_audit_revision_details.description         ? 
_pdbx_audit_revision_details.details             ? 
# 
loop_
_pdbx_audit_revision_group.ordinal 
_pdbx_audit_revision_group.revision_ordinal 
_pdbx_audit_revision_group.data_content_type 
_pdbx_audit_revision_group.group 
1  2 'Structure model' 'Version format compliance' 
2  3 'Structure model' 'Derived calculations'      
3  3 'Structure model' 'Version format compliance' 
4  4 'Structure model' Advisory                    
5  4 'Structure model' 'Data collection'           
6  5 'Structure model' Advisory                    
7  5 'Structure model' 'Data collection'           
8  5 'Structure model' 'Database references'       
9  5 'Structure model' 'Derived calculations'      
10 5 'Structure model' 'Refinement description'    
# 
loop_
_pdbx_audit_revision_category.ordinal 
_pdbx_audit_revision_category.revision_ordinal 
_pdbx_audit_revision_category.data_content_type 
_pdbx_audit_revision_category.category 
1  4 'Structure model' diffrn_source                 
2  4 'Structure model' pdbx_unobs_or_zero_occ_atoms  
3  5 'Structure model' chem_comp_atom                
4  5 'Structure model' chem_comp_bond                
5  5 'Structure model' database_2                    
6  5 'Structure model' pdbx_initial_refinement_model 
7  5 'Structure model' pdbx_struct_conn_angle        
8  5 'Structure model' pdbx_unobs_or_zero_occ_atoms  
9  5 'Structure model' struct_conn                   
10 5 'Structure model' struct_site                   
# 
loop_
_pdbx_audit_revision_item.ordinal 
_pdbx_audit_revision_item.revision_ordinal 
_pdbx_audit_revision_item.data_content_type 
_pdbx_audit_revision_item.item 
1  4 'Structure model' '_diffrn_source.type'                        
2  5 'Structure model' '_database_2.pdbx_DOI'                       
3  5 'Structure model' '_database_2.pdbx_database_accession'        
4  5 'Structure model' '_pdbx_struct_conn_angle.ptnr1_auth_seq_id'  
5  5 'Structure model' '_pdbx_struct_conn_angle.ptnr1_label_seq_id' 
6  5 'Structure model' '_pdbx_struct_conn_angle.ptnr1_symmetry'     
7  5 'Structure model' '_pdbx_struct_conn_angle.ptnr3_auth_seq_id'  
8  5 'Structure model' '_pdbx_struct_conn_angle.ptnr3_label_seq_id' 
9  5 'Structure model' '_pdbx_struct_conn_angle.ptnr3_symmetry'     
10 5 'Structure model' '_pdbx_struct_conn_angle.value'              
11 5 'Structure model' '_struct_conn.pdbx_dist_value'               
12 5 'Structure model' '_struct_conn.ptnr1_auth_comp_id'            
13 5 'Structure model' '_struct_conn.ptnr1_auth_seq_id'             
14 5 'Structure model' '_struct_conn.ptnr1_label_asym_id'           
15 5 'Structure model' '_struct_conn.ptnr1_label_atom_id'           
16 5 'Structure model' '_struct_conn.ptnr1_label_comp_id'           
17 5 'Structure model' '_struct_conn.ptnr1_label_seq_id'            
18 5 'Structure model' '_struct_conn.ptnr1_symmetry'                
19 5 'Structure model' '_struct_conn.ptnr2_auth_comp_id'            
20 5 'Structure model' '_struct_conn.ptnr2_auth_seq_id'             
21 5 'Structure model' '_struct_conn.ptnr2_label_asym_id'           
22 5 'Structure model' '_struct_conn.ptnr2_label_atom_id'           
23 5 'Structure model' '_struct_conn.ptnr2_label_comp_id'           
24 5 'Structure model' '_struct_conn.ptnr2_label_seq_id'            
25 5 'Structure model' '_struct_conn.ptnr2_symmetry'                
26 5 'Structure model' '_struct_site.pdbx_auth_asym_id'             
27 5 'Structure model' '_struct_site.pdbx_auth_comp_id'             
28 5 'Structure model' '_struct_site.pdbx_auth_seq_id'              
# 
loop_
_software.name 
_software.classification 
_software.version 
_software.citation_id 
_software.pdbx_ordinal 
DENZO     'data reduction' .   ? 1 
SCALEPACK 'data scaling'   .   ? 2 
EPMR      phasing          .   ? 3 
CNS       refinement       1.0 ? 4 
# 
_pdbx_validate_symm_contact.id                1 
_pdbx_validate_symm_contact.PDB_model_num     1 
_pdbx_validate_symm_contact.auth_atom_id_1    O 
_pdbx_validate_symm_contact.auth_asym_id_1    A 
_pdbx_validate_symm_contact.auth_comp_id_1    HOH 
_pdbx_validate_symm_contact.auth_seq_id_1     257 
_pdbx_validate_symm_contact.PDB_ins_code_1    ? 
_pdbx_validate_symm_contact.label_alt_id_1    ? 
_pdbx_validate_symm_contact.site_symmetry_1   1_555 
_pdbx_validate_symm_contact.auth_atom_id_2    O 
_pdbx_validate_symm_contact.auth_asym_id_2    A 
_pdbx_validate_symm_contact.auth_comp_id_2    HOH 
_pdbx_validate_symm_contact.auth_seq_id_2     257 
_pdbx_validate_symm_contact.PDB_ins_code_2    ? 
_pdbx_validate_symm_contact.label_alt_id_2    ? 
_pdbx_validate_symm_contact.site_symmetry_2   8_665 
_pdbx_validate_symm_contact.dist              1.78 
# 
_pdbx_validate_rmsd_bond.id                        1 
_pdbx_validate_rmsd_bond.PDB_model_num             1 
_pdbx_validate_rmsd_bond.auth_atom_id_1            CA 
_pdbx_validate_rmsd_bond.auth_asym_id_1            A 
_pdbx_validate_rmsd_bond.auth_comp_id_1            PRO 
_pdbx_validate_rmsd_bond.auth_seq_id_1             63 
_pdbx_validate_rmsd_bond.PDB_ins_code_1            ? 
_pdbx_validate_rmsd_bond.label_alt_id_1            ? 
_pdbx_validate_rmsd_bond.auth_atom_id_2            C 
_pdbx_validate_rmsd_bond.auth_asym_id_2            A 
_pdbx_validate_rmsd_bond.auth_comp_id_2            PRO 
_pdbx_validate_rmsd_bond.auth_seq_id_2             63 
_pdbx_validate_rmsd_bond.PDB_ins_code_2            ? 
_pdbx_validate_rmsd_bond.label_alt_id_2            ? 
_pdbx_validate_rmsd_bond.bond_value                1.388 
_pdbx_validate_rmsd_bond.bond_target_value         1.524 
_pdbx_validate_rmsd_bond.bond_deviation            -0.136 
_pdbx_validate_rmsd_bond.bond_standard_deviation   0.020 
_pdbx_validate_rmsd_bond.linker_flag               N 
# 
loop_
_pdbx_validate_torsion.id 
_pdbx_validate_torsion.PDB_model_num 
_pdbx_validate_torsion.auth_comp_id 
_pdbx_validate_torsion.auth_asym_id 
_pdbx_validate_torsion.auth_seq_id 
_pdbx_validate_torsion.PDB_ins_code 
_pdbx_validate_torsion.label_alt_id 
_pdbx_validate_torsion.phi 
_pdbx_validate_torsion.psi 
1 1 ASP A 64 ? ? 83.55  42.71 
2 1 ASP A 86 ? ? -89.25 40.35 
# 
loop_
_pdbx_unobs_or_zero_occ_atoms.id 
_pdbx_unobs_or_zero_occ_atoms.PDB_model_num 
_pdbx_unobs_or_zero_occ_atoms.polymer_flag 
_pdbx_unobs_or_zero_occ_atoms.occupancy_flag 
_pdbx_unobs_or_zero_occ_atoms.auth_asym_id 
_pdbx_unobs_or_zero_occ_atoms.auth_comp_id 
_pdbx_unobs_or_zero_occ_atoms.auth_seq_id 
_pdbx_unobs_or_zero_occ_atoms.PDB_ins_code 
_pdbx_unobs_or_zero_occ_atoms.auth_atom_id 
_pdbx_unobs_or_zero_occ_atoms.label_alt_id 
_pdbx_unobs_or_zero_occ_atoms.label_asym_id 
_pdbx_unobs_or_zero_occ_atoms.label_comp_id 
_pdbx_unobs_or_zero_occ_atoms.label_seq_id 
_pdbx_unobs_or_zero_occ_atoms.label_atom_id 
1  1 Y 1 A LYS 103 ? CG  ? A LYS 62  CG  
2  1 Y 1 A LYS 103 ? CD  ? A LYS 62  CD  
3  1 Y 1 A LYS 103 ? CE  ? A LYS 62  CE  
4  1 Y 1 A LYS 103 ? NZ  ? A LYS 62  NZ  
5  1 Y 1 A ARG 108 ? CG  ? A ARG 67  CG  
6  1 Y 1 A ARG 108 ? CD  ? A ARG 67  CD  
7  1 Y 1 A ARG 108 ? NE  ? A ARG 67  NE  
8  1 Y 1 A ARG 108 ? CZ  ? A ARG 67  CZ  
9  1 Y 1 A ARG 108 ? NH1 ? A ARG 67  NH1 
10 1 Y 1 A ARG 108 ? NH2 ? A ARG 67  NH2 
11 1 Y 0 A TYR 134 ? CD1 ? A TYR 93  CD1 
12 1 Y 0 A TYR 134 ? CD2 ? A TYR 93  CD2 
13 1 Y 0 A TYR 134 ? CE1 ? A TYR 93  CE1 
14 1 Y 0 A TYR 134 ? CE2 ? A TYR 93  CE2 
15 1 Y 0 A TYR 134 ? CZ  ? A TYR 93  CZ  
16 1 Y 0 A TYR 134 ? OH  ? A TYR 93  OH  
17 1 Y 1 A GLU 136 ? CG  ? A GLU 95  CG  
18 1 Y 1 A GLU 136 ? CD  ? A GLU 95  CD  
19 1 Y 1 A GLU 136 ? OE1 ? A GLU 95  OE1 
20 1 Y 1 A GLU 136 ? OE2 ? A GLU 95  OE2 
21 1 Y 0 A LYS 138 ? CG  ? A LYS 97  CG  
22 1 Y 0 A LYS 138 ? CD  ? A LYS 97  CD  
23 1 Y 0 A LYS 138 ? CE  ? A LYS 97  CE  
24 1 Y 0 A LYS 138 ? NZ  ? A LYS 97  NZ  
25 1 Y 1 A GLU 146 ? CG  ? A GLU 105 CG  
26 1 Y 1 A GLU 146 ? CD  ? A GLU 105 CD  
27 1 Y 1 A GLU 146 ? OE1 ? A GLU 105 OE1 
28 1 Y 1 A GLU 146 ? OE2 ? A GLU 105 OE2 
# 
loop_
_chem_comp_atom.comp_id 
_chem_comp_atom.atom_id 
_chem_comp_atom.type_symbol 
_chem_comp_atom.pdbx_aromatic_flag 
_chem_comp_atom.pdbx_stereo_config 
_chem_comp_atom.pdbx_ordinal 
ALA N    N  N N 1   
ALA CA   C  N S 2   
ALA C    C  N N 3   
ALA O    O  N N 4   
ALA CB   C  N N 5   
ALA OXT  O  N N 6   
ALA H    H  N N 7   
ALA H2   H  N N 8   
ALA HA   H  N N 9   
ALA HB1  H  N N 10  
ALA HB2  H  N N 11  
ALA HB3  H  N N 12  
ALA HXT  H  N N 13  
ARG N    N  N N 14  
ARG CA   C  N S 15  
ARG C    C  N N 16  
ARG O    O  N N 17  
ARG CB   C  N N 18  
ARG CG   C  N N 19  
ARG CD   C  N N 20  
ARG NE   N  N N 21  
ARG CZ   C  N N 22  
ARG NH1  N  N N 23  
ARG NH2  N  N N 24  
ARG OXT  O  N N 25  
ARG H    H  N N 26  
ARG H2   H  N N 27  
ARG HA   H  N N 28  
ARG HB2  H  N N 29  
ARG HB3  H  N N 30  
ARG HG2  H  N N 31  
ARG HG3  H  N N 32  
ARG HD2  H  N N 33  
ARG HD3  H  N N 34  
ARG HE   H  N N 35  
ARG HH11 H  N N 36  
ARG HH12 H  N N 37  
ARG HH21 H  N N 38  
ARG HH22 H  N N 39  
ARG HXT  H  N N 40  
ASN N    N  N N 41  
ASN CA   C  N S 42  
ASN C    C  N N 43  
ASN O    O  N N 44  
ASN CB   C  N N 45  
ASN CG   C  N N 46  
ASN OD1  O  N N 47  
ASN ND2  N  N N 48  
ASN OXT  O  N N 49  
ASN H    H  N N 50  
ASN H2   H  N N 51  
ASN HA   H  N N 52  
ASN HB2  H  N N 53  
ASN HB3  H  N N 54  
ASN HD21 H  N N 55  
ASN HD22 H  N N 56  
ASN HXT  H  N N 57  
ASP N    N  N N 58  
ASP CA   C  N S 59  
ASP C    C  N N 60  
ASP O    O  N N 61  
ASP CB   C  N N 62  
ASP CG   C  N N 63  
ASP OD1  O  N N 64  
ASP OD2  O  N N 65  
ASP OXT  O  N N 66  
ASP H    H  N N 67  
ASP H2   H  N N 68  
ASP HA   H  N N 69  
ASP HB2  H  N N 70  
ASP HB3  H  N N 71  
ASP HD2  H  N N 72  
ASP HXT  H  N N 73  
CYS N    N  N N 74  
CYS CA   C  N R 75  
CYS C    C  N N 76  
CYS O    O  N N 77  
CYS CB   C  N N 78  
CYS SG   S  N N 79  
CYS OXT  O  N N 80  
CYS H    H  N N 81  
CYS H2   H  N N 82  
CYS HA   H  N N 83  
CYS HB2  H  N N 84  
CYS HB3  H  N N 85  
CYS HG   H  N N 86  
CYS HXT  H  N N 87  
GLN N    N  N N 88  
GLN CA   C  N S 89  
GLN C    C  N N 90  
GLN O    O  N N 91  
GLN CB   C  N N 92  
GLN CG   C  N N 93  
GLN CD   C  N N 94  
GLN OE1  O  N N 95  
GLN NE2  N  N N 96  
GLN OXT  O  N N 97  
GLN H    H  N N 98  
GLN H2   H  N N 99  
GLN HA   H  N N 100 
GLN HB2  H  N N 101 
GLN HB3  H  N N 102 
GLN HG2  H  N N 103 
GLN HG3  H  N N 104 
GLN HE21 H  N N 105 
GLN HE22 H  N N 106 
GLN HXT  H  N N 107 
GLU N    N  N N 108 
GLU CA   C  N S 109 
GLU C    C  N N 110 
GLU O    O  N N 111 
GLU CB   C  N N 112 
GLU CG   C  N N 113 
GLU CD   C  N N 114 
GLU OE1  O  N N 115 
GLU OE2  O  N N 116 
GLU OXT  O  N N 117 
GLU H    H  N N 118 
GLU H2   H  N N 119 
GLU HA   H  N N 120 
GLU HB2  H  N N 121 
GLU HB3  H  N N 122 
GLU HG2  H  N N 123 
GLU HG3  H  N N 124 
GLU HE2  H  N N 125 
GLU HXT  H  N N 126 
GLY N    N  N N 127 
GLY CA   C  N N 128 
GLY C    C  N N 129 
GLY O    O  N N 130 
GLY OXT  O  N N 131 
GLY H    H  N N 132 
GLY H2   H  N N 133 
GLY HA2  H  N N 134 
GLY HA3  H  N N 135 
GLY HXT  H  N N 136 
HIS N    N  N N 137 
HIS CA   C  N S 138 
HIS C    C  N N 139 
HIS O    O  N N 140 
HIS CB   C  N N 141 
HIS CG   C  Y N 142 
HIS ND1  N  Y N 143 
HIS CD2  C  Y N 144 
HIS CE1  C  Y N 145 
HIS NE2  N  Y N 146 
HIS OXT  O  N N 147 
HIS H    H  N N 148 
HIS H2   H  N N 149 
HIS HA   H  N N 150 
HIS HB2  H  N N 151 
HIS HB3  H  N N 152 
HIS HD1  H  N N 153 
HIS HD2  H  N N 154 
HIS HE1  H  N N 155 
HIS HE2  H  N N 156 
HIS HXT  H  N N 157 
HOH O    O  N N 158 
HOH H1   H  N N 159 
HOH H2   H  N N 160 
ILE N    N  N N 161 
ILE CA   C  N S 162 
ILE C    C  N N 163 
ILE O    O  N N 164 
ILE CB   C  N S 165 
ILE CG1  C  N N 166 
ILE CG2  C  N N 167 
ILE CD1  C  N N 168 
ILE OXT  O  N N 169 
ILE H    H  N N 170 
ILE H2   H  N N 171 
ILE HA   H  N N 172 
ILE HB   H  N N 173 
ILE HG12 H  N N 174 
ILE HG13 H  N N 175 
ILE HG21 H  N N 176 
ILE HG22 H  N N 177 
ILE HG23 H  N N 178 
ILE HD11 H  N N 179 
ILE HD12 H  N N 180 
ILE HD13 H  N N 181 
ILE HXT  H  N N 182 
LEU N    N  N N 183 
LEU CA   C  N S 184 
LEU C    C  N N 185 
LEU O    O  N N 186 
LEU CB   C  N N 187 
LEU CG   C  N N 188 
LEU CD1  C  N N 189 
LEU CD2  C  N N 190 
LEU OXT  O  N N 191 
LEU H    H  N N 192 
LEU H2   H  N N 193 
LEU HA   H  N N 194 
LEU HB2  H  N N 195 
LEU HB3  H  N N 196 
LEU HG   H  N N 197 
LEU HD11 H  N N 198 
LEU HD12 H  N N 199 
LEU HD13 H  N N 200 
LEU HD21 H  N N 201 
LEU HD22 H  N N 202 
LEU HD23 H  N N 203 
LEU HXT  H  N N 204 
LYS N    N  N N 205 
LYS CA   C  N S 206 
LYS C    C  N N 207 
LYS O    O  N N 208 
LYS CB   C  N N 209 
LYS CG   C  N N 210 
LYS CD   C  N N 211 
LYS CE   C  N N 212 
LYS NZ   N  N N 213 
LYS OXT  O  N N 214 
LYS H    H  N N 215 
LYS H2   H  N N 216 
LYS HA   H  N N 217 
LYS HB2  H  N N 218 
LYS HB3  H  N N 219 
LYS HG2  H  N N 220 
LYS HG3  H  N N 221 
LYS HD2  H  N N 222 
LYS HD3  H  N N 223 
LYS HE2  H  N N 224 
LYS HE3  H  N N 225 
LYS HZ1  H  N N 226 
LYS HZ2  H  N N 227 
LYS HZ3  H  N N 228 
LYS HXT  H  N N 229 
PHE N    N  N N 230 
PHE CA   C  N S 231 
PHE C    C  N N 232 
PHE O    O  N N 233 
PHE CB   C  N N 234 
PHE CG   C  Y N 235 
PHE CD1  C  Y N 236 
PHE CD2  C  Y N 237 
PHE CE1  C  Y N 238 
PHE CE2  C  Y N 239 
PHE CZ   C  Y N 240 
PHE OXT  O  N N 241 
PHE H    H  N N 242 
PHE H2   H  N N 243 
PHE HA   H  N N 244 
PHE HB2  H  N N 245 
PHE HB3  H  N N 246 
PHE HD1  H  N N 247 
PHE HD2  H  N N 248 
PHE HE1  H  N N 249 
PHE HE2  H  N N 250 
PHE HZ   H  N N 251 
PHE HXT  H  N N 252 
PRO N    N  N N 253 
PRO CA   C  N S 254 
PRO C    C  N N 255 
PRO O    O  N N 256 
PRO CB   C  N N 257 
PRO CG   C  N N 258 
PRO CD   C  N N 259 
PRO OXT  O  N N 260 
PRO H    H  N N 261 
PRO HA   H  N N 262 
PRO HB2  H  N N 263 
PRO HB3  H  N N 264 
PRO HG2  H  N N 265 
PRO HG3  H  N N 266 
PRO HD2  H  N N 267 
PRO HD3  H  N N 268 
PRO HXT  H  N N 269 
SER N    N  N N 270 
SER CA   C  N S 271 
SER C    C  N N 272 
SER O    O  N N 273 
SER CB   C  N N 274 
SER OG   O  N N 275 
SER OXT  O  N N 276 
SER H    H  N N 277 
SER H2   H  N N 278 
SER HA   H  N N 279 
SER HB2  H  N N 280 
SER HB3  H  N N 281 
SER HG   H  N N 282 
SER HXT  H  N N 283 
THR N    N  N N 284 
THR CA   C  N S 285 
THR C    C  N N 286 
THR O    O  N N 287 
THR CB   C  N R 288 
THR OG1  O  N N 289 
THR CG2  C  N N 290 
THR OXT  O  N N 291 
THR H    H  N N 292 
THR H2   H  N N 293 
THR HA   H  N N 294 
THR HB   H  N N 295 
THR HG1  H  N N 296 
THR HG21 H  N N 297 
THR HG22 H  N N 298 
THR HG23 H  N N 299 
THR HXT  H  N N 300 
TRP N    N  N N 301 
TRP CA   C  N S 302 
TRP C    C  N N 303 
TRP O    O  N N 304 
TRP CB   C  N N 305 
TRP CG   C  Y N 306 
TRP CD1  C  Y N 307 
TRP CD2  C  Y N 308 
TRP NE1  N  Y N 309 
TRP CE2  C  Y N 310 
TRP CE3  C  Y N 311 
TRP CZ2  C  Y N 312 
TRP CZ3  C  Y N 313 
TRP CH2  C  Y N 314 
TRP OXT  O  N N 315 
TRP H    H  N N 316 
TRP H2   H  N N 317 
TRP HA   H  N N 318 
TRP HB2  H  N N 319 
TRP HB3  H  N N 320 
TRP HD1  H  N N 321 
TRP HE1  H  N N 322 
TRP HE3  H  N N 323 
TRP HZ2  H  N N 324 
TRP HZ3  H  N N 325 
TRP HH2  H  N N 326 
TRP HXT  H  N N 327 
TYR N    N  N N 328 
TYR CA   C  N S 329 
TYR C    C  N N 330 
TYR O    O  N N 331 
TYR CB   C  N N 332 
TYR CG   C  Y N 333 
TYR CD1  C  Y N 334 
TYR CD2  C  Y N 335 
TYR CE1  C  Y N 336 
TYR CE2  C  Y N 337 
TYR CZ   C  Y N 338 
TYR OH   O  N N 339 
TYR OXT  O  N N 340 
TYR H    H  N N 341 
TYR H2   H  N N 342 
TYR HA   H  N N 343 
TYR HB2  H  N N 344 
TYR HB3  H  N N 345 
TYR HD1  H  N N 346 
TYR HD2  H  N N 347 
TYR HE1  H  N N 348 
TYR HE2  H  N N 349 
TYR HH   H  N N 350 
TYR HXT  H  N N 351 
VAL N    N  N N 352 
VAL CA   C  N S 353 
VAL C    C  N N 354 
VAL O    O  N N 355 
VAL CB   C  N N 356 
VAL CG1  C  N N 357 
VAL CG2  C  N N 358 
VAL OXT  O  N N 359 
VAL H    H  N N 360 
VAL H2   H  N N 361 
VAL HA   H  N N 362 
VAL HB   H  N N 363 
VAL HG11 H  N N 364 
VAL HG12 H  N N 365 
VAL HG13 H  N N 366 
VAL HG21 H  N N 367 
VAL HG22 H  N N 368 
VAL HG23 H  N N 369 
VAL HXT  H  N N 370 
ZN  ZN   ZN N N 371 
# 
loop_
_chem_comp_bond.comp_id 
_chem_comp_bond.atom_id_1 
_chem_comp_bond.atom_id_2 
_chem_comp_bond.value_order 
_chem_comp_bond.pdbx_aromatic_flag 
_chem_comp_bond.pdbx_stereo_config 
_chem_comp_bond.pdbx_ordinal 
ALA N   CA   sing N N 1   
ALA N   H    sing N N 2   
ALA N   H2   sing N N 3   
ALA CA  C    sing N N 4   
ALA CA  CB   sing N N 5   
ALA CA  HA   sing N N 6   
ALA C   O    doub N N 7   
ALA C   OXT  sing N N 8   
ALA CB  HB1  sing N N 9   
ALA CB  HB2  sing N N 10  
ALA CB  HB3  sing N N 11  
ALA OXT HXT  sing N N 12  
ARG N   CA   sing N N 13  
ARG N   H    sing N N 14  
ARG N   H2   sing N N 15  
ARG CA  C    sing N N 16  
ARG CA  CB   sing N N 17  
ARG CA  HA   sing N N 18  
ARG C   O    doub N N 19  
ARG C   OXT  sing N N 20  
ARG CB  CG   sing N N 21  
ARG CB  HB2  sing N N 22  
ARG CB  HB3  sing N N 23  
ARG CG  CD   sing N N 24  
ARG CG  HG2  sing N N 25  
ARG CG  HG3  sing N N 26  
ARG CD  NE   sing N N 27  
ARG CD  HD2  sing N N 28  
ARG CD  HD3  sing N N 29  
ARG NE  CZ   sing N N 30  
ARG NE  HE   sing N N 31  
ARG CZ  NH1  sing N N 32  
ARG CZ  NH2  doub N N 33  
ARG NH1 HH11 sing N N 34  
ARG NH1 HH12 sing N N 35  
ARG NH2 HH21 sing N N 36  
ARG NH2 HH22 sing N N 37  
ARG OXT HXT  sing N N 38  
ASN N   CA   sing N N 39  
ASN N   H    sing N N 40  
ASN N   H2   sing N N 41  
ASN CA  C    sing N N 42  
ASN CA  CB   sing N N 43  
ASN CA  HA   sing N N 44  
ASN C   O    doub N N 45  
ASN C   OXT  sing N N 46  
ASN CB  CG   sing N N 47  
ASN CB  HB2  sing N N 48  
ASN CB  HB3  sing N N 49  
ASN CG  OD1  doub N N 50  
ASN CG  ND2  sing N N 51  
ASN ND2 HD21 sing N N 52  
ASN ND2 HD22 sing N N 53  
ASN OXT HXT  sing N N 54  
ASP N   CA   sing N N 55  
ASP N   H    sing N N 56  
ASP N   H2   sing N N 57  
ASP CA  C    sing N N 58  
ASP CA  CB   sing N N 59  
ASP CA  HA   sing N N 60  
ASP C   O    doub N N 61  
ASP C   OXT  sing N N 62  
ASP CB  CG   sing N N 63  
ASP CB  HB2  sing N N 64  
ASP CB  HB3  sing N N 65  
ASP CG  OD1  doub N N 66  
ASP CG  OD2  sing N N 67  
ASP OD2 HD2  sing N N 68  
ASP OXT HXT  sing N N 69  
CYS N   CA   sing N N 70  
CYS N   H    sing N N 71  
CYS N   H2   sing N N 72  
CYS CA  C    sing N N 73  
CYS CA  CB   sing N N 74  
CYS CA  HA   sing N N 75  
CYS C   O    doub N N 76  
CYS C   OXT  sing N N 77  
CYS CB  SG   sing N N 78  
CYS CB  HB2  sing N N 79  
CYS CB  HB3  sing N N 80  
CYS SG  HG   sing N N 81  
CYS OXT HXT  sing N N 82  
GLN N   CA   sing N N 83  
GLN N   H    sing N N 84  
GLN N   H2   sing N N 85  
GLN CA  C    sing N N 86  
GLN CA  CB   sing N N 87  
GLN CA  HA   sing N N 88  
GLN C   O    doub N N 89  
GLN C   OXT  sing N N 90  
GLN CB  CG   sing N N 91  
GLN CB  HB2  sing N N 92  
GLN CB  HB3  sing N N 93  
GLN CG  CD   sing N N 94  
GLN CG  HG2  sing N N 95  
GLN CG  HG3  sing N N 96  
GLN CD  OE1  doub N N 97  
GLN CD  NE2  sing N N 98  
GLN NE2 HE21 sing N N 99  
GLN NE2 HE22 sing N N 100 
GLN OXT HXT  sing N N 101 
GLU N   CA   sing N N 102 
GLU N   H    sing N N 103 
GLU N   H2   sing N N 104 
GLU CA  C    sing N N 105 
GLU CA  CB   sing N N 106 
GLU CA  HA   sing N N 107 
GLU C   O    doub N N 108 
GLU C   OXT  sing N N 109 
GLU CB  CG   sing N N 110 
GLU CB  HB2  sing N N 111 
GLU CB  HB3  sing N N 112 
GLU CG  CD   sing N N 113 
GLU CG  HG2  sing N N 114 
GLU CG  HG3  sing N N 115 
GLU CD  OE1  doub N N 116 
GLU CD  OE2  sing N N 117 
GLU OE2 HE2  sing N N 118 
GLU OXT HXT  sing N N 119 
GLY N   CA   sing N N 120 
GLY N   H    sing N N 121 
GLY N   H2   sing N N 122 
GLY CA  C    sing N N 123 
GLY CA  HA2  sing N N 124 
GLY CA  HA3  sing N N 125 
GLY C   O    doub N N 126 
GLY C   OXT  sing N N 127 
GLY OXT HXT  sing N N 128 
HIS N   CA   sing N N 129 
HIS N   H    sing N N 130 
HIS N   H2   sing N N 131 
HIS CA  C    sing N N 132 
HIS CA  CB   sing N N 133 
HIS CA  HA   sing N N 134 
HIS C   O    doub N N 135 
HIS C   OXT  sing N N 136 
HIS CB  CG   sing N N 137 
HIS CB  HB2  sing N N 138 
HIS CB  HB3  sing N N 139 
HIS CG  ND1  sing Y N 140 
HIS CG  CD2  doub Y N 141 
HIS ND1 CE1  doub Y N 142 
HIS ND1 HD1  sing N N 143 
HIS CD2 NE2  sing Y N 144 
HIS CD2 HD2  sing N N 145 
HIS CE1 NE2  sing Y N 146 
HIS CE1 HE1  sing N N 147 
HIS NE2 HE2  sing N N 148 
HIS OXT HXT  sing N N 149 
HOH O   H1   sing N N 150 
HOH O   H2   sing N N 151 
ILE N   CA   sing N N 152 
ILE N   H    sing N N 153 
ILE N   H2   sing N N 154 
ILE CA  C    sing N N 155 
ILE CA  CB   sing N N 156 
ILE CA  HA   sing N N 157 
ILE C   O    doub N N 158 
ILE C   OXT  sing N N 159 
ILE CB  CG1  sing N N 160 
ILE CB  CG2  sing N N 161 
ILE CB  HB   sing N N 162 
ILE CG1 CD1  sing N N 163 
ILE CG1 HG12 sing N N 164 
ILE CG1 HG13 sing N N 165 
ILE CG2 HG21 sing N N 166 
ILE CG2 HG22 sing N N 167 
ILE CG2 HG23 sing N N 168 
ILE CD1 HD11 sing N N 169 
ILE CD1 HD12 sing N N 170 
ILE CD1 HD13 sing N N 171 
ILE OXT HXT  sing N N 172 
LEU N   CA   sing N N 173 
LEU N   H    sing N N 174 
LEU N   H2   sing N N 175 
LEU CA  C    sing N N 176 
LEU CA  CB   sing N N 177 
LEU CA  HA   sing N N 178 
LEU C   O    doub N N 179 
LEU C   OXT  sing N N 180 
LEU CB  CG   sing N N 181 
LEU CB  HB2  sing N N 182 
LEU CB  HB3  sing N N 183 
LEU CG  CD1  sing N N 184 
LEU CG  CD2  sing N N 185 
LEU CG  HG   sing N N 186 
LEU CD1 HD11 sing N N 187 
LEU CD1 HD12 sing N N 188 
LEU CD1 HD13 sing N N 189 
LEU CD2 HD21 sing N N 190 
LEU CD2 HD22 sing N N 191 
LEU CD2 HD23 sing N N 192 
LEU OXT HXT  sing N N 193 
LYS N   CA   sing N N 194 
LYS N   H    sing N N 195 
LYS N   H2   sing N N 196 
LYS CA  C    sing N N 197 
LYS CA  CB   sing N N 198 
LYS CA  HA   sing N N 199 
LYS C   O    doub N N 200 
LYS C   OXT  sing N N 201 
LYS CB  CG   sing N N 202 
LYS CB  HB2  sing N N 203 
LYS CB  HB3  sing N N 204 
LYS CG  CD   sing N N 205 
LYS CG  HG2  sing N N 206 
LYS CG  HG3  sing N N 207 
LYS CD  CE   sing N N 208 
LYS CD  HD2  sing N N 209 
LYS CD  HD3  sing N N 210 
LYS CE  NZ   sing N N 211 
LYS CE  HE2  sing N N 212 
LYS CE  HE3  sing N N 213 
LYS NZ  HZ1  sing N N 214 
LYS NZ  HZ2  sing N N 215 
LYS NZ  HZ3  sing N N 216 
LYS OXT HXT  sing N N 217 
PHE N   CA   sing N N 218 
PHE N   H    sing N N 219 
PHE N   H2   sing N N 220 
PHE CA  C    sing N N 221 
PHE CA  CB   sing N N 222 
PHE CA  HA   sing N N 223 
PHE C   O    doub N N 224 
PHE C   OXT  sing N N 225 
PHE CB  CG   sing N N 226 
PHE CB  HB2  sing N N 227 
PHE CB  HB3  sing N N 228 
PHE CG  CD1  doub Y N 229 
PHE CG  CD2  sing Y N 230 
PHE CD1 CE1  sing Y N 231 
PHE CD1 HD1  sing N N 232 
PHE CD2 CE2  doub Y N 233 
PHE CD2 HD2  sing N N 234 
PHE CE1 CZ   doub Y N 235 
PHE CE1 HE1  sing N N 236 
PHE CE2 CZ   sing Y N 237 
PHE CE2 HE2  sing N N 238 
PHE CZ  HZ   sing N N 239 
PHE OXT HXT  sing N N 240 
PRO N   CA   sing N N 241 
PRO N   CD   sing N N 242 
PRO N   H    sing N N 243 
PRO CA  C    sing N N 244 
PRO CA  CB   sing N N 245 
PRO CA  HA   sing N N 246 
PRO C   O    doub N N 247 
PRO C   OXT  sing N N 248 
PRO CB  CG   sing N N 249 
PRO CB  HB2  sing N N 250 
PRO CB  HB3  sing N N 251 
PRO CG  CD   sing N N 252 
PRO CG  HG2  sing N N 253 
PRO CG  HG3  sing N N 254 
PRO CD  HD2  sing N N 255 
PRO CD  HD3  sing N N 256 
PRO OXT HXT  sing N N 257 
SER N   CA   sing N N 258 
SER N   H    sing N N 259 
SER N   H2   sing N N 260 
SER CA  C    sing N N 261 
SER CA  CB   sing N N 262 
SER CA  HA   sing N N 263 
SER C   O    doub N N 264 
SER C   OXT  sing N N 265 
SER CB  OG   sing N N 266 
SER CB  HB2  sing N N 267 
SER CB  HB3  sing N N 268 
SER OG  HG   sing N N 269 
SER OXT HXT  sing N N 270 
THR N   CA   sing N N 271 
THR N   H    sing N N 272 
THR N   H2   sing N N 273 
THR CA  C    sing N N 274 
THR CA  CB   sing N N 275 
THR CA  HA   sing N N 276 
THR C   O    doub N N 277 
THR C   OXT  sing N N 278 
THR CB  OG1  sing N N 279 
THR CB  CG2  sing N N 280 
THR CB  HB   sing N N 281 
THR OG1 HG1  sing N N 282 
THR CG2 HG21 sing N N 283 
THR CG2 HG22 sing N N 284 
THR CG2 HG23 sing N N 285 
THR OXT HXT  sing N N 286 
TRP N   CA   sing N N 287 
TRP N   H    sing N N 288 
TRP N   H2   sing N N 289 
TRP CA  C    sing N N 290 
TRP CA  CB   sing N N 291 
TRP CA  HA   sing N N 292 
TRP C   O    doub N N 293 
TRP C   OXT  sing N N 294 
TRP CB  CG   sing N N 295 
TRP CB  HB2  sing N N 296 
TRP CB  HB3  sing N N 297 
TRP CG  CD1  doub Y N 298 
TRP CG  CD2  sing Y N 299 
TRP CD1 NE1  sing Y N 300 
TRP CD1 HD1  sing N N 301 
TRP CD2 CE2  doub Y N 302 
TRP CD2 CE3  sing Y N 303 
TRP NE1 CE2  sing Y N 304 
TRP NE1 HE1  sing N N 305 
TRP CE2 CZ2  sing Y N 306 
TRP CE3 CZ3  doub Y N 307 
TRP CE3 HE3  sing N N 308 
TRP CZ2 CH2  doub Y N 309 
TRP CZ2 HZ2  sing N N 310 
TRP CZ3 CH2  sing Y N 311 
TRP CZ3 HZ3  sing N N 312 
TRP CH2 HH2  sing N N 313 
TRP OXT HXT  sing N N 314 
TYR N   CA   sing N N 315 
TYR N   H    sing N N 316 
TYR N   H2   sing N N 317 
TYR CA  C    sing N N 318 
TYR CA  CB   sing N N 319 
TYR CA  HA   sing N N 320 
TYR C   O    doub N N 321 
TYR C   OXT  sing N N 322 
TYR CB  CG   sing N N 323 
TYR CB  HB2  sing N N 324 
TYR CB  HB3  sing N N 325 
TYR CG  CD1  doub Y N 326 
TYR CG  CD2  sing Y N 327 
TYR CD1 CE1  sing Y N 328 
TYR CD1 HD1  sing N N 329 
TYR CD2 CE2  doub Y N 330 
TYR CD2 HD2  sing N N 331 
TYR CE1 CZ   doub Y N 332 
TYR CE1 HE1  sing N N 333 
TYR CE2 CZ   sing Y N 334 
TYR CE2 HE2  sing N N 335 
TYR CZ  OH   sing N N 336 
TYR OH  HH   sing N N 337 
TYR OXT HXT  sing N N 338 
VAL N   CA   sing N N 339 
VAL N   H    sing N N 340 
VAL N   H2   sing N N 341 
VAL CA  C    sing N N 342 
VAL CA  CB   sing N N 343 
VAL CA  HA   sing N N 344 
VAL C   O    doub N N 345 
VAL C   OXT  sing N N 346 
VAL CB  CG1  sing N N 347 
VAL CB  CG2  sing N N 348 
VAL CB  HB   sing N N 349 
VAL CG1 HG11 sing N N 350 
VAL CG1 HG12 sing N N 351 
VAL CG1 HG13 sing N N 352 
VAL CG2 HG21 sing N N 353 
VAL CG2 HG22 sing N N 354 
VAL CG2 HG23 sing N N 355 
VAL OXT HXT  sing N N 356 
# 
loop_
_pdbx_entity_nonpoly.entity_id 
_pdbx_entity_nonpoly.name 
_pdbx_entity_nonpoly.comp_id 
2 'ZINC ION' ZN  
3 water      HOH 
# 
_pdbx_initial_refinement_model.id               1 
_pdbx_initial_refinement_model.entity_id_list   ? 
_pdbx_initial_refinement_model.type             'experimental model' 
_pdbx_initial_refinement_model.source_name      PDB 
_pdbx_initial_refinement_model.accession_code   3KVT 
_pdbx_initial_refinement_model.details          'poly-serine model of PDB entry 3KVT' 
# 
